data_5Y36
#
_entry.id   5Y36
#
loop_
_entity.id
_entity.type
_entity.pdbx_description
1 polymer 'CRISPR-associated endonuclease Cas9/Csn1'
2 polymer 'single-guide RNA'
3 polymer 'complementary DNA strand'
4 polymer 'non-complementary DNA strand'
5 non-polymer 'MAGNESIUM ION'
#
loop_
_entity_poly.entity_id
_entity_poly.type
_entity_poly.pdbx_seq_one_letter_code
_entity_poly.pdbx_strand_id
1 'polypeptide(L)'
;MDKKYSIGLAIGTNSVGWAVITDEYKVPSKKFKVLGNTDRHSIKKNLIGALLFDSGETAEATRLKRTARRRYTRRKNRIC
YLQEIFSNEMAKVDDSFFHRLEESFLVEEDKKHERHPIFGNIVDEVAYHEKYPTIYHLRKKLVDSTDKADLRLIYLALAH
MIKFRGHFLIEGDLNPDNSDVDKLFIQLVQTYNQLFEENPINASGVDAKAILSARLSKSRRLENLIAQLPGEKKNGLFGN
LIALSLGLTPNFKSNFDLAEDAKLQLSKDTYDDDLDNLLAQIGDQYADLFLAAKNLSDAILLSDILRVNTEITKAPLSAS
MIKRYDEHHQDLTLLKALVRQQLPEKYKEIFFDQSKNGYAGYIDGGASQEEFYKFIKPILEKMDGTEELLVKLNREDLLR
KQRTFDNGSIPHQIHLGELHAILRRQEDFYPFLKDNREKIEKILTFRIPYYVGPLARGNSRFAWMTRKSEETITPWNFEE
VVDKGASAQSFIERMTNFDKNLPNEKVLPKHSLLYEYFTVYNELTKVKYVTEGMRKPAFLSGEQKKAIVDLLFKTNRKVT
VKQLKEDYFKKIECFDSVEISGVEDRFNASLGTYHDLLKIIKDKDFLDNEENEDILEDIVLTLTLFEDREMIEERLKTYA
HLFDDKVMKQLKRRRYTGWGRLSRKLINGIRDKQSGKTILDFLKSDGFANRNFMQLIHDDSLTFKEDIQKAQVSGQGDSL
HEHIANLAGSPAIKKGILQTVKVVDELVKVMGRHKPENIVIEMARENQTTQKGQKNSRERMKRIEEGIKELGSQILKEHP
VENTQLQNEKLYLYYLQNGRDMYVDQELDINRLSDYDVDAIVPQSFLKDDSIDNKVLTRSDKNRGKSDNVPSEEVVKKMK
NYWRQLLNAKLITQRKFDNLTKAERGGLSELDKAGFIKRQLVETRQITKHVAQILDSRMNTKYDENDKLIREVKVITLKS
KLVSDFRKDFQFYKVREINNYHHAHDAYLNAVVGTALIKKYPKLESEFVYGDYKVYDVRKMIAKSEQEIGKATAKYFFYS
NIMNFFKTEITLANGEIRKRPLIETNGETGEIVWDKGRDFATVRKVLSMPQVNIVKKTEVQTGGFSKESILPKRNSDKLI
ARKKDWDPKKYGGFDSPTVAYSVLVVAKVEKGKSKKLKSVKELLGITIMERSSFEKNPIDFLEAKGYKEVKKDLIIKLPK
YSLFELENGRKRMLASAGELQKGNELALPSKYVNFLYLASHYEKLKGSPEDNEQKQLFVEQHKHYLDEIIEQISEFSKRV
ILADANLDKVLSAYNKHRDKPIREQAENIIHLFTLTNLGAPAAFKYFDTTIDRKRYTSTKEVLDATLIHQSITGLYETRI
DLSQLGGD
;
A
2 'polyribonucleotide'
;GGUACCGCUCCAGUCGUUCAUGGUUUUAGAGCUAGAAAUAGCAAGUUAAAAUAAGGCUAGUCCGUUAUCAACUUGAAAAA
GUGGCACCGAGUCGGUGCU
;
B
3 'polydeoxyribonucleotide'
;(DA)(DC)(DA)(DT)(DT)(DT)(DT)(DC)(DG)(DG)(DG)(DA)(DT)(DG)(DG)(DT)(DC)(DC)(DT)(DC)
(DA)(DT)(DG)(DA)(DA)(DC)(DG)(DA)(DC)(DT)(DG)(DG)(DA)(DG)(DC)(DG)(DG)(DT)(DA)(DA)
(DT)
;
C
4 'polydeoxyribonucleotide'
;(DA)(DT)(DT)(DA)(DC)(DC)(DG)(DC)(DT)(DC)(DC)(DA)(DG)(DT)(DC)(DG)(DT)(DT)(DC)(DA)
(DT)(DG)(DA)(DG)(DG)(DA)(DC)(DC)(DA)(DT)(DC)(DC)(DC)(DG)(DA)(DA)(DA)(DA)(DT)(DG)
(DT)
;
D
#
# COMPACT_ATOMS: atom_id res chain seq x y z
N MET A 1 -2.49 44.57 -10.53
CA MET A 1 -1.06 45.05 -10.68
C MET A 1 -0.07 43.90 -10.52
N ASP A 2 1.19 44.12 -10.99
CA ASP A 2 2.28 43.15 -11.13
C ASP A 2 2.75 42.33 -9.91
N LYS A 3 3.33 43.01 -8.91
CA LYS A 3 3.87 42.38 -7.71
C LYS A 3 3.70 43.23 -6.46
N LYS A 4 2.98 42.70 -5.45
CA LYS A 4 2.86 43.36 -4.15
C LYS A 4 3.13 42.46 -2.94
N TYR A 5 2.98 41.14 -3.07
CA TYR A 5 2.99 40.25 -1.92
C TYR A 5 3.51 38.89 -2.37
N SER A 6 3.71 37.97 -1.41
CA SER A 6 4.03 36.57 -1.68
C SER A 6 3.32 35.73 -0.65
N ILE A 7 3.03 34.46 -0.98
CA ILE A 7 2.28 33.56 -0.12
C ILE A 7 3.05 32.26 0.06
N GLY A 8 2.82 31.56 1.17
CA GLY A 8 3.44 30.26 1.43
C GLY A 8 2.49 29.34 2.11
N LEU A 9 2.63 28.03 1.83
CA LEU A 9 1.78 26.98 2.35
C LEU A 9 2.62 25.82 2.87
N ALA A 10 2.11 25.07 3.86
CA ALA A 10 2.78 23.92 4.42
C ALA A 10 1.74 22.81 4.48
N ILE A 11 1.92 21.76 3.67
CA ILE A 11 0.95 20.71 3.46
C ILE A 11 1.39 19.51 4.29
N GLY A 12 0.53 19.09 5.24
CA GLY A 12 0.69 17.89 6.04
C GLY A 12 -0.18 16.74 5.55
N THR A 13 -0.20 15.65 6.32
CA THR A 13 -1.03 14.47 6.06
C THR A 13 -2.52 14.76 6.13
N ASN A 14 -2.97 15.55 7.13
CA ASN A 14 -4.38 15.88 7.27
C ASN A 14 -4.62 17.37 7.57
N SER A 15 -3.73 18.26 7.10
CA SER A 15 -3.92 19.69 7.29
C SER A 15 -3.07 20.53 6.35
N VAL A 16 -3.59 21.70 5.91
CA VAL A 16 -2.87 22.61 5.04
C VAL A 16 -2.83 23.97 5.72
N GLY A 17 -1.62 24.54 5.95
CA GLY A 17 -1.47 25.89 6.48
C GLY A 17 -1.10 26.88 5.40
N TRP A 18 -1.37 28.18 5.60
CA TRP A 18 -1.01 29.20 4.64
C TRP A 18 -0.77 30.54 5.34
N ALA A 19 0.00 31.43 4.67
CA ALA A 19 0.28 32.76 5.15
C ALA A 19 0.54 33.71 4.01
N VAL A 20 0.19 35.00 4.19
CA VAL A 20 0.36 36.06 3.21
C VAL A 20 1.33 37.09 3.77
N ILE A 21 2.42 37.40 3.03
CA ILE A 21 3.39 38.41 3.44
C ILE A 21 3.45 39.53 2.41
N THR A 22 3.36 40.81 2.82
CA THR A 22 3.30 41.94 1.90
C THR A 22 4.33 42.99 2.30
N ASP A 23 4.98 43.63 1.31
CA ASP A 23 6.04 44.60 1.49
C ASP A 23 5.59 45.88 2.22
N GLU A 24 4.30 46.23 2.10
CA GLU A 24 3.78 47.51 2.57
C GLU A 24 3.33 47.52 4.03
N TYR A 25 3.09 46.34 4.65
CA TYR A 25 2.67 46.26 6.04
C TYR A 25 3.21 45.03 6.76
N LYS A 26 3.29 45.12 8.10
CA LYS A 26 3.90 44.10 8.94
C LYS A 26 2.88 43.35 9.79
N VAL A 27 1.59 43.76 9.76
CA VAL A 27 0.55 43.17 10.58
C VAL A 27 -0.47 42.43 9.70
N PRO A 28 -0.56 41.10 9.73
CA PRO A 28 -1.49 40.37 8.86
C PRO A 28 -2.89 40.40 9.47
N SER A 29 -3.49 41.59 9.62
CA SER A 29 -4.82 41.76 10.23
C SER A 29 -5.79 42.30 9.19
N LYS A 30 -6.96 41.65 8.99
CA LYS A 30 -7.93 42.08 7.99
C LYS A 30 -9.38 41.84 8.46
N LYS A 31 -10.33 42.75 8.15
CA LYS A 31 -11.74 42.64 8.53
C LYS A 31 -12.65 42.05 7.46
N PHE A 32 -13.80 41.48 7.88
CA PHE A 32 -14.80 40.95 6.98
C PHE A 32 -16.18 41.40 7.50
N LYS A 33 -17.20 41.45 6.62
CA LYS A 33 -18.56 41.79 7.01
C LYS A 33 -19.33 40.56 7.49
N VAL A 34 -19.96 40.62 8.69
CA VAL A 34 -20.73 39.51 9.23
C VAL A 34 -22.04 39.24 8.47
N LEU A 35 -22.28 37.97 8.07
CA LEU A 35 -23.45 37.59 7.31
C LEU A 35 -24.57 37.11 8.25
N GLY A 36 -25.84 37.40 7.87
CA GLY A 36 -27.01 37.03 8.66
C GLY A 36 -27.30 37.97 9.80
N ASN A 37 -27.08 37.52 11.05
CA ASN A 37 -27.39 38.27 12.27
C ASN A 37 -26.66 39.62 12.39
N THR A 38 -25.35 39.65 12.11
CA THR A 38 -24.45 40.79 12.40
C THR A 38 -24.31 41.08 13.89
N ASP A 39 -23.94 40.05 14.68
CA ASP A 39 -23.77 40.09 16.13
C ASP A 39 -22.59 40.96 16.57
N ARG A 40 -21.56 41.01 15.72
CA ARG A 40 -20.38 41.85 15.85
C ARG A 40 -20.35 42.80 14.65
N HIS A 41 -19.85 44.04 14.84
CA HIS A 41 -19.83 45.08 13.83
C HIS A 41 -19.13 44.72 12.51
N SER A 42 -17.83 44.40 12.56
CA SER A 42 -17.02 43.92 11.44
C SER A 42 -15.87 43.09 11.97
N ILE A 43 -16.06 41.75 11.98
CA ILE A 43 -15.13 40.78 12.54
C ILE A 43 -13.81 40.78 11.80
N LYS A 44 -12.71 41.02 12.53
CA LYS A 44 -11.36 40.87 12.06
C LYS A 44 -10.76 39.49 12.27
N LYS A 45 -9.83 39.11 11.38
CA LYS A 45 -9.10 37.86 11.44
C LYS A 45 -7.65 38.05 11.02
N ASN A 46 -6.77 37.13 11.48
CA ASN A 46 -5.39 37.04 11.02
C ASN A 46 -5.30 36.36 9.64
N LEU A 47 -4.48 36.89 8.71
CA LEU A 47 -4.28 36.31 7.39
C LEU A 47 -3.53 34.97 7.43
N ILE A 48 -2.79 34.70 8.52
CA ILE A 48 -2.09 33.46 8.75
C ILE A 48 -3.07 32.43 9.35
N GLY A 49 -3.17 31.24 8.74
CA GLY A 49 -4.10 30.22 9.21
C GLY A 49 -3.80 28.82 8.76
N ALA A 50 -4.75 27.90 9.03
CA ALA A 50 -4.63 26.51 8.69
C ALA A 50 -5.99 25.81 8.67
N LEU A 51 -6.12 24.80 7.80
CA LEU A 51 -7.32 24.02 7.60
C LEU A 51 -7.06 22.59 8.01
N LEU A 52 -7.94 22.03 8.85
CA LEU A 52 -7.88 20.65 9.30
C LEU A 52 -8.88 19.82 8.49
N PHE A 53 -8.52 18.56 8.15
CA PHE A 53 -9.38 17.66 7.41
C PHE A 53 -9.16 16.21 7.85
N ASP A 54 -10.10 15.30 7.48
CA ASP A 54 -9.98 13.87 7.76
C ASP A 54 -9.29 13.15 6.60
N SER A 55 -8.15 12.47 6.87
CA SER A 55 -7.27 11.87 5.87
C SER A 55 -7.81 10.70 5.08
N GLY A 56 -8.70 9.90 5.71
CA GLY A 56 -9.30 8.71 5.10
C GLY A 56 -8.39 7.49 5.02
N GLU A 57 -8.93 6.39 4.47
CA GLU A 57 -8.29 5.11 4.29
C GLU A 57 -7.23 5.04 3.18
N THR A 58 -5.96 4.82 3.57
CA THR A 58 -4.79 4.87 2.70
C THR A 58 -4.49 3.56 1.96
N ALA A 59 -3.60 3.62 0.95
CA ALA A 59 -3.09 2.56 0.08
C ALA A 59 -3.66 1.14 0.23
N GLU A 60 -3.18 0.37 1.23
CA GLU A 60 -3.61 -1.00 1.46
C GLU A 60 -5.05 -1.17 1.97
N ALA A 61 -5.60 -0.18 2.71
CA ALA A 61 -7.01 -0.16 3.07
C ALA A 61 -7.95 0.05 1.88
N THR A 62 -7.60 0.98 0.97
CA THR A 62 -8.29 1.18 -0.31
C THR A 62 -8.23 -0.06 -1.20
N ARG A 63 -7.05 -0.72 -1.28
CA ARG A 63 -6.86 -2.03 -1.87
C ARG A 63 -7.84 -3.09 -1.33
N LEU A 64 -7.90 -3.25 0.01
CA LEU A 64 -8.79 -4.20 0.67
C LEU A 64 -10.26 -3.92 0.43
N LYS A 65 -10.71 -2.65 0.46
CA LYS A 65 -12.08 -2.30 0.11
C LYS A 65 -12.58 -2.68 -1.28
N ARG A 66 -11.79 -2.45 -2.35
CA ARG A 66 -12.13 -2.96 -3.68
C ARG A 66 -12.03 -4.48 -3.79
N THR A 67 -11.04 -5.10 -3.11
CA THR A 67 -10.89 -6.56 -3.03
C THR A 67 -12.07 -7.22 -2.32
N ALA A 68 -12.50 -6.69 -1.16
CA ALA A 68 -13.63 -7.14 -0.37
C ALA A 68 -14.96 -7.17 -1.12
N ARG A 69 -15.25 -6.16 -1.97
CA ARG A 69 -16.41 -6.18 -2.84
C ARG A 69 -16.43 -7.34 -3.83
N ARG A 70 -15.28 -7.65 -4.46
CA ARG A 70 -15.10 -8.73 -5.42
C ARG A 70 -15.00 -10.13 -4.77
N ARG A 71 -14.47 -10.16 -3.54
CA ARG A 71 -14.27 -11.28 -2.65
C ARG A 71 -15.47 -12.17 -2.37
N TYR A 72 -16.56 -11.62 -1.80
CA TYR A 72 -17.78 -12.40 -1.57
C TYR A 72 -18.59 -12.59 -2.86
N THR A 73 -18.53 -11.63 -3.80
CA THR A 73 -19.18 -11.74 -5.12
C THR A 73 -18.78 -13.01 -5.85
N ARG A 74 -17.48 -13.38 -5.80
CA ARG A 74 -16.98 -14.63 -6.32
C ARG A 74 -17.55 -15.88 -5.66
N ARG A 75 -17.56 -15.95 -4.32
CA ARG A 75 -18.16 -17.04 -3.57
C ARG A 75 -19.67 -17.16 -3.76
N LYS A 76 -20.37 -16.01 -3.73
CA LYS A 76 -21.79 -15.91 -4.04
C LYS A 76 -22.17 -16.41 -5.43
N ASN A 77 -21.42 -15.99 -6.47
CA ASN A 77 -21.57 -16.48 -7.84
C ASN A 77 -21.31 -17.98 -7.99
N ARG A 78 -20.26 -18.54 -7.36
CA ARG A 78 -20.02 -19.97 -7.36
C ARG A 78 -21.14 -20.82 -6.76
N ILE A 79 -21.74 -20.38 -5.64
CA ILE A 79 -22.92 -20.99 -5.05
C ILE A 79 -24.13 -20.92 -5.98
N CYS A 80 -24.36 -19.76 -6.61
CA CYS A 80 -25.40 -19.54 -7.60
C CYS A 80 -25.22 -20.35 -8.89
N TYR A 81 -23.96 -20.53 -9.34
CA TYR A 81 -23.64 -21.35 -10.51
C TYR A 81 -24.12 -22.81 -10.42
N LEU A 82 -23.73 -23.56 -9.37
CA LEU A 82 -24.16 -24.94 -9.19
C LEU A 82 -25.66 -25.05 -8.89
N GLN A 83 -26.21 -24.07 -8.12
CA GLN A 83 -27.64 -23.90 -7.92
C GLN A 83 -28.47 -23.87 -9.21
N GLU A 84 -28.08 -23.04 -10.19
CA GLU A 84 -28.70 -22.99 -11.50
C GLU A 84 -28.63 -24.31 -12.29
N ILE A 85 -27.55 -25.09 -12.12
CA ILE A 85 -27.40 -26.40 -12.74
C ILE A 85 -28.37 -27.47 -12.22
N PHE A 86 -28.48 -27.64 -10.88
CA PHE A 86 -29.31 -28.72 -10.31
C PHE A 86 -30.66 -28.31 -9.76
N SER A 87 -30.86 -27.06 -9.30
CA SER A 87 -32.14 -26.63 -8.72
C SER A 87 -33.36 -26.86 -9.60
N ASN A 88 -33.29 -26.48 -10.89
CA ASN A 88 -34.38 -26.67 -11.84
C ASN A 88 -34.69 -28.16 -12.09
N GLU A 89 -33.64 -29.02 -12.19
CA GLU A 89 -33.79 -30.45 -12.37
C GLU A 89 -34.47 -31.13 -11.18
N MET A 90 -34.08 -30.75 -9.94
CA MET A 90 -34.71 -31.22 -8.72
C MET A 90 -36.16 -30.77 -8.54
N ALA A 91 -36.48 -29.51 -8.92
CA ALA A 91 -37.83 -28.98 -8.97
C ALA A 91 -38.74 -29.69 -9.97
N LYS A 92 -38.21 -30.10 -11.15
CA LYS A 92 -38.93 -30.88 -12.13
C LYS A 92 -39.29 -32.32 -11.73
N VAL A 93 -38.40 -33.01 -10.97
CA VAL A 93 -38.68 -34.37 -10.52
C VAL A 93 -39.29 -34.43 -9.11
N ASP A 94 -39.17 -33.37 -8.31
CA ASP A 94 -39.66 -33.32 -6.95
C ASP A 94 -40.40 -32.01 -6.72
N ASP A 95 -41.74 -32.06 -6.69
CA ASP A 95 -42.60 -30.90 -6.55
C ASP A 95 -42.43 -30.20 -5.20
N SER A 96 -41.96 -30.92 -4.16
CA SER A 96 -41.80 -30.38 -2.82
C SER A 96 -40.47 -29.67 -2.61
N PHE A 97 -39.53 -29.76 -3.57
CA PHE A 97 -38.24 -29.09 -3.49
C PHE A 97 -38.32 -27.56 -3.46
N PHE A 98 -39.05 -26.97 -4.43
CA PHE A 98 -39.16 -25.53 -4.62
C PHE A 98 -39.61 -24.75 -3.37
N HIS A 99 -40.74 -25.16 -2.75
CA HIS A 99 -41.30 -24.49 -1.57
C HIS A 99 -40.40 -24.48 -0.35
N ARG A 100 -39.68 -25.59 -0.09
CA ARG A 100 -38.69 -25.67 0.98
C ARG A 100 -37.52 -24.71 0.84
N LEU A 101 -36.98 -24.52 -0.38
CA LEU A 101 -35.92 -23.55 -0.63
C LEU A 101 -36.38 -22.09 -0.45
N GLU A 102 -37.59 -21.75 -0.95
CA GLU A 102 -38.13 -20.40 -0.86
C GLU A 102 -38.63 -19.97 0.53
N GLU A 103 -39.21 -20.91 1.31
CA GLU A 103 -39.80 -20.62 2.61
C GLU A 103 -38.85 -20.88 3.77
N SER A 104 -37.53 -21.02 3.51
CA SER A 104 -36.51 -21.30 4.52
C SER A 104 -36.31 -20.20 5.55
N PHE A 105 -36.57 -18.93 5.18
CA PHE A 105 -36.42 -17.79 6.06
C PHE A 105 -37.75 -17.29 6.67
N LEU A 106 -37.65 -16.45 7.72
CA LEU A 106 -38.75 -15.74 8.35
C LEU A 106 -39.73 -16.55 9.20
N VAL A 107 -40.38 -15.84 10.14
CA VAL A 107 -41.38 -16.28 11.10
C VAL A 107 -42.57 -17.04 10.50
N GLU A 108 -43.10 -18.01 11.26
CA GLU A 108 -44.27 -18.83 10.95
C GLU A 108 -45.47 -18.13 10.32
N GLU A 109 -45.87 -16.94 10.82
CA GLU A 109 -47.01 -16.17 10.33
C GLU A 109 -46.93 -15.79 8.84
N ASP A 110 -45.71 -15.60 8.31
CA ASP A 110 -45.46 -15.28 6.91
C ASP A 110 -44.91 -16.48 6.13
N LYS A 111 -44.80 -17.66 6.77
CA LYS A 111 -44.23 -18.86 6.20
C LYS A 111 -45.33 -19.75 5.61
N LYS A 112 -45.16 -20.22 4.36
CA LYS A 112 -46.16 -21.03 3.67
C LYS A 112 -45.78 -22.51 3.55
N HIS A 113 -44.64 -22.95 4.13
CA HIS A 113 -44.19 -24.33 3.99
C HIS A 113 -43.13 -24.69 5.03
N GLU A 114 -43.16 -25.95 5.50
CA GLU A 114 -42.23 -26.48 6.48
C GLU A 114 -40.83 -26.69 5.88
N ARG A 115 -39.77 -26.63 6.71
CA ARG A 115 -38.39 -26.57 6.22
C ARG A 115 -37.99 -27.88 5.55
N HIS A 116 -38.15 -29.04 6.24
CA HIS A 116 -37.72 -30.39 5.84
C HIS A 116 -36.41 -30.47 5.03
N PRO A 117 -35.23 -30.13 5.55
CA PRO A 117 -34.05 -29.96 4.70
C PRO A 117 -33.66 -31.13 3.80
N ILE A 118 -33.58 -32.38 4.30
CA ILE A 118 -32.93 -33.47 3.60
C ILE A 118 -33.96 -34.42 3.01
N PHE A 119 -34.87 -34.96 3.84
CA PHE A 119 -35.72 -36.08 3.45
C PHE A 119 -37.10 -35.67 2.96
N GLY A 120 -37.76 -34.72 3.66
CA GLY A 120 -39.14 -34.32 3.38
C GLY A 120 -40.10 -34.75 4.45
N ASN A 121 -39.59 -35.11 5.64
CA ASN A 121 -40.42 -35.55 6.75
C ASN A 121 -39.61 -35.51 8.05
N ILE A 122 -40.10 -34.81 9.10
CA ILE A 122 -39.47 -34.64 10.40
C ILE A 122 -38.99 -35.95 11.03
N VAL A 123 -39.76 -37.05 10.87
CA VAL A 123 -39.40 -38.37 11.37
C VAL A 123 -38.06 -38.87 10.83
N ASP A 124 -37.81 -38.66 9.51
CA ASP A 124 -36.60 -39.09 8.83
C ASP A 124 -35.45 -38.06 8.89
N GLU A 125 -35.73 -36.76 9.15
CA GLU A 125 -34.73 -35.69 9.11
C GLU A 125 -33.57 -35.88 10.09
N VAL A 126 -33.85 -36.50 11.26
CA VAL A 126 -32.87 -36.66 12.34
C VAL A 126 -32.29 -38.09 12.31
N ALA A 127 -32.49 -38.83 11.20
CA ALA A 127 -31.88 -40.13 11.00
C ALA A 127 -30.48 -40.02 10.36
N TYR A 128 -30.12 -38.82 9.87
CA TYR A 128 -28.85 -38.55 9.18
C TYR A 128 -27.59 -38.76 10.03
N HIS A 129 -27.51 -38.12 11.21
CA HIS A 129 -26.30 -38.14 12.04
C HIS A 129 -25.99 -39.52 12.61
N GLU A 130 -26.96 -40.46 12.59
CA GLU A 130 -26.78 -41.83 13.03
C GLU A 130 -25.73 -42.60 12.24
N LYS A 131 -25.60 -42.30 10.92
CA LYS A 131 -24.57 -42.89 10.09
C LYS A 131 -23.54 -41.87 9.61
N TYR A 132 -23.90 -40.56 9.55
CA TYR A 132 -23.00 -39.53 9.05
C TYR A 132 -22.60 -38.52 10.13
N PRO A 133 -21.46 -38.70 10.80
CA PRO A 133 -21.00 -37.76 11.83
C PRO A 133 -20.61 -36.40 11.29
N THR A 134 -20.28 -36.27 9.99
CA THR A 134 -19.92 -35.01 9.37
C THR A 134 -20.01 -35.16 7.85
N ILE A 135 -20.07 -34.03 7.13
CA ILE A 135 -20.05 -33.93 5.67
C ILE A 135 -18.96 -34.79 5.03
N TYR A 136 -17.80 -34.95 5.70
CA TYR A 136 -16.70 -35.76 5.22
C TYR A 136 -16.98 -37.27 5.16
N HIS A 137 -17.83 -37.83 6.06
CA HIS A 137 -18.29 -39.21 5.95
C HIS A 137 -19.24 -39.46 4.78
N LEU A 138 -20.18 -38.52 4.50
CA LEU A 138 -21.00 -38.55 3.30
C LEU A 138 -20.17 -38.45 2.02
N ARG A 139 -19.15 -37.57 1.99
CA ARG A 139 -18.15 -37.53 0.94
C ARG A 139 -17.44 -38.87 0.69
N LYS A 140 -16.93 -39.53 1.75
CA LYS A 140 -16.37 -40.87 1.63
C LYS A 140 -17.36 -41.93 1.13
N LYS A 141 -18.58 -41.92 1.69
CA LYS A 141 -19.67 -42.78 1.26
C LYS A 141 -20.00 -42.68 -0.23
N LEU A 142 -20.16 -41.45 -0.76
CA LEU A 142 -20.43 -41.20 -2.16
C LEU A 142 -19.26 -41.49 -3.11
N VAL A 143 -18.00 -41.18 -2.71
CA VAL A 143 -16.80 -41.50 -3.48
C VAL A 143 -16.49 -43.00 -3.58
N ASP A 144 -16.76 -43.78 -2.52
CA ASP A 144 -16.60 -45.22 -2.49
C ASP A 144 -17.94 -45.97 -2.69
N SER A 145 -18.99 -45.27 -3.17
CA SER A 145 -20.35 -45.78 -3.32
C SER A 145 -20.57 -46.96 -4.28
N THR A 146 -21.47 -47.89 -3.90
CA THR A 146 -21.92 -48.99 -4.75
C THR A 146 -23.45 -48.98 -4.83
N ASP A 147 -24.09 -47.85 -4.50
CA ASP A 147 -25.54 -47.76 -4.38
C ASP A 147 -26.06 -46.37 -4.75
N LYS A 148 -27.40 -46.19 -4.74
CA LYS A 148 -28.06 -44.96 -5.17
C LYS A 148 -28.38 -44.03 -4.01
N ALA A 149 -28.03 -42.74 -4.14
CA ALA A 149 -28.28 -41.71 -3.13
C ALA A 149 -29.33 -40.72 -3.63
N ASP A 150 -30.15 -40.15 -2.71
CA ASP A 150 -31.13 -39.12 -3.01
C ASP A 150 -30.48 -37.81 -3.53
N LEU A 151 -31.09 -37.19 -4.56
CA LEU A 151 -30.62 -35.95 -5.17
C LEU A 151 -30.37 -34.81 -4.20
N ARG A 152 -31.08 -34.76 -3.05
CA ARG A 152 -30.79 -33.78 -2.01
C ARG A 152 -29.46 -33.95 -1.28
N LEU A 153 -29.05 -35.21 -0.95
CA LEU A 153 -27.72 -35.51 -0.42
C LEU A 153 -26.61 -35.43 -1.48
N ILE A 154 -26.93 -35.73 -2.75
CA ILE A 154 -26.00 -35.55 -3.87
C ILE A 154 -25.66 -34.08 -4.11
N TYR A 155 -26.67 -33.19 -4.24
CA TYR A 155 -26.50 -31.75 -4.30
C TYR A 155 -25.85 -31.18 -3.04
N LEU A 156 -26.23 -31.67 -1.86
CA LEU A 156 -25.60 -31.36 -0.59
C LEU A 156 -24.08 -31.57 -0.60
N ALA A 157 -23.59 -32.74 -1.04
CA ALA A 157 -22.17 -32.96 -1.24
C ALA A 157 -21.51 -32.11 -2.33
N LEU A 158 -22.16 -31.99 -3.51
CA LEU A 158 -21.70 -31.15 -4.61
C LEU A 158 -21.65 -29.66 -4.29
N ALA A 159 -22.66 -29.13 -3.57
CA ALA A 159 -22.73 -27.76 -3.09
C ALA A 159 -21.62 -27.42 -2.10
N HIS A 160 -21.35 -28.31 -1.12
CA HIS A 160 -20.18 -28.23 -0.26
C HIS A 160 -18.88 -28.07 -1.06
N MET A 161 -18.72 -28.83 -2.13
CA MET A 161 -17.52 -28.85 -2.95
C MET A 161 -17.38 -27.71 -3.97
N ILE A 162 -18.39 -26.81 -4.09
CA ILE A 162 -18.29 -25.59 -4.88
C ILE A 162 -18.27 -24.34 -4.00
N LYS A 163 -18.92 -24.37 -2.81
CA LYS A 163 -18.76 -23.39 -1.75
C LYS A 163 -17.35 -23.53 -1.17
N PHE A 164 -16.97 -24.76 -0.80
CA PHE A 164 -15.63 -25.16 -0.42
C PHE A 164 -14.84 -25.68 -1.64
N ARG A 165 -14.78 -24.87 -2.73
CA ARG A 165 -14.24 -25.21 -4.04
C ARG A 165 -12.74 -25.46 -4.03
N GLY A 166 -12.00 -24.60 -3.30
CA GLY A 166 -10.55 -24.66 -3.18
C GLY A 166 -9.83 -23.84 -4.22
N HIS A 167 -8.51 -23.63 -4.01
CA HIS A 167 -7.72 -22.66 -4.75
C HIS A 167 -7.05 -23.15 -6.03
N PHE A 168 -7.25 -22.42 -7.15
CA PHE A 168 -6.62 -22.74 -8.43
C PHE A 168 -5.37 -21.88 -8.60
N LEU A 169 -4.39 -22.08 -7.69
CA LEU A 169 -3.12 -21.38 -7.66
C LEU A 169 -2.15 -21.83 -8.77
N ILE A 170 -1.88 -23.15 -8.86
CA ILE A 170 -0.88 -23.72 -9.76
C ILE A 170 -1.54 -24.35 -10.98
N GLU A 171 -1.07 -23.97 -12.19
CA GLU A 171 -1.52 -24.53 -13.46
C GLU A 171 -0.97 -25.93 -13.80
N GLY A 172 -1.78 -26.75 -14.50
CA GLY A 172 -1.43 -28.12 -14.90
C GLY A 172 -2.13 -29.20 -14.12
N ASP A 173 -2.20 -30.41 -14.70
CA ASP A 173 -2.87 -31.54 -14.09
C ASP A 173 -1.95 -32.31 -13.14
N LEU A 174 -2.16 -32.15 -11.81
CA LEU A 174 -1.40 -32.83 -10.77
C LEU A 174 -1.91 -34.23 -10.46
N ASN A 175 -1.01 -35.20 -10.20
CA ASN A 175 -1.32 -36.61 -10.01
C ASN A 175 -2.06 -36.86 -8.68
N PRO A 176 -3.36 -37.19 -8.61
CA PRO A 176 -4.05 -37.40 -7.35
C PRO A 176 -3.82 -38.82 -6.81
N ASP A 177 -2.59 -39.14 -6.40
CA ASP A 177 -2.24 -40.46 -5.88
C ASP A 177 -1.10 -40.36 -4.86
N ASN A 178 -1.09 -41.31 -3.91
CA ASN A 178 -0.16 -41.41 -2.82
C ASN A 178 0.16 -42.89 -2.56
N SER A 179 -0.08 -43.77 -3.57
CA SER A 179 0.13 -45.21 -3.48
C SER A 179 1.55 -45.72 -3.25
N ASP A 180 2.58 -45.18 -3.93
CA ASP A 180 3.96 -45.62 -3.79
C ASP A 180 4.97 -44.50 -4.04
N VAL A 181 5.13 -43.59 -3.05
CA VAL A 181 6.03 -42.44 -3.08
C VAL A 181 7.52 -42.79 -2.93
N ASP A 182 7.84 -43.72 -2.00
CA ASP A 182 9.19 -44.16 -1.66
C ASP A 182 10.04 -44.56 -2.88
N LYS A 183 9.42 -45.28 -3.84
CA LYS A 183 10.00 -45.72 -5.10
C LYS A 183 10.61 -44.59 -5.92
N LEU A 184 9.95 -43.42 -5.97
CA LEU A 184 10.36 -42.26 -6.76
C LEU A 184 11.72 -41.67 -6.37
N PHE A 185 12.02 -41.60 -5.05
CA PHE A 185 13.33 -41.21 -4.55
C PHE A 185 14.46 -42.16 -4.91
N ILE A 186 14.24 -43.49 -4.81
CA ILE A 186 15.20 -44.49 -5.25
C ILE A 186 15.44 -44.47 -6.75
N GLN A 187 14.38 -44.38 -7.57
CA GLN A 187 14.50 -44.34 -9.02
C GLN A 187 15.21 -43.11 -9.59
N LEU A 188 15.03 -41.92 -8.99
CA LEU A 188 15.78 -40.74 -9.36
C LEU A 188 17.28 -40.87 -9.11
N VAL A 189 17.69 -41.42 -7.95
CA VAL A 189 19.09 -41.71 -7.63
C VAL A 189 19.70 -42.76 -8.54
N GLN A 190 18.99 -43.88 -8.80
CA GLN A 190 19.44 -44.92 -9.71
C GLN A 190 19.51 -44.49 -11.17
N THR A 191 18.51 -43.71 -11.65
CA THR A 191 18.50 -43.15 -13.00
C THR A 191 19.66 -42.20 -13.25
N TYR A 192 19.96 -41.31 -12.28
CA TYR A 192 21.15 -40.47 -12.30
C TYR A 192 22.44 -41.29 -12.38
N ASN A 193 22.56 -42.33 -11.53
CA ASN A 193 23.70 -43.24 -11.51
C ASN A 193 23.90 -44.04 -12.81
N GLN A 194 22.82 -44.48 -13.47
CA GLN A 194 22.89 -45.10 -14.78
C GLN A 194 23.30 -44.15 -15.92
N LEU A 195 22.80 -42.90 -15.92
CA LEU A 195 23.22 -41.88 -16.87
C LEU A 195 24.61 -41.28 -16.61
N PHE A 196 25.04 -41.20 -15.33
CA PHE A 196 26.31 -40.61 -14.94
C PHE A 196 27.15 -41.60 -14.15
N GLU A 197 27.87 -42.50 -14.85
CA GLU A 197 28.63 -43.57 -14.22
C GLU A 197 30.00 -43.09 -13.72
N GLU A 198 30.37 -41.83 -14.01
CA GLU A 198 31.61 -41.19 -13.61
C GLU A 198 31.76 -40.98 -12.10
N ASN A 199 30.64 -40.74 -11.40
CA ASN A 199 30.63 -40.48 -9.97
C ASN A 199 29.26 -40.74 -9.32
N PRO A 200 28.80 -41.99 -9.17
CA PRO A 200 27.50 -42.33 -8.58
C PRO A 200 27.16 -41.80 -7.19
N ILE A 201 25.89 -41.45 -6.95
CA ILE A 201 25.38 -40.95 -5.69
C ILE A 201 24.89 -42.12 -4.85
N ASN A 202 25.35 -42.24 -3.59
CA ASN A 202 25.02 -43.36 -2.74
C ASN A 202 23.83 -43.02 -1.82
N ALA A 203 22.70 -43.74 -1.99
CA ALA A 203 21.52 -43.60 -1.14
C ALA A 203 21.81 -43.86 0.34
N SER A 204 22.62 -44.90 0.63
CA SER A 204 23.10 -45.25 1.98
C SER A 204 21.98 -45.48 2.99
N GLY A 205 20.78 -45.89 2.52
CA GLY A 205 19.61 -46.16 3.38
C GLY A 205 19.02 -44.93 4.01
N VAL A 206 19.30 -43.73 3.45
CA VAL A 206 18.83 -42.46 3.97
C VAL A 206 17.37 -42.21 3.61
N ASP A 207 16.56 -41.82 4.62
CA ASP A 207 15.16 -41.48 4.42
C ASP A 207 15.01 -40.00 4.05
N ALA A 208 14.98 -39.69 2.75
CA ALA A 208 14.83 -38.35 2.20
C ALA A 208 13.52 -37.66 2.60
N LYS A 209 12.42 -38.44 2.69
CA LYS A 209 11.10 -38.00 3.09
C LYS A 209 11.06 -37.44 4.51
N ALA A 210 11.78 -38.04 5.46
CA ALA A 210 11.94 -37.53 6.81
C ALA A 210 12.62 -36.15 6.88
N ILE A 211 13.68 -35.93 6.07
CA ILE A 211 14.34 -34.64 5.93
C ILE A 211 13.41 -33.55 5.39
N LEU A 212 12.66 -33.87 4.30
CA LEU A 212 11.69 -32.98 3.68
C LEU A 212 10.44 -32.68 4.51
N SER A 213 9.93 -33.68 5.26
CA SER A 213 8.80 -33.54 6.17
C SER A 213 9.02 -32.59 7.35
N ALA A 214 10.24 -32.58 7.94
CA ALA A 214 10.61 -31.69 9.03
C ALA A 214 10.52 -30.20 8.67
N ARG A 215 10.12 -29.34 9.64
CA ARG A 215 9.97 -27.92 9.37
C ARG A 215 11.31 -27.18 9.35
N LEU A 216 11.96 -27.17 8.17
CA LEU A 216 13.24 -26.57 7.91
C LEU A 216 13.05 -25.65 6.73
N SER A 217 13.95 -24.66 6.53
CA SER A 217 13.97 -23.84 5.31
C SER A 217 14.37 -24.60 4.06
N LYS A 218 14.03 -24.07 2.87
CA LYS A 218 14.35 -24.68 1.59
C LYS A 218 15.83 -24.89 1.32
N SER A 219 16.66 -23.93 1.76
CA SER A 219 18.11 -24.01 1.79
C SER A 219 18.67 -25.09 2.70
N ARG A 220 18.12 -25.23 3.92
CA ARG A 220 18.47 -26.28 4.86
C ARG A 220 18.02 -27.68 4.45
N ARG A 221 16.81 -27.81 3.86
CA ARG A 221 16.35 -29.08 3.30
C ARG A 221 17.22 -29.62 2.16
N LEU A 222 17.62 -28.74 1.22
CA LEU A 222 18.58 -29.06 0.18
C LEU A 222 19.94 -29.49 0.73
N GLU A 223 20.50 -28.68 1.65
CA GLU A 223 21.74 -28.94 2.33
C GLU A 223 21.82 -30.26 3.09
N ASN A 224 20.77 -30.60 3.86
CA ASN A 224 20.64 -31.88 4.56
C ASN A 224 20.57 -33.07 3.62
N LEU A 225 19.81 -32.98 2.50
CA LEU A 225 19.81 -34.01 1.47
C LEU A 225 21.17 -34.22 0.79
N ILE A 226 21.90 -33.13 0.49
CA ILE A 226 23.26 -33.19 -0.05
C ILE A 226 24.29 -33.76 0.94
N ALA A 227 24.20 -33.38 2.23
CA ALA A 227 25.03 -33.91 3.29
C ALA A 227 24.82 -35.41 3.57
N GLN A 228 23.56 -35.88 3.54
CA GLN A 228 23.25 -37.28 3.77
C GLN A 228 23.42 -38.19 2.54
N LEU A 229 23.26 -37.68 1.31
CA LEU A 229 23.43 -38.45 0.08
C LEU A 229 24.77 -38.09 -0.58
N PRO A 230 25.89 -38.80 -0.36
CA PRO A 230 27.16 -38.38 -0.94
C PRO A 230 27.25 -38.61 -2.44
N GLY A 231 27.95 -37.72 -3.18
CA GLY A 231 28.13 -37.86 -4.63
C GLY A 231 27.95 -36.59 -5.42
N GLU A 232 27.25 -35.57 -4.88
CA GLU A 232 27.06 -34.32 -5.59
C GLU A 232 26.79 -33.16 -4.63
N LYS A 233 27.15 -31.93 -5.03
CA LYS A 233 27.07 -30.70 -4.27
C LYS A 233 25.73 -29.96 -4.42
N LYS A 234 25.45 -29.01 -3.49
CA LYS A 234 24.22 -28.20 -3.45
C LYS A 234 23.95 -27.41 -4.74
N ASN A 235 25.02 -26.92 -5.39
CA ASN A 235 24.91 -26.13 -6.61
C ASN A 235 25.12 -26.98 -7.86
N GLY A 236 25.20 -28.32 -7.71
CA GLY A 236 25.37 -29.28 -8.80
C GLY A 236 24.07 -29.66 -9.48
N LEU A 237 24.14 -30.57 -10.48
CA LEU A 237 22.97 -31.02 -11.23
C LEU A 237 21.89 -31.65 -10.36
N PHE A 238 22.27 -32.62 -9.50
CA PHE A 238 21.39 -33.28 -8.55
C PHE A 238 20.76 -32.30 -7.55
N GLY A 239 21.55 -31.34 -7.03
CA GLY A 239 21.07 -30.27 -6.16
C GLY A 239 20.02 -29.38 -6.81
N ASN A 240 20.22 -28.98 -8.07
CA ASN A 240 19.25 -28.21 -8.84
C ASN A 240 17.99 -29.01 -9.20
N LEU A 241 18.11 -30.33 -9.44
CA LEU A 241 16.98 -31.23 -9.58
C LEU A 241 16.15 -31.38 -8.29
N ILE A 242 16.80 -31.41 -7.10
CA ILE A 242 16.11 -31.29 -5.82
C ILE A 242 15.42 -29.95 -5.62
N ALA A 243 16.10 -28.82 -5.93
CA ALA A 243 15.56 -27.47 -5.87
C ALA A 243 14.26 -27.29 -6.66
N LEU A 244 14.18 -27.86 -7.87
CA LEU A 244 12.97 -27.92 -8.68
C LEU A 244 11.79 -28.56 -7.93
N SER A 245 12.01 -29.73 -7.27
CA SER A 245 11.01 -30.41 -6.46
C SER A 245 10.70 -29.68 -5.14
N LEU A 246 11.57 -28.76 -4.71
CA LEU A 246 11.35 -27.91 -3.55
C LEU A 246 10.49 -26.68 -3.91
N GLY A 247 10.17 -26.51 -5.21
CA GLY A 247 9.36 -25.41 -5.71
C GLY A 247 10.16 -24.19 -6.07
N LEU A 248 11.47 -24.37 -6.33
CA LEU A 248 12.38 -23.31 -6.73
C LEU A 248 12.55 -23.32 -8.25
N THR A 249 13.18 -22.26 -8.80
CA THR A 249 13.38 -22.12 -10.25
C THR A 249 14.86 -22.29 -10.54
N PRO A 250 15.39 -23.49 -10.77
CA PRO A 250 16.81 -23.66 -11.09
C PRO A 250 17.06 -23.23 -12.53
N ASN A 251 18.29 -22.83 -12.84
CA ASN A 251 18.72 -22.47 -14.18
C ASN A 251 19.83 -23.44 -14.57
N PHE A 252 19.56 -24.31 -15.56
CA PHE A 252 20.46 -25.40 -15.95
C PHE A 252 21.44 -25.00 -17.06
N LYS A 253 21.55 -23.69 -17.33
CA LYS A 253 22.53 -23.11 -18.24
C LYS A 253 23.98 -23.48 -17.95
N SER A 254 24.40 -23.37 -16.68
CA SER A 254 25.74 -23.73 -16.22
C SER A 254 25.97 -25.23 -16.07
N ASN A 255 24.86 -25.99 -15.97
CA ASN A 255 24.85 -27.44 -15.81
C ASN A 255 25.08 -28.20 -17.11
N PHE A 256 24.51 -27.71 -18.22
CA PHE A 256 24.67 -28.32 -19.54
C PHE A 256 25.58 -27.50 -20.47
N ASP A 257 26.35 -26.54 -19.92
CA ASP A 257 27.26 -25.65 -20.64
C ASP A 257 26.58 -24.91 -21.81
N LEU A 258 25.42 -24.28 -21.56
CA LEU A 258 24.62 -23.62 -22.56
C LEU A 258 24.97 -22.14 -22.71
N ALA A 259 24.84 -21.59 -23.94
CA ALA A 259 25.09 -20.19 -24.21
C ALA A 259 23.92 -19.28 -23.83
N GLU A 260 22.72 -19.87 -23.63
CA GLU A 260 21.49 -19.17 -23.28
C GLU A 260 20.88 -19.74 -21.99
N ASP A 261 20.10 -18.91 -21.28
CA ASP A 261 19.40 -19.26 -20.04
C ASP A 261 18.42 -20.43 -20.17
N ALA A 262 18.42 -21.33 -19.16
CA ALA A 262 17.65 -22.56 -19.17
C ALA A 262 16.90 -22.78 -17.87
N LYS A 263 16.11 -21.78 -17.44
CA LYS A 263 15.26 -21.87 -16.26
C LYS A 263 14.04 -22.78 -16.40
N LEU A 264 13.83 -23.70 -15.43
CA LEU A 264 12.67 -24.59 -15.41
C LEU A 264 11.82 -24.33 -14.17
N GLN A 265 10.49 -24.53 -14.29
CA GLN A 265 9.57 -24.36 -13.18
C GLN A 265 8.34 -25.24 -13.40
N LEU A 266 7.68 -25.67 -12.31
CA LEU A 266 6.57 -26.61 -12.38
C LEU A 266 5.21 -25.92 -12.27
N SER A 267 5.17 -24.57 -12.32
CA SER A 267 3.94 -23.81 -12.09
C SER A 267 3.18 -23.48 -13.35
N LYS A 268 3.70 -23.85 -14.54
CA LYS A 268 3.15 -23.47 -15.82
C LYS A 268 2.81 -24.66 -16.70
N ASP A 269 1.73 -24.53 -17.51
CA ASP A 269 1.29 -25.54 -18.46
C ASP A 269 2.32 -25.82 -19.58
N THR A 270 3.06 -24.78 -19.99
CA THR A 270 4.14 -24.81 -20.99
C THR A 270 5.44 -25.50 -20.55
N TYR A 271 5.56 -25.97 -19.30
CA TYR A 271 6.69 -26.78 -18.84
C TYR A 271 6.92 -28.03 -19.69
N ASP A 272 5.83 -28.74 -20.08
CA ASP A 272 5.90 -29.88 -20.97
C ASP A 272 6.44 -29.51 -22.37
N ASP A 273 6.03 -28.34 -22.90
CA ASP A 273 6.55 -27.76 -24.13
C ASP A 273 8.04 -27.38 -24.05
N ASP A 274 8.51 -26.83 -22.90
CA ASP A 274 9.91 -26.58 -22.64
C ASP A 274 10.75 -27.86 -22.55
N LEU A 275 10.22 -28.94 -21.93
CA LEU A 275 10.83 -30.25 -21.96
C LEU A 275 10.94 -30.86 -23.35
N ASP A 276 9.93 -30.70 -24.23
CA ASP A 276 10.01 -31.08 -25.62
C ASP A 276 11.15 -30.39 -26.39
N ASN A 277 11.33 -29.06 -26.21
CA ASN A 277 12.49 -28.34 -26.76
C ASN A 277 13.83 -28.81 -26.19
N LEU A 278 13.92 -29.02 -24.86
CA LEU A 278 15.10 -29.53 -24.18
C LEU A 278 15.53 -30.93 -24.62
N LEU A 279 14.62 -31.91 -24.55
CA LEU A 279 14.87 -33.29 -24.92
C LEU A 279 15.19 -33.46 -26.41
N ALA A 280 14.64 -32.61 -27.29
CA ALA A 280 15.04 -32.59 -28.69
C ALA A 280 16.53 -32.31 -28.88
N GLN A 281 17.17 -31.62 -27.91
CA GLN A 281 18.58 -31.26 -27.94
C GLN A 281 19.53 -32.12 -27.11
N ILE A 282 19.07 -32.62 -25.93
CA ILE A 282 19.92 -33.45 -25.07
C ILE A 282 19.63 -34.94 -25.25
N GLY A 283 18.50 -35.29 -25.91
CA GLY A 283 18.11 -36.66 -26.21
C GLY A 283 17.10 -37.29 -25.25
N ASP A 284 16.43 -38.35 -25.74
CA ASP A 284 15.38 -39.09 -25.07
C ASP A 284 15.77 -39.72 -23.73
N GLN A 285 17.05 -40.15 -23.58
CA GLN A 285 17.56 -40.81 -22.39
C GLN A 285 17.56 -39.99 -21.09
N TYR A 286 17.36 -38.65 -21.20
CA TYR A 286 17.30 -37.78 -20.04
C TYR A 286 15.87 -37.41 -19.63
N ALA A 287 14.84 -37.90 -20.36
CA ALA A 287 13.45 -37.60 -20.10
C ALA A 287 12.93 -38.06 -18.74
N ASP A 288 13.38 -39.24 -18.27
CA ASP A 288 12.96 -39.89 -17.06
C ASP A 288 13.16 -39.03 -15.80
N LEU A 289 14.32 -38.35 -15.66
CA LEU A 289 14.63 -37.51 -14.51
C LEU A 289 13.68 -36.32 -14.33
N PHE A 290 13.32 -35.63 -15.43
CA PHE A 290 12.45 -34.47 -15.41
C PHE A 290 10.97 -34.80 -15.24
N LEU A 291 10.50 -35.92 -15.83
CA LEU A 291 9.16 -36.45 -15.65
C LEU A 291 8.92 -37.04 -14.26
N ALA A 292 9.91 -37.77 -13.70
CA ALA A 292 9.86 -38.28 -12.34
C ALA A 292 9.90 -37.17 -11.28
N ALA A 293 10.71 -36.12 -11.48
CA ALA A 293 10.74 -34.94 -10.63
C ALA A 293 9.41 -34.19 -10.57
N LYS A 294 8.74 -33.99 -11.74
CA LYS A 294 7.39 -33.48 -11.81
C LYS A 294 6.36 -34.33 -11.04
N ASN A 295 6.36 -35.66 -11.24
CA ASN A 295 5.45 -36.56 -10.54
C ASN A 295 5.74 -36.66 -9.04
N LEU A 296 7.02 -36.60 -8.64
CA LEU A 296 7.45 -36.60 -7.24
C LEU A 296 6.96 -35.38 -6.48
N SER A 297 7.09 -34.18 -7.08
CA SER A 297 6.51 -32.95 -6.55
C SER A 297 5.02 -33.07 -6.25
N ASP A 298 4.23 -33.69 -7.16
CA ASP A 298 2.82 -33.99 -6.92
C ASP A 298 2.60 -34.94 -5.73
N ALA A 299 3.38 -36.02 -5.67
CA ALA A 299 3.38 -37.00 -4.61
C ALA A 299 3.73 -36.42 -3.23
N ILE A 300 4.79 -35.59 -3.16
CA ILE A 300 5.19 -34.87 -1.96
C ILE A 300 4.16 -33.87 -1.45
N LEU A 301 3.55 -33.05 -2.32
CA LEU A 301 2.44 -32.18 -1.94
C LEU A 301 1.33 -32.90 -1.18
N LEU A 302 0.75 -33.98 -1.75
CA LEU A 302 -0.32 -34.74 -1.11
C LEU A 302 0.12 -35.47 0.16
N SER A 303 1.35 -36.02 0.17
CA SER A 303 1.96 -36.61 1.36
C SER A 303 2.05 -35.66 2.55
N ASP A 304 2.46 -34.40 2.30
CA ASP A 304 2.59 -33.38 3.31
C ASP A 304 1.26 -32.79 3.82
N ILE A 305 0.26 -32.58 2.93
CA ILE A 305 -0.98 -31.90 3.32
C ILE A 305 -2.09 -32.86 3.71
N LEU A 306 -2.09 -34.12 3.21
CA LEU A 306 -3.12 -35.08 3.56
C LEU A 306 -2.64 -36.04 4.64
N ARG A 307 -1.42 -36.62 4.44
CA ARG A 307 -0.81 -37.62 5.30
C ARG A 307 -1.64 -38.91 5.41
N VAL A 308 -2.45 -39.20 4.37
CA VAL A 308 -3.30 -40.37 4.28
C VAL A 308 -3.00 -41.09 2.97
N ASN A 309 -2.80 -42.42 3.02
CA ASN A 309 -2.57 -43.26 1.85
C ASN A 309 -3.85 -43.61 1.07
N THR A 310 -3.71 -43.85 -0.25
CA THR A 310 -4.81 -44.21 -1.14
C THR A 310 -5.07 -45.71 -1.18
N GLU A 311 -6.17 -46.12 -1.86
CA GLU A 311 -6.64 -47.49 -2.06
C GLU A 311 -7.45 -48.05 -0.91
N ILE A 312 -7.16 -47.66 0.36
CA ILE A 312 -8.02 -48.01 1.50
C ILE A 312 -9.34 -47.24 1.43
N THR A 313 -9.33 -46.13 0.68
CA THR A 313 -10.46 -45.28 0.35
C THR A 313 -10.01 -44.55 -0.90
N LYS A 314 -10.96 -44.09 -1.74
CA LYS A 314 -10.65 -43.23 -2.86
C LYS A 314 -10.85 -41.76 -2.49
N ALA A 315 -11.15 -41.48 -1.20
CA ALA A 315 -11.33 -40.14 -0.65
C ALA A 315 -10.31 -39.80 0.46
N PRO A 316 -9.00 -39.65 0.20
CA PRO A 316 -8.01 -39.43 1.24
C PRO A 316 -8.16 -38.08 1.93
N LEU A 317 -8.67 -37.04 1.25
CA LEU A 317 -8.88 -35.72 1.85
C LEU A 317 -9.98 -35.72 2.89
N SER A 318 -11.18 -36.24 2.54
CA SER A 318 -12.25 -36.46 3.51
C SER A 318 -11.85 -37.36 4.66
N ALA A 319 -11.10 -38.45 4.40
CA ALA A 319 -10.55 -39.37 5.39
C ALA A 319 -9.59 -38.73 6.40
N SER A 320 -8.68 -37.86 5.92
CA SER A 320 -7.74 -37.11 6.74
C SER A 320 -8.41 -36.27 7.83
N MET A 321 -9.53 -35.62 7.50
CA MET A 321 -10.36 -34.88 8.46
C MET A 321 -11.10 -35.74 9.48
N ILE A 322 -11.63 -36.91 9.05
CA ILE A 322 -12.37 -37.85 9.89
C ILE A 322 -11.57 -38.44 11.04
N LYS A 323 -10.32 -38.89 10.76
CA LYS A 323 -9.43 -39.46 11.76
C LYS A 323 -9.27 -38.56 12.98
N ARG A 324 -8.81 -37.31 12.77
CA ARG A 324 -8.69 -36.33 13.84
C ARG A 324 -10.02 -35.97 14.52
N TYR A 325 -11.11 -35.83 13.74
CA TYR A 325 -12.45 -35.58 14.26
C TYR A 325 -12.87 -36.59 15.34
N ASP A 326 -12.74 -37.91 15.06
CA ASP A 326 -13.02 -38.98 15.99
C ASP A 326 -12.11 -38.99 17.22
N GLU A 327 -10.80 -38.72 17.03
CA GLU A 327 -9.82 -38.61 18.10
C GLU A 327 -10.11 -37.49 19.11
N HIS A 328 -10.66 -36.35 18.66
CA HIS A 328 -11.11 -35.25 19.50
C HIS A 328 -12.13 -35.65 20.56
N HIS A 329 -13.13 -36.49 20.19
CA HIS A 329 -14.15 -36.97 21.11
C HIS A 329 -13.62 -37.98 22.12
N GLN A 330 -12.68 -38.85 21.70
CA GLN A 330 -11.99 -39.77 22.57
C GLN A 330 -11.06 -39.12 23.60
N ASP A 331 -10.26 -38.13 23.18
CA ASP A 331 -9.39 -37.35 24.06
C ASP A 331 -10.17 -36.47 25.05
N LEU A 332 -11.28 -35.84 24.61
CA LEU A 332 -12.17 -35.08 25.46
C LEU A 332 -12.88 -35.92 26.51
N THR A 333 -13.43 -37.09 26.11
CA THR A 333 -14.03 -38.07 27.01
C THR A 333 -13.05 -38.56 28.07
N LEU A 334 -11.81 -38.89 27.66
CA LEU A 334 -10.73 -39.24 28.59
C LEU A 334 -10.44 -38.14 29.61
N LEU A 335 -10.26 -36.88 29.17
CA LEU A 335 -9.99 -35.75 30.04
C LEU A 335 -11.15 -35.44 30.98
N LYS A 336 -12.40 -35.49 30.49
CA LYS A 336 -13.60 -35.38 31.29
C LYS A 336 -13.70 -36.39 32.44
N ALA A 337 -13.37 -37.67 32.16
CA ALA A 337 -13.23 -38.70 33.18
C ALA A 337 -12.11 -38.41 34.19
N LEU A 338 -10.93 -37.96 33.72
CA LEU A 338 -9.85 -37.54 34.58
C LEU A 338 -10.16 -36.32 35.47
N VAL A 339 -10.85 -35.28 34.96
CA VAL A 339 -11.27 -34.14 35.79
C VAL A 339 -12.34 -34.51 36.82
N ARG A 340 -13.35 -35.33 36.45
CA ARG A 340 -14.32 -35.83 37.41
C ARG A 340 -13.72 -36.56 38.61
N GLN A 341 -12.67 -37.36 38.36
CA GLN A 341 -11.95 -38.09 39.39
C GLN A 341 -10.91 -37.29 40.20
N GLN A 342 -10.23 -36.31 39.56
CA GLN A 342 -9.16 -35.57 40.19
C GLN A 342 -9.51 -34.16 40.65
N LEU A 343 -10.39 -33.45 39.92
CA LEU A 343 -10.82 -32.09 40.23
C LEU A 343 -12.36 -31.96 40.29
N PRO A 344 -13.09 -32.62 41.19
CA PRO A 344 -14.54 -32.47 41.29
C PRO A 344 -14.95 -31.01 41.47
N GLU A 345 -14.27 -30.26 42.35
CA GLU A 345 -14.58 -28.87 42.67
C GLU A 345 -14.66 -27.91 41.49
N LYS A 346 -13.70 -27.99 40.54
CA LYS A 346 -13.61 -27.10 39.39
C LYS A 346 -14.24 -27.68 38.12
N TYR A 347 -14.93 -28.84 38.20
CA TYR A 347 -15.55 -29.51 37.07
C TYR A 347 -16.51 -28.64 36.23
N LYS A 348 -17.47 -27.94 36.87
CA LYS A 348 -18.32 -27.00 36.15
C LYS A 348 -17.58 -25.82 35.52
N GLU A 349 -16.69 -25.16 36.32
CA GLU A 349 -15.88 -24.02 35.92
C GLU A 349 -14.98 -24.24 34.71
N ILE A 350 -14.27 -25.39 34.64
CA ILE A 350 -13.37 -25.71 33.53
C ILE A 350 -14.07 -25.76 32.16
N PHE A 351 -15.28 -26.36 32.09
CA PHE A 351 -15.98 -26.54 30.84
C PHE A 351 -17.03 -25.46 30.58
N PHE A 352 -17.66 -24.92 31.64
CA PHE A 352 -18.71 -23.93 31.52
C PHE A 352 -18.36 -22.64 32.27
N ASP A 353 -18.05 -21.57 31.51
CA ASP A 353 -17.56 -20.26 31.92
C ASP A 353 -16.61 -19.78 30.82
N GLN A 354 -17.07 -18.81 30.00
CA GLN A 354 -16.41 -18.26 28.84
C GLN A 354 -15.15 -17.44 29.12
N SER A 355 -15.12 -16.74 30.28
CA SER A 355 -14.13 -15.76 30.72
C SER A 355 -12.65 -16.17 30.74
N LYS A 356 -12.33 -17.45 30.97
CA LYS A 356 -10.96 -17.95 30.93
C LYS A 356 -10.65 -18.65 29.61
N ASN A 357 -11.56 -18.55 28.62
CA ASN A 357 -11.52 -19.23 27.33
C ASN A 357 -11.64 -20.76 27.47
N GLY A 358 -12.67 -21.21 28.23
CA GLY A 358 -12.98 -22.62 28.47
C GLY A 358 -13.65 -23.34 27.31
N TYR A 359 -14.11 -24.58 27.56
CA TYR A 359 -14.62 -25.48 26.53
C TYR A 359 -15.96 -25.06 25.90
N ALA A 360 -16.93 -24.57 26.70
CA ALA A 360 -18.19 -24.05 26.21
C ALA A 360 -18.05 -22.80 25.34
N GLY A 361 -17.20 -21.85 25.79
CA GLY A 361 -16.85 -20.65 25.03
C GLY A 361 -16.07 -20.94 23.79
N TYR A 362 -15.16 -21.92 23.85
CA TYR A 362 -14.46 -22.42 22.68
C TYR A 362 -15.35 -23.08 21.61
N ILE A 363 -16.29 -23.98 21.99
CA ILE A 363 -17.20 -24.59 21.03
C ILE A 363 -18.27 -23.66 20.46
N ASP A 364 -18.95 -22.86 21.31
CA ASP A 364 -20.04 -21.98 20.89
C ASP A 364 -19.57 -20.57 20.55
N GLY A 365 -18.29 -20.24 20.82
CA GLY A 365 -17.70 -18.93 20.55
C GLY A 365 -16.51 -18.99 19.63
N GLY A 366 -15.76 -17.87 19.56
CA GLY A 366 -14.57 -17.71 18.72
C GLY A 366 -13.28 -17.64 19.48
N ALA A 367 -13.17 -18.40 20.60
CA ALA A 367 -11.99 -18.43 21.46
C ALA A 367 -10.69 -18.87 20.76
N SER A 368 -9.55 -18.18 21.05
CA SER A 368 -8.27 -18.47 20.40
C SER A 368 -7.66 -19.81 20.81
N GLN A 369 -6.97 -20.48 19.85
CA GLN A 369 -6.28 -21.73 20.08
C GLN A 369 -5.22 -21.66 21.18
N GLU A 370 -4.33 -20.63 21.15
CA GLU A 370 -3.25 -20.48 22.09
C GLU A 370 -3.73 -20.20 23.52
N GLU A 371 -4.82 -19.41 23.67
CA GLU A 371 -5.46 -19.16 24.96
C GLU A 371 -6.17 -20.39 25.53
N PHE A 372 -6.84 -21.17 24.67
CA PHE A 372 -7.45 -22.45 25.05
C PHE A 372 -6.42 -23.48 25.53
N TYR A 373 -5.31 -23.66 24.79
CA TYR A 373 -4.18 -24.50 25.19
C TYR A 373 -3.46 -24.02 26.45
N LYS A 374 -3.23 -22.71 26.60
CA LYS A 374 -2.67 -22.10 27.79
C LYS A 374 -3.41 -22.40 29.09
N PHE A 375 -4.76 -22.28 29.08
CA PHE A 375 -5.58 -22.64 30.22
C PHE A 375 -5.47 -24.12 30.64
N ILE A 376 -5.61 -25.06 29.69
CA ILE A 376 -5.61 -26.48 29.98
C ILE A 376 -4.23 -27.10 30.18
N LYS A 377 -3.15 -26.46 29.66
CA LYS A 377 -1.79 -26.95 29.80
C LYS A 377 -1.23 -27.16 31.23
N PRO A 378 -1.21 -26.21 32.18
CA PRO A 378 -0.70 -26.46 33.52
C PRO A 378 -1.62 -27.41 34.28
N ILE A 379 -2.92 -27.45 33.94
CA ILE A 379 -3.89 -28.38 34.51
C ILE A 379 -3.52 -29.83 34.17
N LEU A 380 -3.26 -30.12 32.87
CA LEU A 380 -2.76 -31.41 32.42
C LEU A 380 -1.41 -31.79 32.99
N GLU A 381 -0.47 -30.82 33.15
CA GLU A 381 0.81 -31.06 33.79
C GLU A 381 0.75 -31.48 35.26
N LYS A 382 -0.16 -30.87 36.05
CA LYS A 382 -0.41 -31.23 37.44
C LYS A 382 -1.17 -32.55 37.66
N MET A 383 -2.10 -32.88 36.74
CA MET A 383 -2.88 -34.11 36.76
C MET A 383 -2.19 -35.40 36.32
N ASP A 384 -2.67 -36.55 36.84
CA ASP A 384 -2.14 -37.87 36.53
C ASP A 384 -2.86 -38.49 35.31
N GLY A 385 -2.13 -39.29 34.51
CA GLY A 385 -2.68 -39.98 33.33
C GLY A 385 -2.91 -39.12 32.12
N THR A 386 -2.13 -38.03 31.98
CA THR A 386 -2.28 -37.02 30.94
C THR A 386 -1.13 -37.00 29.94
N GLU A 387 -0.22 -37.99 29.97
CA GLU A 387 0.91 -38.07 29.07
C GLU A 387 0.58 -37.88 27.59
N GLU A 388 -0.39 -38.64 27.04
CA GLU A 388 -0.83 -38.51 25.67
C GLU A 388 -1.49 -37.17 25.33
N LEU A 389 -2.30 -36.63 26.27
CA LEU A 389 -2.97 -35.34 26.17
C LEU A 389 -2.01 -34.15 26.06
N LEU A 390 -0.88 -34.20 26.80
CA LEU A 390 0.20 -33.22 26.71
C LEU A 390 0.96 -33.23 25.38
N VAL A 391 1.13 -34.42 24.75
CA VAL A 391 1.69 -34.57 23.41
C VAL A 391 0.82 -33.92 22.31
N LYS A 392 -0.52 -34.08 22.37
CA LYS A 392 -1.46 -33.50 21.43
C LYS A 392 -1.41 -31.97 21.36
N LEU A 393 -1.04 -31.30 22.47
CA LEU A 393 -0.83 -29.86 22.54
C LEU A 393 0.28 -29.36 21.61
N ASN A 394 1.44 -30.06 21.61
CA ASN A 394 2.59 -29.76 20.78
C ASN A 394 2.39 -30.12 19.31
N ARG A 395 1.61 -31.19 19.04
CA ARG A 395 1.23 -31.60 17.71
C ARG A 395 0.13 -30.72 17.08
N GLU A 396 -0.62 -29.98 17.92
CA GLU A 396 -1.79 -29.19 17.55
C GLU A 396 -2.95 -30.05 17.07
N ASP A 397 -3.09 -31.25 17.66
CA ASP A 397 -4.12 -32.20 17.32
C ASP A 397 -5.19 -32.29 18.42
N LEU A 398 -5.13 -31.43 19.46
CA LEU A 398 -6.08 -31.49 20.55
C LEU A 398 -7.26 -30.56 20.31
N LEU A 399 -8.45 -31.12 20.05
CA LEU A 399 -9.72 -30.42 19.90
C LEU A 399 -9.74 -29.29 18.87
N ARG A 400 -9.07 -29.44 17.71
CA ARG A 400 -9.12 -28.45 16.65
C ARG A 400 -10.48 -28.38 15.95
N LYS A 401 -11.13 -27.18 15.97
CA LYS A 401 -12.41 -26.94 15.36
C LYS A 401 -12.45 -27.24 13.86
N GLN A 402 -13.46 -28.01 13.39
CA GLN A 402 -13.59 -28.38 11.98
C GLN A 402 -13.57 -27.19 11.02
N ARG A 403 -14.38 -26.16 11.31
CA ARG A 403 -14.42 -24.91 10.59
C ARG A 403 -13.42 -23.90 11.15
N THR A 404 -12.26 -23.75 10.47
CA THR A 404 -11.22 -22.80 10.84
C THR A 404 -10.40 -22.55 9.60
N PHE A 405 -9.72 -21.39 9.51
CA PHE A 405 -8.92 -20.97 8.37
C PHE A 405 -7.85 -22.01 7.97
N ASP A 406 -7.21 -22.64 8.97
CA ASP A 406 -6.17 -23.62 8.76
C ASP A 406 -6.66 -24.87 8.02
N ASN A 407 -7.98 -25.18 8.10
CA ASN A 407 -8.59 -26.31 7.40
C ASN A 407 -9.23 -25.85 6.10
N GLY A 408 -9.07 -24.56 5.71
CA GLY A 408 -9.74 -23.98 4.56
C GLY A 408 -8.88 -23.82 3.32
N SER A 409 -7.56 -23.67 3.48
CA SER A 409 -6.61 -23.43 2.39
C SER A 409 -6.24 -24.68 1.60
N ILE A 410 -7.25 -25.35 1.01
CA ILE A 410 -7.12 -26.61 0.29
C ILE A 410 -7.14 -26.36 -1.22
N PRO A 411 -6.28 -26.94 -2.06
CA PRO A 411 -6.27 -26.74 -3.52
C PRO A 411 -7.44 -27.32 -4.32
N HIS A 412 -7.75 -26.78 -5.51
CA HIS A 412 -8.88 -27.21 -6.33
C HIS A 412 -8.78 -28.66 -6.81
N GLN A 413 -7.55 -29.18 -7.01
CA GLN A 413 -7.27 -30.47 -7.64
C GLN A 413 -7.68 -31.68 -6.83
N ILE A 414 -7.27 -31.77 -5.55
CA ILE A 414 -7.74 -32.80 -4.63
C ILE A 414 -9.26 -32.78 -4.43
N HIS A 415 -9.93 -31.60 -4.58
CA HIS A 415 -11.39 -31.51 -4.61
C HIS A 415 -12.01 -32.07 -5.88
N LEU A 416 -11.41 -31.83 -7.06
CA LEU A 416 -11.78 -32.46 -8.33
C LEU A 416 -11.71 -33.98 -8.31
N GLY A 417 -10.64 -34.55 -7.70
CA GLY A 417 -10.50 -35.99 -7.47
C GLY A 417 -11.71 -36.65 -6.86
N GLU A 418 -12.14 -36.18 -5.67
CA GLU A 418 -13.34 -36.67 -5.00
C GLU A 418 -14.64 -36.37 -5.75
N LEU A 419 -14.78 -35.18 -6.38
CA LEU A 419 -15.92 -34.78 -7.18
C LEU A 419 -16.13 -35.62 -8.44
N HIS A 420 -15.03 -35.96 -9.14
CA HIS A 420 -15.07 -36.85 -10.29
C HIS A 420 -15.64 -38.23 -9.92
N ALA A 421 -15.26 -38.74 -8.74
CA ALA A 421 -15.86 -39.94 -8.16
C ALA A 421 -17.31 -39.78 -7.73
N ILE A 422 -17.73 -38.65 -7.08
CA ILE A 422 -19.14 -38.41 -6.74
C ILE A 422 -20.05 -38.44 -7.97
N LEU A 423 -19.60 -37.83 -9.10
CA LEU A 423 -20.31 -37.88 -10.36
C LEU A 423 -20.27 -39.25 -11.06
N ARG A 424 -19.09 -39.92 -11.13
CA ARG A 424 -18.96 -41.19 -11.82
C ARG A 424 -19.76 -42.33 -11.16
N ARG A 425 -19.77 -42.42 -9.82
CA ARG A 425 -20.46 -43.47 -9.09
C ARG A 425 -21.97 -43.48 -9.31
N GLN A 426 -22.58 -42.31 -9.59
CA GLN A 426 -24.02 -42.16 -9.72
C GLN A 426 -24.51 -42.11 -11.17
N GLU A 427 -23.62 -42.26 -12.18
CA GLU A 427 -23.97 -42.23 -13.60
C GLU A 427 -24.93 -43.33 -14.08
N ASP A 428 -24.90 -44.52 -13.45
CA ASP A 428 -25.75 -45.64 -13.78
C ASP A 428 -27.02 -45.64 -12.92
N PHE A 429 -27.23 -44.58 -12.10
CA PHE A 429 -28.42 -44.39 -11.30
C PHE A 429 -29.17 -43.13 -11.71
N TYR A 430 -28.45 -42.07 -12.13
CA TYR A 430 -28.99 -40.86 -12.69
C TYR A 430 -28.37 -40.59 -14.08
N PRO A 431 -29.06 -40.83 -15.21
CA PRO A 431 -28.48 -40.61 -16.54
C PRO A 431 -28.22 -39.15 -16.85
N PHE A 432 -28.84 -38.23 -16.08
CA PHE A 432 -28.70 -36.79 -16.19
C PHE A 432 -27.28 -36.29 -15.89
N LEU A 433 -26.56 -37.01 -15.01
CA LEU A 433 -25.18 -36.72 -14.64
C LEU A 433 -24.17 -36.96 -15.76
N LYS A 434 -24.41 -37.95 -16.65
CA LYS A 434 -23.59 -38.17 -17.83
C LYS A 434 -23.55 -36.98 -18.80
N ASP A 435 -24.69 -36.30 -18.96
CA ASP A 435 -24.83 -35.10 -19.76
C ASP A 435 -24.32 -33.82 -19.08
N ASN A 436 -24.55 -33.67 -17.75
CA ASN A 436 -24.10 -32.49 -17.03
C ASN A 436 -22.63 -32.51 -16.60
N ARG A 437 -21.97 -33.69 -16.53
CA ARG A 437 -20.58 -33.79 -16.11
C ARG A 437 -19.62 -32.86 -16.84
N GLU A 438 -19.77 -32.69 -18.18
CA GLU A 438 -18.98 -31.78 -18.99
C GLU A 438 -19.01 -30.34 -18.45
N LYS A 439 -20.22 -29.78 -18.28
CA LYS A 439 -20.43 -28.45 -17.74
C LYS A 439 -19.94 -28.29 -16.30
N ILE A 440 -20.14 -29.32 -15.45
CA ILE A 440 -19.69 -29.34 -14.06
C ILE A 440 -18.18 -29.37 -13.88
N GLU A 441 -17.45 -30.23 -14.62
CA GLU A 441 -15.99 -30.28 -14.59
C GLU A 441 -15.34 -28.96 -15.05
N LYS A 442 -15.94 -28.30 -16.06
CA LYS A 442 -15.48 -27.03 -16.57
C LYS A 442 -15.57 -25.86 -15.60
N ILE A 443 -16.74 -25.66 -14.95
CA ILE A 443 -16.95 -24.65 -13.92
C ILE A 443 -16.20 -24.95 -12.62
N LEU A 444 -15.91 -26.23 -12.30
CA LEU A 444 -15.04 -26.58 -11.17
C LEU A 444 -13.59 -26.21 -11.44
N THR A 445 -13.10 -26.37 -12.68
CA THR A 445 -11.74 -25.99 -13.10
C THR A 445 -11.52 -24.51 -13.42
N PHE A 446 -12.55 -23.82 -13.94
CA PHE A 446 -12.58 -22.46 -14.47
C PHE A 446 -11.81 -21.35 -13.74
N ARG A 447 -11.07 -20.52 -14.51
CA ARG A 447 -10.43 -19.33 -13.98
C ARG A 447 -10.27 -18.27 -15.07
N ILE A 448 -10.60 -17.00 -14.75
CA ILE A 448 -10.63 -15.88 -15.68
C ILE A 448 -9.22 -15.31 -15.99
N PRO A 449 -8.73 -15.34 -17.24
CA PRO A 449 -7.41 -14.79 -17.57
C PRO A 449 -7.46 -13.28 -17.77
N TYR A 450 -6.28 -12.63 -17.82
CA TYR A 450 -6.12 -11.18 -17.96
C TYR A 450 -6.81 -10.59 -19.18
N TYR A 451 -6.76 -11.34 -20.31
CA TYR A 451 -7.16 -10.89 -21.64
C TYR A 451 -8.66 -11.04 -21.89
N VAL A 452 -9.41 -11.67 -20.96
CA VAL A 452 -10.85 -11.81 -21.03
C VAL A 452 -11.51 -10.94 -19.97
N GLY A 453 -11.11 -11.08 -18.68
CA GLY A 453 -11.62 -10.27 -17.57
C GLY A 453 -13.14 -10.19 -17.40
N PRO A 454 -13.67 -9.07 -16.91
CA PRO A 454 -15.11 -8.80 -16.78
C PRO A 454 -16.03 -9.13 -17.96
N LEU A 455 -17.09 -9.92 -17.72
CA LEU A 455 -18.02 -10.38 -18.75
C LEU A 455 -19.40 -9.74 -18.60
N ALA A 456 -19.45 -8.48 -18.10
CA ALA A 456 -20.64 -7.68 -17.85
C ALA A 456 -21.60 -7.43 -19.02
N ARG A 457 -22.93 -7.64 -18.79
CA ARG A 457 -23.96 -7.34 -19.77
C ARG A 457 -24.09 -5.86 -20.14
N GLY A 458 -24.02 -4.98 -19.12
CA GLY A 458 -24.09 -3.52 -19.26
C GLY A 458 -22.83 -2.83 -19.77
N ASN A 459 -22.95 -1.55 -20.11
CA ASN A 459 -21.85 -0.73 -20.61
C ASN A 459 -21.28 0.13 -19.49
N SER A 460 -19.94 0.11 -19.31
CA SER A 460 -19.25 0.84 -18.26
C SER A 460 -17.79 0.91 -18.68
N ARG A 461 -16.99 1.79 -18.04
CA ARG A 461 -15.56 1.99 -18.31
C ARG A 461 -14.72 0.72 -18.33
N PHE A 462 -14.96 -0.18 -17.35
CA PHE A 462 -14.14 -1.37 -17.15
C PHE A 462 -14.76 -2.61 -17.80
N ALA A 463 -15.73 -2.43 -18.71
CA ALA A 463 -16.27 -3.50 -19.52
C ALA A 463 -15.48 -3.66 -20.82
N TRP A 464 -14.42 -4.50 -20.80
CA TRP A 464 -13.49 -4.66 -21.91
C TRP A 464 -14.06 -5.47 -23.08
N MET A 465 -15.10 -6.29 -22.84
CA MET A 465 -15.68 -7.18 -23.83
C MET A 465 -16.75 -6.60 -24.76
N THR A 466 -16.75 -7.10 -26.02
CA THR A 466 -17.72 -6.74 -27.04
C THR A 466 -18.68 -7.91 -27.16
N ARG A 467 -19.96 -7.68 -26.86
CA ARG A 467 -20.98 -8.73 -26.85
C ARG A 467 -21.81 -8.68 -28.12
N LYS A 468 -21.91 -9.83 -28.81
CA LYS A 468 -22.56 -10.02 -30.09
C LYS A 468 -24.08 -9.96 -30.10
N SER A 469 -24.73 -10.51 -29.06
CA SER A 469 -26.19 -10.59 -29.00
C SER A 469 -26.63 -10.90 -27.58
N GLU A 470 -27.95 -10.77 -27.30
CA GLU A 470 -28.54 -10.99 -25.99
C GLU A 470 -28.70 -12.48 -25.63
N GLU A 471 -27.58 -13.15 -25.37
CA GLU A 471 -27.60 -14.56 -24.97
C GLU A 471 -26.87 -14.78 -23.65
N THR A 472 -25.60 -15.16 -23.75
CA THR A 472 -24.82 -15.55 -22.57
C THR A 472 -23.38 -15.08 -22.70
N ILE A 473 -22.68 -15.01 -21.57
CA ILE A 473 -21.27 -14.67 -21.57
C ILE A 473 -20.46 -15.78 -20.91
N THR A 474 -21.15 -16.85 -20.52
CA THR A 474 -20.50 -18.01 -19.92
C THR A 474 -19.55 -18.67 -20.92
N PRO A 475 -18.51 -19.40 -20.47
CA PRO A 475 -17.56 -20.07 -21.35
C PRO A 475 -18.30 -20.92 -22.36
N TRP A 476 -19.46 -21.43 -21.96
CA TRP A 476 -20.30 -22.23 -22.86
C TRP A 476 -20.80 -21.37 -24.01
N ASN A 477 -20.43 -21.76 -25.23
CA ASN A 477 -20.78 -21.00 -26.41
C ASN A 477 -20.17 -19.60 -26.37
N PHE A 478 -19.01 -19.48 -25.71
CA PHE A 478 -18.28 -18.25 -25.56
C PHE A 478 -17.97 -17.51 -26.86
N GLU A 479 -17.42 -18.20 -27.86
CA GLU A 479 -16.99 -17.61 -29.12
C GLU A 479 -18.16 -17.15 -29.99
N GLU A 480 -19.39 -17.59 -29.68
CA GLU A 480 -20.58 -17.29 -30.44
C GLU A 480 -21.26 -16.02 -29.90
N VAL A 481 -20.93 -15.61 -28.66
CA VAL A 481 -21.58 -14.50 -27.97
C VAL A 481 -20.63 -13.34 -27.69
N VAL A 482 -19.34 -13.62 -27.50
CA VAL A 482 -18.31 -12.61 -27.28
C VAL A 482 -17.03 -12.97 -28.02
N ASP A 483 -16.08 -12.02 -28.10
CA ASP A 483 -14.82 -12.21 -28.78
C ASP A 483 -13.68 -11.81 -27.84
N LYS A 484 -12.92 -12.82 -27.35
CA LYS A 484 -11.77 -12.61 -26.48
C LYS A 484 -10.68 -11.78 -27.15
N GLY A 485 -10.67 -11.69 -28.50
CA GLY A 485 -9.74 -10.83 -29.23
C GLY A 485 -10.02 -9.36 -29.02
N ALA A 486 -11.31 -8.98 -29.07
CA ALA A 486 -11.76 -7.63 -28.77
C ALA A 486 -11.49 -7.20 -27.32
N SER A 487 -11.70 -8.10 -26.34
CA SER A 487 -11.37 -7.84 -24.94
C SER A 487 -9.89 -7.82 -24.65
N ALA A 488 -9.09 -8.66 -25.34
CA ALA A 488 -7.64 -8.64 -25.25
C ALA A 488 -7.02 -7.36 -25.79
N GLN A 489 -7.52 -6.85 -26.93
CA GLN A 489 -7.08 -5.59 -27.50
C GLN A 489 -7.44 -4.37 -26.67
N SER A 490 -8.70 -4.31 -26.16
CA SER A 490 -9.16 -3.24 -25.25
C SER A 490 -8.47 -3.26 -23.89
N PHE A 491 -8.14 -4.46 -23.38
CA PHE A 491 -7.30 -4.67 -22.23
C PHE A 491 -5.88 -4.11 -22.39
N ILE A 492 -5.18 -4.48 -23.47
CA ILE A 492 -3.86 -3.96 -23.81
C ILE A 492 -3.82 -2.46 -24.11
N GLU A 493 -4.83 -1.89 -24.80
CA GLU A 493 -4.87 -0.45 -25.04
C GLU A 493 -5.05 0.39 -23.77
N ARG A 494 -5.68 -0.19 -22.72
CA ARG A 494 -5.82 0.41 -21.41
C ARG A 494 -4.71 0.14 -20.40
N MET A 495 -4.10 -1.07 -20.45
CA MET A 495 -3.04 -1.48 -19.54
C MET A 495 -1.77 -1.95 -20.25
N THR A 496 -0.77 -1.05 -20.32
CA THR A 496 0.52 -1.24 -20.99
C THR A 496 1.28 0.03 -20.72
N ASN A 497 2.61 0.05 -20.96
CA ASN A 497 3.37 1.28 -20.90
C ASN A 497 2.90 2.24 -22.02
N PHE A 498 2.65 3.52 -21.71
CA PHE A 498 2.08 4.50 -22.62
C PHE A 498 3.12 5.54 -23.00
N ASP A 499 2.93 6.23 -24.15
CA ASP A 499 3.78 7.34 -24.54
C ASP A 499 3.36 8.60 -23.78
N LYS A 500 4.32 9.37 -23.26
CA LYS A 500 4.06 10.52 -22.42
C LYS A 500 3.88 11.79 -23.25
N ASN A 501 4.15 11.71 -24.58
CA ASN A 501 3.96 12.82 -25.49
C ASN A 501 2.68 12.66 -26.30
N LEU A 502 2.22 11.41 -26.46
CA LEU A 502 0.96 11.06 -27.11
C LEU A 502 -0.03 10.54 -26.06
N PRO A 503 -0.96 11.32 -25.49
CA PRO A 503 -1.79 10.83 -24.39
C PRO A 503 -2.59 9.57 -24.70
N ASN A 504 -2.99 9.37 -25.97
CA ASN A 504 -3.85 8.27 -26.38
C ASN A 504 -3.09 7.13 -27.04
N GLU A 505 -1.74 7.17 -27.09
CA GLU A 505 -0.93 6.15 -27.75
C GLU A 505 0.10 5.51 -26.82
N LYS A 506 0.68 4.37 -27.26
CA LYS A 506 1.65 3.59 -26.50
C LYS A 506 2.99 3.40 -27.20
N VAL A 507 4.06 3.22 -26.39
CA VAL A 507 5.44 3.00 -26.79
C VAL A 507 5.76 1.64 -27.43
N LEU A 508 6.90 1.58 -28.15
CA LEU A 508 7.42 0.37 -28.79
C LEU A 508 8.00 -0.66 -27.82
N PRO A 509 8.07 -1.96 -28.13
CA PRO A 509 8.70 -2.93 -27.24
C PRO A 509 10.22 -2.76 -27.15
N LYS A 510 10.87 -3.20 -26.04
CA LYS A 510 12.31 -3.02 -25.89
C LYS A 510 13.10 -3.82 -26.92
N HIS A 511 12.43 -4.76 -27.57
CA HIS A 511 13.06 -5.58 -28.61
C HIS A 511 12.77 -5.05 -30.01
N SER A 512 12.36 -3.84 -30.05
CA SER A 512 12.12 -3.23 -31.36
C SER A 512 13.42 -3.08 -32.15
N LEU A 513 13.38 -3.47 -33.42
CA LEU A 513 14.46 -3.31 -34.36
C LEU A 513 14.73 -1.86 -34.73
N LEU A 514 13.67 -1.02 -34.83
CA LEU A 514 13.80 0.42 -34.95
C LEU A 514 14.49 1.08 -33.75
N TYR A 515 14.09 0.72 -32.52
CA TYR A 515 14.73 1.13 -31.29
C TYR A 515 16.24 0.81 -31.30
N GLU A 516 16.63 -0.43 -31.66
CA GLU A 516 18.02 -0.82 -31.84
C GLU A 516 18.78 -0.09 -32.96
N TYR A 517 18.14 0.19 -34.11
CA TYR A 517 18.69 1.01 -35.18
C TYR A 517 18.98 2.45 -34.77
N PHE A 518 18.08 3.06 -33.98
CA PHE A 518 18.26 4.40 -33.44
C PHE A 518 19.57 4.61 -32.67
N THR A 519 19.90 3.73 -31.70
CA THR A 519 21.19 3.73 -31.02
C THR A 519 22.39 3.46 -31.93
N VAL A 520 22.31 2.47 -32.87
CA VAL A 520 23.39 2.22 -33.82
C VAL A 520 23.72 3.42 -34.72
N TYR A 521 22.72 4.10 -35.30
CA TYR A 521 22.91 5.31 -36.09
C TYR A 521 23.48 6.50 -35.32
N ASN A 522 23.14 6.66 -34.02
CA ASN A 522 23.74 7.66 -33.15
C ASN A 522 25.26 7.45 -32.95
N GLU A 523 25.71 6.20 -32.76
CA GLU A 523 27.12 5.87 -32.65
C GLU A 523 27.90 6.00 -33.96
N LEU A 524 27.26 5.63 -35.10
CA LEU A 524 27.80 5.82 -36.43
C LEU A 524 27.96 7.29 -36.84
N THR A 525 27.01 8.17 -36.42
CA THR A 525 27.12 9.63 -36.57
C THR A 525 28.36 10.22 -35.91
N LYS A 526 28.84 9.65 -34.78
CA LYS A 526 30.04 10.09 -34.09
C LYS A 526 31.34 9.78 -34.85
N VAL A 527 31.27 8.84 -35.81
CA VAL A 527 32.40 8.30 -36.56
C VAL A 527 32.92 9.21 -37.68
N LYS A 528 34.24 9.49 -37.64
CA LYS A 528 35.00 10.18 -38.65
C LYS A 528 35.93 9.16 -39.26
N TYR A 529 36.29 9.28 -40.56
CA TYR A 529 37.18 8.34 -41.22
C TYR A 529 38.12 9.04 -42.21
N VAL A 530 39.24 8.35 -42.51
CA VAL A 530 40.32 8.77 -43.40
C VAL A 530 40.51 7.65 -44.43
N THR A 531 40.65 7.99 -45.73
CA THR A 531 40.90 7.02 -46.81
C THR A 531 42.24 7.30 -47.50
N GLU A 532 42.52 6.58 -48.62
CA GLU A 532 43.71 6.73 -49.44
C GLU A 532 43.81 8.09 -50.13
N GLY A 533 42.64 8.71 -50.47
CA GLY A 533 42.57 10.03 -51.10
C GLY A 533 42.18 11.13 -50.16
N MET A 534 41.36 10.83 -49.13
CA MET A 534 40.94 11.80 -48.14
C MET A 534 42.05 12.15 -47.14
N ARG A 535 42.48 13.43 -47.12
CA ARG A 535 43.57 13.91 -46.28
C ARG A 535 43.29 14.10 -44.79
N LYS A 536 42.08 14.58 -44.43
CA LYS A 536 41.68 14.82 -43.04
C LYS A 536 40.38 14.09 -42.70
N PRO A 537 40.13 13.67 -41.45
CA PRO A 537 38.91 12.97 -41.04
C PRO A 537 37.55 13.58 -41.38
N ALA A 538 36.60 12.78 -41.89
CA ALA A 538 35.28 13.26 -42.24
C ALA A 538 34.21 12.28 -41.76
N PHE A 539 33.01 12.78 -41.42
CA PHE A 539 31.90 11.99 -40.89
C PHE A 539 31.18 11.08 -41.89
N LEU A 540 30.68 9.91 -41.42
CA LEU A 540 29.91 8.98 -42.24
C LEU A 540 28.62 9.58 -42.83
N SER A 541 28.33 9.29 -44.11
CA SER A 541 27.09 9.68 -44.77
C SER A 541 26.01 8.61 -44.59
N GLY A 542 24.74 8.93 -44.91
CA GLY A 542 23.61 8.01 -44.75
C GLY A 542 23.72 6.67 -45.42
N GLU A 543 24.16 6.63 -46.69
CA GLU A 543 24.40 5.40 -47.42
C GLU A 543 25.52 4.56 -46.81
N GLN A 544 26.59 5.19 -46.29
CA GLN A 544 27.66 4.51 -45.57
C GLN A 544 27.23 3.96 -44.21
N LYS A 545 26.37 4.69 -43.46
CA LYS A 545 25.78 4.18 -42.23
C LYS A 545 24.90 2.96 -42.44
N LYS A 546 24.05 3.00 -43.48
CA LYS A 546 23.22 1.89 -43.91
C LYS A 546 24.08 0.69 -44.35
N ALA A 547 25.13 0.91 -45.15
CA ALA A 547 26.06 -0.11 -45.58
C ALA A 547 26.78 -0.84 -44.43
N ILE A 548 27.24 -0.12 -43.38
CA ILE A 548 27.79 -0.71 -42.18
C ILE A 548 26.78 -1.55 -41.40
N VAL A 549 25.53 -1.05 -41.22
CA VAL A 549 24.43 -1.84 -40.67
C VAL A 549 24.08 -3.09 -41.49
N ASP A 550 24.01 -2.99 -42.84
CA ASP A 550 23.76 -4.10 -43.73
C ASP A 550 24.87 -5.17 -43.75
N LEU A 551 26.14 -4.76 -43.63
CA LEU A 551 27.28 -5.66 -43.63
C LEU A 551 27.63 -6.15 -42.23
N LEU A 552 28.19 -5.26 -41.38
CA LEU A 552 28.84 -5.60 -40.13
C LEU A 552 27.91 -5.88 -38.94
N PHE A 553 26.84 -5.09 -38.74
CA PHE A 553 25.84 -5.33 -37.69
C PHE A 553 24.90 -6.50 -37.93
N LYS A 554 24.67 -6.85 -39.21
CA LYS A 554 23.89 -8.02 -39.59
C LYS A 554 24.69 -9.32 -39.65
N THR A 555 26.02 -9.26 -39.49
CA THR A 555 26.87 -10.46 -39.45
C THR A 555 27.54 -10.69 -38.10
N ASN A 556 27.59 -9.68 -37.20
CA ASN A 556 28.08 -9.82 -35.85
C ASN A 556 27.40 -8.77 -34.97
N ARG A 557 26.90 -9.14 -33.77
CA ARG A 557 26.21 -8.23 -32.86
C ARG A 557 26.90 -6.88 -32.61
N LYS A 558 28.22 -6.90 -32.40
CA LYS A 558 29.03 -5.73 -32.11
C LYS A 558 30.03 -5.50 -33.23
N VAL A 559 30.40 -4.21 -33.45
CA VAL A 559 31.35 -3.81 -34.48
C VAL A 559 32.58 -3.19 -33.83
N THR A 560 33.77 -3.52 -34.36
CA THR A 560 35.06 -3.06 -33.90
C THR A 560 35.79 -2.41 -35.08
N VAL A 561 36.88 -1.65 -34.80
CA VAL A 561 37.70 -0.99 -35.81
C VAL A 561 38.34 -1.93 -36.83
N LYS A 562 38.88 -3.10 -36.41
CA LYS A 562 39.37 -4.13 -37.31
C LYS A 562 38.36 -4.58 -38.37
N GLN A 563 37.07 -4.74 -37.99
CA GLN A 563 35.99 -5.07 -38.90
C GLN A 563 35.76 -4.01 -39.97
N LEU A 564 35.75 -2.72 -39.59
CA LEU A 564 35.68 -1.60 -40.51
C LEU A 564 36.86 -1.53 -41.47
N LYS A 565 38.10 -1.75 -40.97
CA LYS A 565 39.31 -1.71 -41.76
C LYS A 565 39.55 -2.91 -42.69
N GLU A 566 39.18 -4.12 -42.26
CA GLU A 566 39.48 -5.33 -43.00
C GLU A 566 38.35 -5.76 -43.92
N ASP A 567 37.08 -5.53 -43.52
CA ASP A 567 35.91 -5.95 -44.27
C ASP A 567 35.21 -4.82 -45.00
N TYR A 568 34.76 -3.76 -44.28
CA TYR A 568 33.90 -2.72 -44.84
C TYR A 568 34.60 -1.83 -45.87
N PHE A 569 35.70 -1.16 -45.48
CA PHE A 569 36.43 -0.27 -46.38
C PHE A 569 37.16 -0.93 -47.53
N LYS A 570 37.75 -2.14 -47.32
CA LYS A 570 38.38 -2.90 -48.38
C LYS A 570 37.45 -3.60 -49.37
N LYS A 571 36.24 -4.00 -48.93
CA LYS A 571 35.29 -4.69 -49.79
C LYS A 571 34.29 -3.76 -50.48
N ILE A 572 33.50 -2.99 -49.72
CA ILE A 572 32.47 -2.11 -50.25
C ILE A 572 33.02 -0.84 -50.91
N GLU A 573 33.92 -0.11 -50.23
CA GLU A 573 34.46 1.15 -50.74
C GLU A 573 35.80 1.00 -51.46
N CYS A 574 36.42 -0.19 -51.37
CA CYS A 574 37.67 -0.54 -52.04
C CYS A 574 38.89 0.33 -51.70
N PHE A 575 39.10 0.63 -50.41
CA PHE A 575 40.30 1.33 -49.93
C PHE A 575 41.13 0.43 -49.01
N ASP A 576 42.42 0.21 -49.36
CA ASP A 576 43.34 -0.60 -48.56
C ASP A 576 43.88 0.12 -47.31
N SER A 577 44.20 1.42 -47.42
CA SER A 577 44.70 2.22 -46.29
C SER A 577 43.61 3.16 -45.81
N VAL A 578 43.01 2.85 -44.64
CA VAL A 578 41.98 3.67 -44.03
C VAL A 578 42.21 3.79 -42.53
N GLU A 579 41.50 4.75 -41.89
CA GLU A 579 41.61 4.99 -40.47
C GLU A 579 40.27 5.49 -39.96
N ILE A 580 39.85 5.04 -38.77
CA ILE A 580 38.62 5.42 -38.11
C ILE A 580 38.93 6.12 -36.79
N SER A 581 38.24 7.26 -36.54
CA SER A 581 38.43 8.09 -35.35
C SER A 581 37.08 8.56 -34.86
N GLY A 582 37.02 9.11 -33.63
CA GLY A 582 35.80 9.57 -32.96
C GLY A 582 35.33 8.61 -31.91
N VAL A 583 35.76 7.34 -32.02
CA VAL A 583 35.43 6.23 -31.15
C VAL A 583 36.73 5.49 -30.83
N GLU A 584 36.70 4.57 -29.84
CA GLU A 584 37.84 3.74 -29.46
C GLU A 584 37.94 2.47 -30.33
N ASP A 585 38.44 1.34 -29.78
CA ASP A 585 38.60 0.09 -30.52
C ASP A 585 37.28 -0.59 -30.90
N ARG A 586 36.17 -0.27 -30.20
CA ARG A 586 34.89 -0.91 -30.44
C ARG A 586 33.75 0.06 -30.17
N PHE A 587 32.52 -0.29 -30.63
CA PHE A 587 31.33 0.51 -30.38
C PHE A 587 30.59 0.04 -29.12
N ASN A 588 29.70 0.89 -28.58
CA ASN A 588 28.86 0.60 -27.45
C ASN A 588 27.55 -0.01 -27.95
N ALA A 589 27.09 0.48 -29.13
CA ALA A 589 25.90 0.04 -29.81
C ALA A 589 25.98 -1.38 -30.40
N SER A 590 24.85 -2.10 -30.42
CA SER A 590 24.78 -3.47 -30.93
C SER A 590 23.34 -3.85 -31.25
N LEU A 591 23.15 -4.94 -32.04
CA LEU A 591 21.83 -5.47 -32.34
C LEU A 591 21.64 -6.78 -31.59
N GLY A 592 20.71 -6.82 -30.61
CA GLY A 592 20.41 -8.01 -29.82
C GLY A 592 19.34 -8.86 -30.42
N THR A 593 18.17 -8.26 -30.74
CA THR A 593 16.99 -8.94 -31.29
C THR A 593 17.26 -9.61 -32.62
N TYR A 594 18.00 -8.92 -33.52
CA TYR A 594 18.34 -9.43 -34.84
C TYR A 594 18.93 -10.85 -34.85
N HIS A 595 19.96 -11.09 -34.03
CA HIS A 595 20.61 -12.40 -33.97
C HIS A 595 19.77 -13.46 -33.25
N ASP A 596 18.92 -13.06 -32.28
CA ASP A 596 17.95 -13.94 -31.64
C ASP A 596 16.93 -14.49 -32.65
N LEU A 597 16.46 -13.64 -33.60
CA LEU A 597 15.58 -14.03 -34.69
C LEU A 597 16.20 -15.05 -35.65
N LEU A 598 17.50 -14.88 -35.99
CA LEU A 598 18.24 -15.84 -36.80
C LEU A 598 18.37 -17.22 -36.17
N LYS A 599 18.70 -17.26 -34.86
CA LYS A 599 18.75 -18.50 -34.09
C LYS A 599 17.44 -19.27 -33.96
N ILE A 600 16.30 -18.59 -33.75
CA ILE A 600 15.00 -19.25 -33.74
C ILE A 600 14.44 -19.67 -35.11
N ILE A 601 14.44 -18.78 -36.12
CA ILE A 601 13.87 -19.10 -37.44
C ILE A 601 14.83 -19.90 -38.33
N LYS A 602 16.14 -19.56 -38.32
CA LYS A 602 17.16 -20.17 -39.17
C LYS A 602 16.97 -20.03 -40.68
N ASP A 603 16.83 -18.77 -41.16
CA ASP A 603 16.63 -18.45 -42.56
C ASP A 603 17.11 -17.02 -42.81
N LYS A 604 17.06 -16.55 -44.07
CA LYS A 604 17.46 -15.20 -44.45
C LYS A 604 16.43 -14.46 -45.31
N ASP A 605 15.34 -15.11 -45.73
CA ASP A 605 14.33 -14.51 -46.59
C ASP A 605 13.50 -13.43 -45.88
N PHE A 606 13.51 -13.39 -44.54
CA PHE A 606 12.76 -12.43 -43.74
C PHE A 606 13.62 -11.22 -43.35
N LEU A 607 14.84 -11.10 -43.91
CA LEU A 607 15.80 -10.07 -43.53
C LEU A 607 15.73 -8.82 -44.40
N ASP A 608 16.53 -8.74 -45.49
CA ASP A 608 16.85 -7.49 -46.16
C ASP A 608 15.75 -6.83 -47.00
N ASN A 609 14.66 -7.54 -47.36
CA ASN A 609 13.58 -6.96 -48.16
C ASN A 609 12.92 -5.74 -47.46
N GLU A 610 12.79 -4.60 -48.17
CA GLU A 610 12.26 -3.35 -47.63
C GLU A 610 11.06 -3.46 -46.68
N GLU A 611 10.07 -4.32 -47.01
CA GLU A 611 8.84 -4.46 -46.25
C GLU A 611 8.97 -5.33 -45.01
N ASN A 612 9.99 -6.20 -44.95
CA ASN A 612 10.20 -7.17 -43.89
C ASN A 612 10.46 -6.59 -42.51
N GLU A 613 11.16 -5.44 -42.42
CA GLU A 613 11.40 -4.77 -41.16
C GLU A 613 10.13 -4.31 -40.43
N ASP A 614 9.17 -3.71 -41.16
CA ASP A 614 7.84 -3.42 -40.67
C ASP A 614 7.05 -4.67 -40.24
N ILE A 615 7.15 -5.78 -41.01
CA ILE A 615 6.55 -7.06 -40.64
C ILE A 615 7.07 -7.60 -39.32
N LEU A 616 8.41 -7.61 -39.13
CA LEU A 616 9.05 -8.04 -37.90
C LEU A 616 8.71 -7.19 -36.68
N GLU A 617 8.56 -5.86 -36.86
CA GLU A 617 8.15 -4.94 -35.79
C GLU A 617 6.72 -5.16 -35.30
N ASP A 618 5.77 -5.45 -36.23
CA ASP A 618 4.42 -5.84 -35.92
C ASP A 618 4.33 -7.18 -35.16
N ILE A 619 5.14 -8.17 -35.59
CA ILE A 619 5.25 -9.46 -34.92
C ILE A 619 5.85 -9.38 -33.51
N VAL A 620 6.99 -8.67 -33.31
CA VAL A 620 7.55 -8.48 -31.97
C VAL A 620 6.64 -7.70 -31.02
N LEU A 621 5.93 -6.66 -31.52
CA LEU A 621 4.92 -5.93 -30.77
C LEU A 621 3.85 -6.86 -30.22
N THR A 622 3.29 -7.74 -31.08
CA THR A 622 2.33 -8.75 -30.69
C THR A 622 2.88 -9.76 -29.67
N LEU A 623 4.13 -10.25 -29.89
CA LEU A 623 4.81 -11.16 -28.98
C LEU A 623 5.11 -10.56 -27.61
N THR A 624 5.39 -9.25 -27.52
CA THR A 624 5.47 -8.54 -26.25
C THR A 624 4.14 -8.28 -25.56
N LEU A 625 3.07 -7.93 -26.31
CA LEU A 625 1.80 -7.60 -25.69
C LEU A 625 0.92 -8.80 -25.30
N PHE A 626 0.88 -9.89 -26.08
CA PHE A 626 -0.10 -10.96 -25.88
C PHE A 626 0.52 -12.30 -25.51
N GLU A 627 0.17 -12.83 -24.32
CA GLU A 627 0.47 -14.22 -23.95
C GLU A 627 -0.40 -15.19 -24.76
N ASP A 628 -1.65 -14.80 -25.09
CA ASP A 628 -2.56 -15.62 -25.88
C ASP A 628 -1.86 -16.15 -27.13
N ARG A 629 -1.54 -17.45 -27.17
CA ARG A 629 -0.79 -18.03 -28.26
C ARG A 629 -1.62 -18.22 -29.54
N GLU A 630 -2.96 -18.22 -29.44
CA GLU A 630 -3.82 -18.20 -30.61
C GLU A 630 -3.84 -16.82 -31.29
N MET A 631 -3.79 -15.73 -30.50
CA MET A 631 -3.56 -14.39 -31.00
C MET A 631 -2.21 -14.25 -31.73
N ILE A 632 -1.12 -14.83 -31.19
CA ILE A 632 0.17 -14.93 -31.88
C ILE A 632 0.08 -15.72 -33.19
N GLU A 633 -0.62 -16.87 -33.20
CA GLU A 633 -0.90 -17.62 -34.42
C GLU A 633 -1.60 -16.79 -35.51
N GLU A 634 -2.64 -16.01 -35.14
CA GLU A 634 -3.34 -15.12 -36.05
C GLU A 634 -2.47 -13.99 -36.63
N ARG A 635 -1.52 -13.46 -35.83
CA ARG A 635 -0.46 -12.58 -36.33
C ARG A 635 0.45 -13.25 -37.37
N LEU A 636 0.86 -14.51 -37.12
CA LEU A 636 1.67 -15.30 -38.01
C LEU A 636 0.97 -15.74 -39.31
N LYS A 637 -0.36 -15.99 -39.29
CA LYS A 637 -1.18 -16.29 -40.46
C LYS A 637 -1.16 -15.27 -41.60
N THR A 638 -1.08 -13.95 -41.28
CA THR A 638 -1.06 -12.91 -42.31
C THR A 638 0.30 -12.82 -43.01
N TYR A 639 1.35 -13.36 -42.37
CA TYR A 639 2.72 -13.41 -42.88
C TYR A 639 3.18 -14.86 -43.10
N ALA A 640 2.24 -15.80 -43.34
CA ALA A 640 2.49 -17.23 -43.44
C ALA A 640 3.45 -17.63 -44.56
N HIS A 641 3.67 -16.75 -45.56
CA HIS A 641 4.62 -16.95 -46.64
C HIS A 641 6.08 -16.90 -46.17
N LEU A 642 6.33 -16.36 -44.96
CA LEU A 642 7.65 -16.35 -44.35
C LEU A 642 7.83 -17.40 -43.24
N PHE A 643 6.73 -17.98 -42.72
CA PHE A 643 6.77 -18.90 -41.59
C PHE A 643 6.11 -20.23 -41.91
N ASP A 644 6.86 -21.36 -41.81
CA ASP A 644 6.31 -22.69 -42.00
C ASP A 644 5.65 -23.24 -40.72
N ASP A 645 5.05 -24.45 -40.82
CA ASP A 645 4.37 -25.08 -39.71
C ASP A 645 5.25 -25.31 -38.47
N LYS A 646 6.48 -25.84 -38.65
CA LYS A 646 7.43 -26.05 -37.58
C LYS A 646 7.84 -24.79 -36.80
N VAL A 647 8.25 -23.70 -37.47
CA VAL A 647 8.58 -22.46 -36.78
C VAL A 647 7.38 -21.87 -36.03
N MET A 648 6.17 -21.85 -36.63
CA MET A 648 4.96 -21.41 -35.96
C MET A 648 4.60 -22.19 -34.69
N LYS A 649 4.83 -23.52 -34.67
CA LYS A 649 4.71 -24.36 -33.48
C LYS A 649 5.79 -24.11 -32.41
N GLN A 650 7.03 -23.83 -32.83
CA GLN A 650 8.15 -23.48 -31.96
C GLN A 650 8.00 -22.13 -31.26
N LEU A 651 7.46 -21.11 -31.95
CA LEU A 651 7.17 -19.79 -31.41
C LEU A 651 6.13 -19.76 -30.29
N LYS A 652 5.16 -20.70 -30.27
CA LYS A 652 4.17 -20.81 -29.21
C LYS A 652 4.71 -21.22 -27.84
N ARG A 653 5.50 -20.35 -27.18
CA ARG A 653 6.06 -20.61 -25.87
C ARG A 653 5.68 -19.50 -24.90
N ARG A 654 6.28 -18.30 -25.01
CA ARG A 654 6.06 -17.19 -24.09
C ARG A 654 6.41 -15.82 -24.66
N ARG A 655 5.99 -14.75 -23.95
CA ARG A 655 6.17 -13.33 -24.25
C ARG A 655 7.57 -12.70 -24.21
N TYR A 656 7.79 -11.67 -25.06
CA TYR A 656 9.01 -10.88 -25.06
C TYR A 656 8.82 -9.60 -24.22
N THR A 657 8.98 -9.70 -22.89
CA THR A 657 8.63 -8.66 -21.92
C THR A 657 9.47 -7.38 -21.97
N GLY A 658 8.87 -6.24 -21.53
CA GLY A 658 9.50 -4.91 -21.52
C GLY A 658 9.30 -4.04 -22.74
N TRP A 659 9.22 -2.72 -22.51
CA TRP A 659 9.03 -1.70 -23.54
C TRP A 659 10.12 -0.64 -23.51
N GLY A 660 10.23 0.12 -24.62
CA GLY A 660 11.03 1.35 -24.71
C GLY A 660 10.31 2.55 -24.10
N ARG A 661 10.86 3.76 -24.34
CA ARG A 661 10.26 4.98 -23.84
C ARG A 661 9.67 5.87 -24.93
N LEU A 662 9.71 5.42 -26.19
CA LEU A 662 9.25 6.18 -27.34
C LEU A 662 8.32 5.33 -28.19
N SER A 663 7.26 5.93 -28.77
CA SER A 663 6.44 5.30 -29.79
C SER A 663 7.01 5.52 -31.19
N ARG A 664 6.54 4.76 -32.20
CA ARG A 664 7.06 4.90 -33.55
C ARG A 664 6.61 6.19 -34.24
N LYS A 665 5.37 6.65 -33.98
CA LYS A 665 4.78 7.80 -34.63
C LYS A 665 5.74 8.99 -34.64
N LEU A 666 6.35 9.31 -33.48
CA LEU A 666 7.27 10.42 -33.34
C LEU A 666 8.53 10.27 -34.21
N ILE A 667 9.08 9.03 -34.25
CA ILE A 667 10.32 8.68 -34.92
C ILE A 667 10.22 8.67 -36.45
N ASN A 668 9.23 7.97 -37.03
CA ASN A 668 9.08 7.91 -38.47
C ASN A 668 7.61 7.86 -38.91
N GLY A 669 6.68 8.42 -38.12
CA GLY A 669 5.27 8.54 -38.50
C GLY A 669 4.81 9.96 -38.71
N ILE A 670 5.63 10.95 -38.32
CA ILE A 670 5.32 12.37 -38.47
C ILE A 670 6.41 12.96 -39.36
N ARG A 671 6.02 13.52 -40.52
CA ARG A 671 6.93 14.13 -41.47
C ARG A 671 6.95 15.65 -41.31
N ASP A 672 8.12 16.27 -41.53
CA ASP A 672 8.28 17.72 -41.55
C ASP A 672 7.54 18.33 -42.76
N LYS A 673 6.69 19.33 -42.52
CA LYS A 673 5.76 19.83 -43.53
C LYS A 673 6.44 20.76 -44.54
N GLN A 674 7.75 21.02 -44.36
CA GLN A 674 8.52 21.85 -45.25
C GLN A 674 9.58 21.05 -45.97
N SER A 675 10.34 20.19 -45.26
CA SER A 675 11.36 19.35 -45.87
C SER A 675 10.86 17.97 -46.27
N GLY A 676 9.79 17.45 -45.63
CA GLY A 676 9.21 16.14 -45.90
C GLY A 676 9.84 14.97 -45.18
N LYS A 677 10.85 15.24 -44.34
CA LYS A 677 11.62 14.25 -43.59
C LYS A 677 11.12 13.96 -42.17
N THR A 678 11.27 12.70 -41.72
CA THR A 678 10.97 12.31 -40.34
C THR A 678 12.23 12.42 -39.49
N ILE A 679 12.14 12.24 -38.15
CA ILE A 679 13.30 12.22 -37.27
C ILE A 679 14.30 11.12 -37.64
N LEU A 680 13.81 9.90 -37.96
CA LEU A 680 14.63 8.84 -38.54
C LEU A 680 15.33 9.22 -39.84
N ASP A 681 14.64 9.90 -40.78
CA ASP A 681 15.27 10.44 -41.98
C ASP A 681 16.40 11.45 -41.69
N PHE A 682 16.22 12.38 -40.73
CA PHE A 682 17.27 13.28 -40.28
C PHE A 682 18.46 12.56 -39.61
N LEU A 683 18.17 11.53 -38.78
CA LEU A 683 19.15 10.64 -38.19
C LEU A 683 20.06 9.93 -39.19
N LYS A 684 19.50 9.37 -40.29
CA LYS A 684 20.27 8.74 -41.35
C LYS A 684 21.13 9.71 -42.15
N SER A 685 20.60 10.89 -42.52
CA SER A 685 21.35 11.86 -43.30
C SER A 685 20.77 13.26 -43.15
N ASP A 686 21.61 14.20 -42.66
CA ASP A 686 21.25 15.59 -42.52
C ASP A 686 22.55 16.42 -42.45
N GLY A 687 22.52 17.63 -41.84
CA GLY A 687 23.66 18.51 -41.64
C GLY A 687 24.61 18.16 -40.51
N PHE A 688 25.59 19.05 -40.26
CA PHE A 688 26.62 18.90 -39.23
C PHE A 688 26.18 18.89 -37.77
N ALA A 689 26.68 17.89 -36.99
CA ALA A 689 26.38 17.65 -35.59
C ALA A 689 24.92 17.26 -35.31
N ASN A 690 24.59 16.97 -34.04
CA ASN A 690 23.25 16.59 -33.64
C ASN A 690 23.00 17.08 -32.21
N ARG A 691 21.79 16.83 -31.66
CA ARG A 691 21.41 17.18 -30.31
C ARG A 691 20.65 16.01 -29.70
N ASN A 692 20.26 16.12 -28.41
CA ASN A 692 19.44 15.15 -27.71
C ASN A 692 18.04 15.01 -28.31
N PHE A 693 17.40 13.82 -28.21
CA PHE A 693 16.12 13.54 -28.84
C PHE A 693 15.01 14.55 -28.51
N MET A 694 14.84 14.89 -27.21
CA MET A 694 13.89 15.91 -26.77
C MET A 694 14.27 17.32 -27.20
N GLN A 695 15.58 17.64 -27.24
CA GLN A 695 16.09 18.89 -27.77
C GLN A 695 15.77 19.10 -29.26
N LEU A 696 15.88 18.04 -30.09
CA LEU A 696 15.48 18.07 -31.49
C LEU A 696 13.98 18.25 -31.70
N ILE A 697 13.14 17.69 -30.81
CA ILE A 697 11.70 17.93 -30.80
C ILE A 697 11.33 19.39 -30.51
N HIS A 698 11.99 20.02 -29.51
CA HIS A 698 11.78 21.42 -29.14
C HIS A 698 12.41 22.45 -30.07
N ASP A 699 13.53 22.11 -30.75
CA ASP A 699 14.23 22.86 -31.77
C ASP A 699 13.38 23.64 -32.80
N ASP A 700 13.54 24.98 -32.83
CA ASP A 700 12.75 25.90 -33.63
C ASP A 700 12.92 25.71 -35.14
N SER A 701 14.01 25.04 -35.57
CA SER A 701 14.30 24.78 -36.98
C SER A 701 13.34 23.78 -37.66
N LEU A 702 12.69 22.90 -36.88
CA LEU A 702 11.75 21.91 -37.40
C LEU A 702 10.30 22.31 -37.18
N THR A 703 9.37 21.75 -38.00
CA THR A 703 7.94 22.09 -37.94
C THR A 703 7.16 21.22 -36.96
N PHE A 704 7.85 20.54 -36.05
CA PHE A 704 7.26 19.68 -35.04
C PHE A 704 6.78 20.50 -33.82
N LYS A 705 7.09 21.82 -33.81
CA LYS A 705 6.65 22.77 -32.79
C LYS A 705 5.13 22.95 -32.81
N GLU A 706 4.51 22.84 -34.01
CA GLU A 706 3.08 22.83 -34.22
C GLU A 706 2.37 21.70 -33.48
N ASP A 707 2.91 20.47 -33.56
CA ASP A 707 2.43 19.32 -32.81
C ASP A 707 2.47 19.51 -31.30
N ILE A 708 3.53 20.15 -30.76
CA ILE A 708 3.61 20.58 -29.36
C ILE A 708 2.48 21.55 -28.98
N GLN A 709 2.22 22.56 -29.83
CA GLN A 709 1.14 23.52 -29.65
C GLN A 709 -0.28 22.93 -29.66
N LYS A 710 -0.55 21.95 -30.55
CA LYS A 710 -1.80 21.22 -30.63
C LYS A 710 -2.04 20.22 -29.49
N ALA A 711 -0.94 19.63 -28.96
CA ALA A 711 -0.99 18.67 -27.87
C ALA A 711 -0.71 19.32 -26.51
N GLN A 712 0.57 19.55 -26.16
CA GLN A 712 1.04 19.98 -24.85
C GLN A 712 0.58 21.36 -24.37
N VAL A 713 0.62 22.37 -25.26
CA VAL A 713 0.24 23.76 -24.92
C VAL A 713 -1.24 23.91 -24.58
N SER A 714 -2.13 23.13 -25.24
CA SER A 714 -3.57 23.12 -24.97
C SER A 714 -3.93 22.93 -23.50
N GLY A 715 -3.31 21.92 -22.84
CA GLY A 715 -3.50 21.58 -21.42
C GLY A 715 -4.81 20.94 -21.01
N GLN A 716 -5.06 20.89 -19.68
CA GLN A 716 -6.30 20.40 -19.10
C GLN A 716 -7.38 21.48 -18.91
N GLY A 717 -8.65 21.04 -18.78
CA GLY A 717 -9.83 21.91 -18.72
C GLY A 717 -10.00 22.74 -17.45
N ASP A 718 -11.10 23.52 -17.40
CA ASP A 718 -11.43 24.43 -16.30
C ASP A 718 -11.54 23.77 -14.92
N SER A 719 -12.13 22.55 -14.86
CA SER A 719 -12.32 21.78 -13.63
C SER A 719 -11.02 21.33 -12.96
N LEU A 720 -10.91 21.54 -11.62
CA LEU A 720 -9.76 21.17 -10.81
C LEU A 720 -9.46 19.68 -10.84
N HIS A 721 -10.51 18.83 -10.71
CA HIS A 721 -10.44 17.39 -10.82
C HIS A 721 -9.57 16.90 -11.98
N GLU A 722 -9.66 17.57 -13.15
CA GLU A 722 -8.87 17.25 -14.33
C GLU A 722 -7.36 17.51 -14.17
N HIS A 723 -6.98 18.54 -13.37
CA HIS A 723 -5.57 18.86 -13.09
C HIS A 723 -4.95 18.03 -11.97
N ILE A 724 -5.78 17.53 -11.02
CA ILE A 724 -5.31 16.66 -9.93
C ILE A 724 -5.63 15.18 -10.19
N ALA A 725 -5.84 14.77 -11.45
CA ALA A 725 -6.11 13.39 -11.82
C ALA A 725 -4.82 12.57 -11.99
N ASN A 726 -3.67 13.20 -11.70
CA ASN A 726 -2.35 12.61 -11.78
C ASN A 726 -1.63 12.93 -10.47
N LEU A 727 -0.58 12.15 -10.12
CA LEU A 727 0.25 12.26 -8.93
C LEU A 727 -0.42 11.77 -7.65
N ALA A 728 0.13 10.68 -7.07
CA ALA A 728 -0.19 10.15 -5.76
C ALA A 728 -1.48 9.31 -5.75
N GLY A 729 -1.45 8.17 -5.01
CA GLY A 729 -2.63 7.36 -4.77
C GLY A 729 -3.16 7.65 -3.37
N SER A 730 -2.31 8.23 -2.51
CA SER A 730 -2.64 8.57 -1.12
C SER A 730 -3.81 9.57 -1.00
N PRO A 731 -4.89 9.29 -0.27
CA PRO A 731 -6.00 10.23 -0.09
C PRO A 731 -5.56 11.45 0.70
N ALA A 732 -4.54 11.29 1.58
CA ALA A 732 -3.95 12.36 2.33
C ALA A 732 -3.23 13.40 1.46
N ILE A 733 -2.39 12.94 0.50
CA ILE A 733 -1.74 13.80 -0.47
C ILE A 733 -2.73 14.40 -1.46
N LYS A 734 -3.67 13.57 -1.97
CA LYS A 734 -4.74 13.98 -2.85
C LYS A 734 -5.59 15.13 -2.30
N LYS A 735 -6.12 14.99 -1.07
CA LYS A 735 -6.88 16.03 -0.41
C LYS A 735 -6.05 17.26 -0.07
N GLY A 736 -4.77 17.08 0.32
CA GLY A 736 -3.83 18.17 0.55
C GLY A 736 -3.63 19.05 -0.68
N ILE A 737 -3.40 18.44 -1.85
CA ILE A 737 -3.33 19.12 -3.14
C ILE A 737 -4.67 19.75 -3.54
N LEU A 738 -5.79 19.00 -3.42
CA LEU A 738 -7.14 19.51 -3.67
C LEU A 738 -7.40 20.84 -2.96
N GLN A 739 -7.18 20.88 -1.62
CA GLN A 739 -7.35 22.09 -0.83
C GLN A 739 -6.30 23.16 -1.06
N THR A 740 -5.02 22.76 -1.25
CA THR A 740 -3.93 23.68 -1.59
C THR A 740 -4.16 24.53 -2.81
N VAL A 741 -4.52 23.91 -3.95
CA VAL A 741 -4.81 24.63 -5.19
C VAL A 741 -6.01 25.57 -5.03
N LYS A 742 -7.06 25.13 -4.33
CA LYS A 742 -8.19 25.96 -3.97
C LYS A 742 -7.84 27.19 -3.13
N VAL A 743 -7.04 27.02 -2.05
CA VAL A 743 -6.53 28.10 -1.23
C VAL A 743 -5.68 29.10 -2.02
N VAL A 744 -4.74 28.61 -2.85
CA VAL A 744 -3.92 29.46 -3.70
C VAL A 744 -4.71 30.25 -4.74
N ASP A 745 -5.63 29.58 -5.47
CA ASP A 745 -6.52 30.21 -6.42
C ASP A 745 -7.37 31.33 -5.78
N GLU A 746 -7.92 31.08 -4.58
CA GLU A 746 -8.67 32.07 -3.82
C GLU A 746 -7.85 33.20 -3.22
N LEU A 747 -6.64 32.95 -2.69
CA LEU A 747 -5.74 33.99 -2.19
C LEU A 747 -5.35 35.02 -3.25
N VAL A 748 -5.04 34.60 -4.49
CA VAL A 748 -4.73 35.51 -5.58
C VAL A 748 -5.91 36.40 -5.98
N LYS A 749 -7.13 35.83 -6.01
CA LYS A 749 -8.36 36.57 -6.26
C LYS A 749 -8.77 37.58 -5.19
N VAL A 750 -8.72 37.23 -3.89
CA VAL A 750 -9.15 38.14 -2.83
C VAL A 750 -8.16 39.26 -2.52
N MET A 751 -6.86 39.08 -2.85
CA MET A 751 -5.84 40.09 -2.65
C MET A 751 -5.84 41.16 -3.74
N GLY A 752 -7.03 41.78 -3.95
CA GLY A 752 -7.30 42.81 -4.96
C GLY A 752 -7.11 42.37 -6.39
N ARG A 753 -7.13 41.04 -6.61
CA ARG A 753 -6.81 40.39 -7.87
C ARG A 753 -5.40 40.67 -8.39
N HIS A 754 -4.47 40.97 -7.46
CA HIS A 754 -3.06 41.23 -7.74
C HIS A 754 -2.27 39.93 -7.71
N LYS A 755 -1.17 39.84 -8.48
CA LYS A 755 -0.38 38.62 -8.57
C LYS A 755 0.74 38.49 -7.53
N PRO A 756 0.92 37.34 -6.87
CA PRO A 756 2.00 37.15 -5.91
C PRO A 756 3.35 37.02 -6.63
N GLU A 757 4.44 37.47 -5.98
CA GLU A 757 5.79 37.29 -6.48
C GLU A 757 6.27 35.83 -6.39
N ASN A 758 5.98 35.15 -5.27
CA ASN A 758 6.32 33.75 -5.05
C ASN A 758 5.18 33.02 -4.34
N ILE A 759 4.96 31.75 -4.72
CA ILE A 759 4.10 30.81 -4.03
C ILE A 759 4.98 29.68 -3.52
N VAL A 760 5.25 29.62 -2.19
CA VAL A 760 6.18 28.63 -1.64
C VAL A 760 5.48 27.50 -0.89
N ILE A 761 5.65 26.24 -1.35
CA ILE A 761 4.92 25.08 -0.83
C ILE A 761 5.81 23.95 -0.30
N GLU A 762 5.51 23.39 0.89
CA GLU A 762 6.18 22.18 1.35
C GLU A 762 5.20 21.02 1.45
N MET A 763 5.70 19.82 1.18
CA MET A 763 4.87 18.61 1.30
C MET A 763 5.76 17.42 1.66
N ALA A 764 5.40 16.72 2.73
CA ALA A 764 6.24 15.69 3.30
C ALA A 764 5.50 14.38 3.49
N ARG A 765 6.22 13.32 3.84
CA ARG A 765 5.69 12.02 4.23
C ARG A 765 6.17 11.60 5.61
N GLU A 766 5.58 10.52 6.13
CA GLU A 766 5.88 9.95 7.43
C GLU A 766 7.13 9.09 7.31
N ASN A 767 8.24 9.70 6.83
CA ASN A 767 9.48 9.01 6.53
C ASN A 767 10.17 8.39 7.77
N GLN A 768 10.27 7.05 7.80
CA GLN A 768 10.82 6.30 8.90
C GLN A 768 12.25 5.80 8.64
N THR A 769 12.85 6.18 7.49
CA THR A 769 14.12 5.61 7.08
C THR A 769 14.60 6.28 5.79
N THR A 770 15.91 6.24 5.56
CA THR A 770 16.46 6.55 4.25
C THR A 770 16.34 5.33 3.34
N GLN A 771 16.46 5.56 2.03
CA GLN A 771 16.21 4.51 1.05
C GLN A 771 17.46 3.67 0.81
N LYS A 772 17.34 2.70 -0.08
CA LYS A 772 18.49 1.87 -0.45
C LYS A 772 19.51 2.68 -1.24
N GLY A 773 20.76 2.64 -0.76
CA GLY A 773 21.86 3.30 -1.46
C GLY A 773 22.87 3.82 -0.44
N GLN A 774 24.10 4.02 -0.90
CA GLN A 774 25.19 4.42 -0.01
C GLN A 774 25.05 5.90 0.35
N LYS A 775 24.15 6.59 -0.32
CA LYS A 775 23.79 7.95 0.05
C LYS A 775 22.67 7.97 1.07
N ASN A 776 22.14 6.79 1.40
CA ASN A 776 20.97 6.63 2.21
C ASN A 776 21.19 5.49 3.20
N SER A 777 21.19 4.22 2.74
CA SER A 777 21.51 3.04 3.55
C SER A 777 22.73 3.16 4.43
N ARG A 778 23.84 3.73 3.90
CA ARG A 778 25.09 3.98 4.63
C ARG A 778 24.84 4.76 5.94
N GLU A 779 23.91 5.73 5.96
CA GLU A 779 23.51 6.41 7.19
C GLU A 779 22.55 5.61 8.06
N ARG A 780 21.72 4.74 7.47
CA ARG A 780 20.80 3.88 8.24
C ARG A 780 21.60 2.96 9.17
N MET A 781 22.83 2.59 8.75
CA MET A 781 23.77 1.81 9.53
C MET A 781 24.07 2.44 10.89
N LYS A 782 24.09 3.79 10.98
CA LYS A 782 24.41 4.52 12.21
C LYS A 782 23.38 4.25 13.32
N ARG A 783 22.08 4.25 12.98
CA ARG A 783 21.00 3.80 13.86
C ARG A 783 21.20 2.40 14.46
N ILE A 784 21.68 1.42 13.67
CA ILE A 784 22.12 0.12 14.18
C ILE A 784 23.40 0.19 15.04
N GLU A 785 24.46 0.84 14.54
CA GLU A 785 25.77 0.93 15.19
C GLU A 785 25.74 1.53 16.59
N GLU A 786 24.94 2.59 16.81
CA GLU A 786 24.69 3.17 18.13
C GLU A 786 24.12 2.18 19.15
N GLY A 787 23.14 1.35 18.75
CA GLY A 787 22.64 0.25 19.56
C GLY A 787 23.67 -0.80 19.92
N ILE A 788 24.50 -1.20 18.95
CA ILE A 788 25.63 -2.10 19.14
C ILE A 788 26.66 -1.53 20.13
N LYS A 789 27.03 -0.24 19.98
CA LYS A 789 27.95 0.47 20.87
C LYS A 789 27.39 0.77 22.26
N GLU A 790 26.06 0.95 22.38
CA GLU A 790 25.36 1.06 23.66
C GLU A 790 25.34 -0.23 24.47
N LEU A 791 25.14 -1.38 23.80
CA LEU A 791 25.21 -2.70 24.40
C LEU A 791 26.64 -3.15 24.74
N GLY A 792 27.60 -2.82 23.86
CA GLY A 792 29.03 -3.08 24.01
C GLY A 792 29.51 -4.32 23.29
N SER A 793 30.60 -4.19 22.51
CA SER A 793 31.18 -5.28 21.74
C SER A 793 32.57 -4.86 21.28
N GLN A 794 33.50 -5.83 21.11
CA GLN A 794 34.85 -5.55 20.63
C GLN A 794 34.98 -5.78 19.13
N ILE A 795 33.91 -6.30 18.48
CA ILE A 795 33.87 -6.67 17.07
C ILE A 795 34.17 -5.53 16.13
N LEU A 796 33.56 -4.34 16.36
CA LEU A 796 33.74 -3.16 15.53
C LEU A 796 35.17 -2.64 15.49
N LYS A 797 35.92 -2.75 16.62
CA LYS A 797 37.32 -2.39 16.69
C LYS A 797 38.29 -3.46 16.18
N GLU A 798 37.98 -4.75 16.41
CA GLU A 798 38.78 -5.87 15.95
C GLU A 798 38.78 -6.14 14.44
N HIS A 799 37.63 -5.95 13.77
CA HIS A 799 37.50 -6.16 12.34
C HIS A 799 36.55 -5.17 11.69
N PRO A 800 36.96 -4.35 10.72
CA PRO A 800 36.09 -3.44 9.97
C PRO A 800 35.15 -4.12 8.97
N VAL A 801 33.96 -3.54 8.74
CA VAL A 801 32.94 -4.11 7.87
C VAL A 801 32.72 -3.19 6.68
N GLU A 802 32.87 -3.72 5.44
CA GLU A 802 32.59 -3.01 4.21
C GLU A 802 31.14 -2.53 4.02
N ASN A 803 30.96 -1.25 3.70
CA ASN A 803 29.68 -0.56 3.62
C ASN A 803 28.70 -1.10 2.57
N THR A 804 29.22 -1.79 1.53
CA THR A 804 28.40 -2.42 0.49
C THR A 804 27.67 -3.69 0.91
N GLN A 805 28.01 -4.28 2.09
CA GLN A 805 27.31 -5.42 2.64
C GLN A 805 25.90 -5.14 3.15
N LEU A 806 25.77 -4.26 4.16
CA LEU A 806 24.51 -3.88 4.79
C LEU A 806 23.78 -2.76 4.01
N GLN A 807 23.22 -3.07 2.83
CA GLN A 807 22.53 -2.07 2.01
C GLN A 807 21.02 -2.18 2.01
N ASN A 808 20.43 -3.32 2.44
CA ASN A 808 19.00 -3.58 2.34
C ASN A 808 18.34 -3.73 3.71
N GLU A 809 16.99 -3.78 3.72
CA GLU A 809 16.19 -3.86 4.95
C GLU A 809 16.44 -5.15 5.73
N LYS A 810 16.43 -6.34 5.08
CA LYS A 810 16.58 -7.62 5.75
C LYS A 810 17.83 -7.74 6.61
N LEU A 811 18.98 -7.24 6.11
CA LEU A 811 20.22 -7.13 6.85
C LEU A 811 20.16 -6.12 8.00
N TYR A 812 19.41 -5.00 7.82
CA TYR A 812 19.15 -4.03 8.87
C TYR A 812 18.23 -4.53 10.00
N LEU A 813 17.16 -5.30 9.67
CA LEU A 813 16.22 -5.88 10.63
C LEU A 813 16.89 -6.81 11.65
N TYR A 814 17.86 -7.62 11.19
CA TYR A 814 18.65 -8.51 12.03
C TYR A 814 19.40 -7.80 13.16
N TYR A 815 20.10 -6.69 12.85
CA TYR A 815 20.88 -5.98 13.86
C TYR A 815 20.03 -5.01 14.69
N LEU A 816 18.92 -4.48 14.13
CA LEU A 816 17.94 -3.65 14.82
C LEU A 816 17.16 -4.41 15.89
N GLN A 817 16.81 -5.68 15.59
CA GLN A 817 16.08 -6.55 16.50
C GLN A 817 16.99 -7.50 17.27
N ASN A 818 18.27 -7.60 16.85
CA ASN A 818 19.21 -8.65 17.23
C ASN A 818 18.77 -10.05 16.73
N GLY A 819 19.55 -11.11 17.00
CA GLY A 819 19.28 -12.47 16.50
C GLY A 819 18.09 -13.15 17.13
N ARG A 820 16.95 -12.46 17.15
CA ARG A 820 15.73 -12.91 17.80
C ARG A 820 14.51 -12.16 17.27
N ASP A 821 13.36 -12.85 17.17
CA ASP A 821 12.11 -12.23 16.76
C ASP A 821 11.47 -11.42 17.91
N MET A 822 10.37 -10.69 17.61
CA MET A 822 9.74 -9.80 18.57
C MET A 822 8.35 -10.28 19.02
N TYR A 823 8.00 -11.57 18.83
CA TYR A 823 6.67 -12.09 19.11
C TYR A 823 6.69 -13.35 19.97
N VAL A 824 7.70 -14.23 19.79
CA VAL A 824 7.86 -15.46 20.55
C VAL A 824 9.29 -15.59 21.07
N ASP A 825 10.21 -14.69 20.66
CA ASP A 825 11.59 -14.65 21.09
C ASP A 825 12.41 -15.89 20.74
N GLN A 826 12.30 -16.37 19.48
CA GLN A 826 13.07 -17.49 18.95
C GLN A 826 14.22 -16.98 18.07
N GLU A 827 15.30 -17.80 17.95
CA GLU A 827 16.54 -17.44 17.28
C GLU A 827 16.51 -17.09 15.79
N LEU A 828 17.20 -16.01 15.41
CA LEU A 828 17.44 -15.58 14.05
C LEU A 828 18.94 -15.65 13.77
N ASP A 829 19.34 -15.67 12.49
CA ASP A 829 20.74 -15.72 12.09
C ASP A 829 20.90 -15.11 10.70
N ILE A 830 22.12 -14.64 10.38
CA ILE A 830 22.46 -13.98 9.11
C ILE A 830 22.20 -14.86 7.89
N ASN A 831 22.52 -16.17 7.95
CA ASN A 831 22.36 -17.10 6.85
C ASN A 831 20.88 -17.45 6.64
N ARG A 832 19.98 -17.02 7.55
CA ARG A 832 18.56 -17.30 7.48
C ARG A 832 17.67 -16.10 7.13
N LEU A 833 18.25 -14.92 6.84
CA LEU A 833 17.52 -13.69 6.58
C LEU A 833 16.73 -13.63 5.28
N SER A 834 17.19 -14.35 4.23
CA SER A 834 16.46 -14.47 2.96
C SER A 834 15.62 -15.75 2.95
N ASP A 835 15.79 -16.61 3.96
CA ASP A 835 15.09 -17.86 4.12
C ASP A 835 13.85 -17.73 5.02
N TYR A 836 13.86 -16.78 5.98
CA TYR A 836 12.77 -16.49 6.88
C TYR A 836 11.88 -15.38 6.35
N ASP A 837 10.59 -15.43 6.73
CA ASP A 837 9.55 -14.47 6.38
C ASP A 837 9.62 -13.13 7.13
N VAL A 838 9.19 -12.04 6.46
CA VAL A 838 9.13 -10.70 7.02
C VAL A 838 7.66 -10.27 7.09
N ASP A 839 7.22 -9.68 8.23
CA ASP A 839 5.85 -9.28 8.43
C ASP A 839 5.74 -7.76 8.52
N ALA A 840 4.50 -7.25 8.47
CA ALA A 840 4.15 -5.85 8.62
C ALA A 840 3.48 -5.74 9.97
N ILE A 841 3.63 -4.61 10.70
CA ILE A 841 2.94 -4.47 11.99
C ILE A 841 1.41 -4.37 11.86
N VAL A 842 0.92 -3.52 10.93
CA VAL A 842 -0.49 -3.34 10.63
C VAL A 842 -0.80 -3.54 9.12
N PRO A 843 -0.71 -4.75 8.54
CA PRO A 843 -1.00 -4.96 7.12
C PRO A 843 -2.48 -4.77 6.75
N GLN A 844 -2.77 -4.29 5.52
CA GLN A 844 -4.10 -3.94 5.03
C GLN A 844 -4.95 -3.07 5.98
N SER A 845 -4.36 -1.98 6.49
CA SER A 845 -4.98 -1.17 7.54
C SER A 845 -5.12 0.27 7.12
N PHE A 846 -5.89 1.05 7.91
CA PHE A 846 -6.23 2.45 7.65
C PHE A 846 -5.06 3.37 7.37
N LEU A 847 -4.01 3.34 8.20
CA LEU A 847 -2.83 4.17 8.05
C LEU A 847 -1.57 3.31 8.05
N LYS A 848 -0.63 3.59 7.13
CA LYS A 848 0.61 2.85 6.99
C LYS A 848 1.79 3.83 6.98
N ASP A 849 2.78 3.63 7.89
CA ASP A 849 4.01 4.39 7.94
C ASP A 849 4.98 4.12 6.79
N ASP A 850 5.83 5.12 6.47
CA ASP A 850 6.68 5.10 5.30
C ASP A 850 7.85 4.15 5.62
N SER A 851 7.78 2.92 5.07
CA SER A 851 8.83 1.89 5.02
C SER A 851 9.33 1.21 6.30
N ILE A 852 10.66 1.16 6.51
CA ILE A 852 11.32 0.13 7.29
C ILE A 852 10.93 -0.02 8.77
N ASP A 853 10.35 1.02 9.41
CA ASP A 853 9.93 0.91 10.80
C ASP A 853 8.49 0.41 10.92
N ASN A 854 7.81 0.10 9.79
CA ASN A 854 6.46 -0.45 9.81
C ASN A 854 6.50 -1.97 9.61
N LYS A 855 7.72 -2.55 9.48
CA LYS A 855 7.95 -3.96 9.27
C LYS A 855 8.85 -4.60 10.31
N VAL A 856 8.78 -5.93 10.42
CA VAL A 856 9.44 -6.71 11.46
C VAL A 856 9.80 -8.08 10.88
N LEU A 857 11.01 -8.60 11.17
CA LEU A 857 11.45 -9.92 10.77
C LEU A 857 10.97 -10.96 11.80
N THR A 858 10.23 -11.99 11.34
CA THR A 858 9.57 -12.97 12.21
C THR A 858 9.97 -14.39 11.81
N ARG A 859 9.43 -15.41 12.52
CA ARG A 859 9.70 -16.81 12.23
C ARG A 859 8.53 -17.50 11.53
N SER A 860 7.29 -17.07 11.84
CA SER A 860 6.00 -17.57 11.32
C SER A 860 4.93 -16.62 11.83
N ASP A 861 3.94 -16.29 10.96
CA ASP A 861 2.87 -15.38 11.28
C ASP A 861 1.54 -16.10 11.51
N LYS A 862 1.52 -17.44 11.61
CA LYS A 862 0.30 -18.20 11.77
C LYS A 862 -0.39 -17.90 13.12
N ASN A 863 0.39 -17.40 14.09
CA ASN A 863 -0.07 -17.01 15.41
C ASN A 863 -0.98 -15.77 15.39
N ARG A 864 -0.95 -14.94 14.32
CA ARG A 864 -1.82 -13.79 14.19
C ARG A 864 -3.30 -14.09 14.28
N GLY A 865 -3.75 -15.18 13.61
CA GLY A 865 -5.11 -15.74 13.62
C GLY A 865 -6.26 -14.75 13.58
N LYS A 866 -6.08 -13.63 12.85
CA LYS A 866 -7.05 -12.55 12.69
C LYS A 866 -7.62 -12.01 14.01
N SER A 867 -6.76 -11.91 15.05
CA SER A 867 -7.19 -11.43 16.35
C SER A 867 -6.24 -10.36 16.85
N ASP A 868 -6.65 -9.62 17.88
CA ASP A 868 -5.84 -8.57 18.45
C ASP A 868 -5.27 -8.98 19.81
N ASN A 869 -5.07 -10.28 19.98
CA ASN A 869 -4.57 -10.81 21.24
C ASN A 869 -3.25 -11.56 21.07
N VAL A 870 -2.15 -10.92 21.51
CA VAL A 870 -0.83 -11.52 21.40
C VAL A 870 -0.76 -12.78 22.27
N PRO A 871 -0.44 -13.89 21.62
CA PRO A 871 -0.47 -15.18 22.31
C PRO A 871 0.75 -15.33 23.21
N SER A 872 1.76 -14.50 22.98
CA SER A 872 2.99 -14.55 23.76
C SER A 872 3.00 -13.47 24.85
N GLU A 873 2.04 -13.54 25.76
CA GLU A 873 1.94 -12.57 26.84
C GLU A 873 3.19 -12.60 27.70
N GLU A 874 3.63 -13.81 28.06
CA GLU A 874 4.76 -14.01 28.96
C GLU A 874 6.08 -13.50 28.39
N VAL A 875 6.22 -13.56 27.05
CA VAL A 875 7.29 -12.97 26.27
C VAL A 875 7.31 -11.45 26.28
N VAL A 876 6.14 -10.79 26.09
CA VAL A 876 5.96 -9.35 26.19
C VAL A 876 6.40 -8.82 27.54
N LYS A 877 6.07 -9.52 28.64
CA LYS A 877 6.47 -9.15 29.99
C LYS A 877 7.98 -8.88 30.15
N LYS A 878 8.85 -9.76 29.63
CA LYS A 878 10.29 -9.50 29.62
C LYS A 878 10.78 -8.62 28.47
N MET A 879 10.11 -8.69 27.29
CA MET A 879 10.49 -7.90 26.12
C MET A 879 10.09 -6.42 26.13
N LYS A 880 9.11 -6.01 26.95
CA LYS A 880 8.67 -4.62 27.07
C LYS A 880 9.80 -3.69 27.53
N ASN A 881 10.55 -4.11 28.57
CA ASN A 881 11.75 -3.43 29.05
C ASN A 881 12.90 -3.45 28.03
N TYR A 882 13.11 -4.60 27.36
CA TYR A 882 14.01 -4.75 26.22
C TYR A 882 13.68 -3.81 25.07
N TRP A 883 12.39 -3.68 24.70
CA TRP A 883 11.92 -2.73 23.70
C TRP A 883 12.16 -1.26 24.10
N ARG A 884 11.97 -0.89 25.40
CA ARG A 884 12.36 0.41 25.91
C ARG A 884 13.87 0.69 25.86
N GLN A 885 14.73 -0.33 26.09
CA GLN A 885 16.17 -0.24 25.89
C GLN A 885 16.56 0.02 24.43
N LEU A 886 15.86 -0.63 23.48
CA LEU A 886 15.94 -0.37 22.06
C LEU A 886 15.56 1.06 21.67
N LEU A 887 14.46 1.64 22.20
CA LEU A 887 14.12 3.05 21.97
C LEU A 887 15.15 4.02 22.51
N ASN A 888 15.70 3.78 23.71
CA ASN A 888 16.79 4.54 24.32
C ASN A 888 18.07 4.54 23.47
N ALA A 889 18.35 3.43 22.76
CA ALA A 889 19.45 3.33 21.81
C ALA A 889 19.01 3.70 20.38
N LYS A 890 17.74 4.12 20.23
CA LYS A 890 17.04 4.49 19.01
C LYS A 890 16.93 3.43 17.91
N LEU A 891 16.94 2.14 18.30
CA LEU A 891 16.83 0.99 17.42
C LEU A 891 15.42 0.72 16.95
N ILE A 892 14.40 0.99 17.79
CA ILE A 892 12.99 0.95 17.41
C ILE A 892 12.32 2.26 17.75
N THR A 893 11.20 2.62 17.09
CA THR A 893 10.49 3.88 17.34
C THR A 893 9.41 3.83 18.42
N GLN A 894 8.95 5.00 18.89
CA GLN A 894 7.85 5.12 19.84
C GLN A 894 6.52 4.54 19.36
N ARG A 895 6.12 4.80 18.09
CA ARG A 895 4.92 4.20 17.51
C ARG A 895 5.01 2.68 17.35
N LYS A 896 6.17 2.16 16.91
CA LYS A 896 6.47 0.74 16.81
C LYS A 896 6.33 -0.01 18.13
N PHE A 897 6.87 0.57 19.23
CA PHE A 897 6.68 0.12 20.59
C PHE A 897 5.22 0.18 21.08
N ASP A 898 4.54 1.34 20.90
CA ASP A 898 3.17 1.50 21.38
C ASP A 898 2.17 0.56 20.72
N ASN A 899 2.41 0.12 19.46
CA ASN A 899 1.49 -0.80 18.78
C ASN A 899 1.44 -2.16 19.48
N LEU A 900 2.44 -2.46 20.34
CA LEU A 900 2.58 -3.72 21.04
C LEU A 900 2.02 -3.62 22.47
N THR A 901 1.59 -2.40 22.87
CA THR A 901 1.02 -2.09 24.19
C THR A 901 -0.39 -1.55 24.02
N LYS A 902 -0.97 -1.60 22.79
CA LYS A 902 -2.27 -1.04 22.46
C LYS A 902 -3.40 -1.32 23.45
N ALA A 903 -3.49 -2.56 23.99
CA ALA A 903 -4.50 -2.97 24.95
C ALA A 903 -4.57 -2.09 26.21
N GLU A 904 -3.45 -1.43 26.59
CA GLU A 904 -3.35 -0.60 27.76
C GLU A 904 -3.69 0.89 27.51
N ARG A 905 -3.59 1.37 26.25
CA ARG A 905 -3.79 2.79 25.99
C ARG A 905 -4.52 3.18 24.69
N GLY A 906 -4.79 2.24 23.76
CA GLY A 906 -5.41 2.55 22.47
C GLY A 906 -4.49 3.25 21.46
N GLY A 907 -4.98 4.36 20.86
CA GLY A 907 -4.28 5.18 19.86
C GLY A 907 -3.56 6.38 20.42
N LEU A 908 -3.80 7.56 19.79
CA LEU A 908 -3.22 8.86 20.12
C LEU A 908 -1.74 9.02 19.77
N SER A 909 -1.42 9.93 18.82
CA SER A 909 -0.09 10.15 18.28
C SER A 909 1.03 10.59 19.22
N GLU A 910 2.13 9.81 19.27
CA GLU A 910 3.32 10.13 20.04
C GLU A 910 4.58 10.07 19.16
N LEU A 911 4.43 10.40 17.87
CA LEU A 911 5.41 10.16 16.83
C LEU A 911 6.80 10.78 16.97
N ASP A 912 6.96 12.04 17.43
CA ASP A 912 8.25 12.69 17.56
C ASP A 912 8.81 12.52 18.98
N LYS A 913 8.89 11.25 19.45
CA LYS A 913 9.57 10.91 20.69
C LYS A 913 11.08 11.12 20.51
N ALA A 914 11.58 10.88 19.28
CA ALA A 914 12.93 11.13 18.82
C ALA A 914 13.46 12.48 19.30
N GLY A 915 12.58 13.50 19.41
CA GLY A 915 12.89 14.84 19.88
C GLY A 915 13.64 14.96 21.21
N PHE A 916 13.64 13.91 22.05
CA PHE A 916 14.31 13.97 23.34
C PHE A 916 15.37 12.89 23.49
N ILE A 917 15.57 12.10 22.42
CA ILE A 917 16.51 11.00 22.44
C ILE A 917 17.37 10.98 21.19
N LYS A 918 17.06 11.82 20.23
CA LYS A 918 17.85 11.95 19.02
C LYS A 918 16.96 12.03 17.77
N ARG A 919 17.12 13.09 17.01
CA ARG A 919 16.42 13.29 15.76
C ARG A 919 17.43 13.49 14.63
N GLN A 920 17.65 12.46 13.79
CA GLN A 920 18.59 12.50 12.68
C GLN A 920 18.00 11.84 11.45
N LEU A 921 17.40 12.63 10.55
CA LEU A 921 16.78 12.12 9.35
C LEU A 921 16.57 13.25 8.35
N VAL A 922 17.40 13.28 7.30
CA VAL A 922 17.25 14.24 6.22
C VAL A 922 16.31 13.63 5.18
N GLU A 923 15.17 14.29 4.93
CA GLU A 923 14.15 13.75 4.05
C GLU A 923 14.27 14.35 2.66
N THR A 924 14.17 13.48 1.65
CA THR A 924 14.18 13.82 0.23
C THR A 924 12.90 14.52 -0.20
N ARG A 925 11.72 13.98 0.22
CA ARG A 925 10.40 14.51 -0.13
C ARG A 925 10.12 14.53 -1.64
N GLN A 926 10.34 13.38 -2.32
CA GLN A 926 10.18 13.20 -3.76
C GLN A 926 8.82 13.58 -4.33
N ILE A 927 7.76 13.57 -3.50
CA ILE A 927 6.40 13.94 -3.89
C ILE A 927 6.32 15.39 -4.38
N THR A 928 7.20 16.28 -3.87
CA THR A 928 7.25 17.72 -4.13
C THR A 928 7.60 18.10 -5.56
N LYS A 929 8.27 17.18 -6.30
CA LYS A 929 8.71 17.34 -7.68
C LYS A 929 7.59 17.73 -8.65
N HIS A 930 6.37 17.19 -8.45
CA HIS A 930 5.26 17.42 -9.36
C HIS A 930 4.14 18.28 -8.76
N VAL A 931 4.23 18.65 -7.46
CA VAL A 931 3.25 19.52 -6.78
C VAL A 931 3.15 20.91 -7.41
N ALA A 932 4.32 21.54 -7.65
CA ALA A 932 4.41 22.82 -8.32
C ALA A 932 3.92 22.79 -9.77
N GLN A 933 4.14 21.67 -10.49
CA GLN A 933 3.68 21.46 -11.86
C GLN A 933 2.17 21.44 -12.02
N ILE A 934 1.45 20.75 -11.12
CA ILE A 934 -0.01 20.74 -11.08
C ILE A 934 -0.60 22.13 -10.81
N LEU A 935 -0.06 22.88 -9.83
CA LEU A 935 -0.47 24.24 -9.56
C LEU A 935 -0.14 25.23 -10.69
N ASP A 936 1.10 25.17 -11.23
CA ASP A 936 1.59 25.95 -12.35
C ASP A 936 0.66 25.84 -13.57
N SER A 937 0.23 24.60 -13.87
CA SER A 937 -0.77 24.28 -14.90
C SER A 937 -2.05 25.09 -14.80
N ARG A 938 -2.55 25.42 -13.59
CA ARG A 938 -3.76 26.23 -13.46
C ARG A 938 -3.42 27.72 -13.40
N MET A 939 -2.36 28.09 -12.71
CA MET A 939 -1.99 29.47 -12.43
C MET A 939 -1.50 30.31 -13.61
N ASN A 940 -0.78 29.68 -14.56
CA ASN A 940 -0.25 30.34 -15.74
C ASN A 940 -1.00 29.98 -17.01
N THR A 941 -2.33 29.80 -16.92
CA THR A 941 -3.22 29.61 -18.07
C THR A 941 -3.47 30.90 -18.86
N LYS A 942 -2.45 31.38 -19.59
CA LYS A 942 -2.50 32.64 -20.30
C LYS A 942 -1.51 32.65 -21.46
N TYR A 943 -1.97 33.09 -22.65
CA TYR A 943 -1.12 33.11 -23.84
C TYR A 943 -1.32 34.42 -24.59
N ASP A 944 -0.93 35.52 -23.96
CA ASP A 944 -0.99 36.83 -24.59
C ASP A 944 0.42 37.31 -24.94
N GLU A 945 1.34 36.37 -25.07
CA GLU A 945 2.73 36.69 -25.36
C GLU A 945 3.22 36.03 -26.64
N ASN A 946 4.12 36.71 -27.36
CA ASN A 946 4.66 36.18 -28.60
C ASN A 946 5.82 35.22 -28.34
N ASP A 947 5.51 34.08 -27.73
CA ASP A 947 6.52 33.09 -27.41
C ASP A 947 7.64 33.73 -26.60
N LYS A 948 7.27 34.54 -25.61
CA LYS A 948 8.23 35.25 -24.79
C LYS A 948 8.67 34.37 -23.62
N LEU A 949 7.84 33.39 -23.29
CA LEU A 949 8.14 32.45 -22.21
C LEU A 949 8.31 33.19 -20.88
N ILE A 950 7.41 34.25 -20.63
CA ILE A 950 7.53 34.95 -19.37
C ILE A 950 6.41 34.56 -18.42
N ARG A 951 6.76 33.87 -17.35
CA ARG A 951 5.78 33.41 -16.37
C ARG A 951 5.33 34.57 -15.48
N GLU A 952 4.04 34.59 -15.16
CA GLU A 952 3.49 35.62 -14.28
C GLU A 952 3.42 35.12 -12.84
N VAL A 953 3.13 33.84 -12.68
CA VAL A 953 3.05 33.23 -11.35
C VAL A 953 4.15 32.19 -11.19
N LYS A 954 5.04 32.40 -10.23
CA LYS A 954 6.12 31.48 -9.95
C LYS A 954 5.88 30.68 -8.67
N VAL A 955 5.74 29.35 -8.82
CA VAL A 955 5.55 28.43 -7.70
C VAL A 955 6.88 27.77 -7.37
N ILE A 956 7.31 27.78 -6.14
CA ILE A 956 8.58 27.29 -5.65
C ILE A 956 8.28 26.24 -4.60
N THR A 957 8.84 25.01 -4.72
CA THR A 957 8.76 24.06 -3.61
C THR A 957 10.00 24.18 -2.74
N LEU A 958 9.81 24.08 -1.41
CA LEU A 958 10.85 24.26 -0.43
C LEU A 958 11.07 22.96 0.34
N LYS A 959 12.33 22.70 0.75
CA LYS A 959 12.69 21.57 1.58
C LYS A 959 12.80 22.05 3.02
N SER A 960 12.28 21.29 4.00
CA SER A 960 12.31 21.67 5.42
C SER A 960 13.70 21.64 6.06
N LYS A 961 14.68 20.98 5.41
CA LYS A 961 16.08 20.94 5.82
C LYS A 961 16.75 22.31 6.00
N LEU A 962 16.18 23.37 5.39
CA LEU A 962 16.66 24.76 5.51
C LEU A 962 16.02 25.55 6.65
N VAL A 963 14.94 25.02 7.26
CA VAL A 963 14.18 25.69 8.31
C VAL A 963 14.84 25.63 9.70
N SER A 964 15.60 24.56 10.01
CA SER A 964 16.24 24.35 11.32
C SER A 964 16.91 25.58 11.93
N ASP A 965 17.75 26.31 11.18
CA ASP A 965 18.41 27.54 11.64
C ASP A 965 17.44 28.67 11.96
N PHE A 966 16.31 28.75 11.24
CA PHE A 966 15.25 29.70 11.51
C PHE A 966 14.41 29.37 12.76
N ARG A 967 14.25 28.06 13.10
CA ARG A 967 13.68 27.64 14.37
C ARG A 967 14.51 28.09 15.58
N LYS A 968 15.86 27.99 15.47
CA LYS A 968 16.81 28.51 16.43
C LYS A 968 16.76 30.03 16.61
N ASP A 969 16.85 30.81 15.51
CA ASP A 969 16.85 32.26 15.54
C ASP A 969 15.60 32.85 16.22
N PHE A 970 14.41 32.30 15.92
CA PHE A 970 13.15 32.85 16.42
C PHE A 970 12.66 32.10 17.66
N GLN A 971 13.51 31.19 18.23
CA GLN A 971 13.20 30.37 19.39
C GLN A 971 11.89 29.60 19.27
N PHE A 972 11.71 28.90 18.12
CA PHE A 972 10.52 28.12 17.83
C PHE A 972 10.69 26.65 18.20
N TYR A 973 9.84 26.14 19.12
CA TYR A 973 9.74 24.72 19.43
C TYR A 973 8.38 24.22 18.94
N LYS A 974 8.38 23.60 17.74
CA LYS A 974 7.16 23.32 16.99
C LYS A 974 6.84 21.86 16.75
N VAL A 975 6.97 20.99 17.78
CA VAL A 975 6.45 19.62 17.73
C VAL A 975 4.92 19.59 17.84
N ARG A 976 4.18 19.15 16.78
CA ARG A 976 2.71 19.22 16.72
C ARG A 976 2.00 18.53 17.88
N GLU A 977 2.65 17.57 18.54
CA GLU A 977 2.18 16.91 19.75
C GLU A 977 1.82 17.87 20.90
N ILE A 978 2.50 19.04 20.96
CA ILE A 978 2.25 20.11 21.92
C ILE A 978 1.73 21.38 21.21
N ASN A 979 1.23 21.29 19.95
CA ASN A 979 0.72 22.47 19.23
C ASN A 979 -0.02 22.10 17.93
N ASN A 980 -1.38 22.09 17.93
CA ASN A 980 -2.15 21.70 16.75
C ASN A 980 -2.44 22.88 15.82
N TYR A 981 -1.75 24.01 16.05
CA TYR A 981 -1.76 25.19 15.21
C TYR A 981 -0.46 25.23 14.41
N HIS A 982 0.09 24.03 14.11
CA HIS A 982 1.43 23.83 13.58
C HIS A 982 1.70 24.44 12.21
N HIS A 983 0.82 24.20 11.23
CA HIS A 983 1.12 24.59 9.85
C HIS A 983 1.07 26.09 9.62
N ALA A 984 0.29 26.83 10.43
CA ALA A 984 0.14 28.27 10.29
C ALA A 984 1.48 29.02 10.29
N HIS A 985 2.36 28.70 11.26
CA HIS A 985 3.67 29.32 11.41
C HIS A 985 4.69 28.81 10.39
N ASP A 986 4.61 27.51 10.04
CA ASP A 986 5.42 26.88 9.01
C ASP A 986 5.26 27.53 7.64
N ALA A 987 4.01 27.70 7.19
CA ALA A 987 3.67 28.37 5.96
C ALA A 987 4.17 29.81 5.88
N TYR A 988 4.09 30.57 7.00
CA TYR A 988 4.66 31.90 7.12
C TYR A 988 6.17 31.93 6.89
N LEU A 989 6.92 31.05 7.60
CA LEU A 989 8.36 30.91 7.46
C LEU A 989 8.78 30.41 6.08
N ASN A 990 7.96 29.55 5.45
CA ASN A 990 8.15 29.12 4.07
C ASN A 990 8.09 30.26 3.07
N ALA A 991 7.09 31.16 3.19
CA ALA A 991 7.01 32.37 2.39
C ALA A 991 8.18 33.33 2.61
N VAL A 992 8.66 33.46 3.87
CA VAL A 992 9.86 34.23 4.20
C VAL A 992 11.12 33.71 3.51
N VAL A 993 11.43 32.40 3.63
CA VAL A 993 12.62 31.80 3.06
C VAL A 993 12.63 31.76 1.54
N GLY A 994 11.55 31.26 0.90
CA GLY A 994 11.44 31.22 -0.55
C GLY A 994 11.53 32.58 -1.20
N THR A 995 10.92 33.60 -0.61
CA THR A 995 11.08 35.00 -1.04
C THR A 995 12.49 35.55 -0.85
N ALA A 996 13.13 35.24 0.30
CA ALA A 996 14.49 35.60 0.61
C ALA A 996 15.53 35.09 -0.39
N LEU A 997 15.35 33.84 -0.86
CA LEU A 997 16.23 33.15 -1.80
C LEU A 997 16.31 33.79 -3.19
N ILE A 998 15.23 34.43 -3.67
CA ILE A 998 15.18 35.01 -5.01
C ILE A 998 15.56 36.50 -5.05
N LYS A 999 15.57 37.22 -3.91
CA LYS A 999 15.93 38.63 -3.87
C LYS A 999 17.38 38.94 -4.18
N LYS A 1000 18.27 37.95 -4.00
CA LYS A 1000 19.67 38.07 -4.40
C LYS A 1000 20.13 36.66 -4.75
N TYR A 1001 20.59 36.45 -5.99
CA TYR A 1001 20.98 35.13 -6.50
C TYR A 1001 21.93 34.33 -5.58
N PRO A 1002 21.59 33.08 -5.19
CA PRO A 1002 22.41 32.22 -4.33
C PRO A 1002 23.90 32.05 -4.62
N LYS A 1003 24.75 32.21 -3.58
CA LYS A 1003 26.19 32.11 -3.67
C LYS A 1003 26.72 30.71 -3.99
N LEU A 1004 26.00 29.68 -3.50
CA LEU A 1004 26.35 28.28 -3.71
C LEU A 1004 25.16 27.52 -4.28
N GLU A 1005 25.25 27.08 -5.55
CA GLU A 1005 24.22 26.34 -6.24
C GLU A 1005 24.49 24.84 -6.22
N SER A 1006 23.47 24.01 -6.51
CA SER A 1006 23.63 22.56 -6.59
C SER A 1006 22.68 21.98 -7.64
N GLU A 1007 22.96 20.73 -8.10
CA GLU A 1007 22.22 20.00 -9.13
C GLU A 1007 20.79 19.57 -8.74
N PHE A 1008 19.91 19.35 -9.72
CA PHE A 1008 18.50 19.03 -9.57
C PHE A 1008 18.20 17.79 -8.70
N VAL A 1009 17.52 18.01 -7.55
CA VAL A 1009 17.13 17.00 -6.56
C VAL A 1009 18.28 16.29 -5.85
N TYR A 1010 19.11 15.51 -6.57
CA TYR A 1010 20.28 14.83 -6.02
C TYR A 1010 21.33 15.78 -5.44
N GLY A 1011 21.81 16.65 -6.38
CA GLY A 1011 22.56 17.80 -5.90
C GLY A 1011 24.01 17.58 -5.52
N ASP A 1012 24.26 17.53 -4.20
CA ASP A 1012 25.55 17.72 -3.57
C ASP A 1012 26.74 16.95 -4.14
N TYR A 1013 26.74 15.60 -4.07
CA TYR A 1013 27.89 14.79 -4.42
C TYR A 1013 28.25 14.78 -5.90
N LYS A 1014 27.24 14.91 -6.79
CA LYS A 1014 27.37 14.87 -8.24
C LYS A 1014 28.49 15.74 -8.83
N VAL A 1015 28.54 17.02 -8.44
CA VAL A 1015 29.60 17.91 -8.90
C VAL A 1015 30.24 18.64 -7.72
N TYR A 1016 31.51 18.38 -7.48
CA TYR A 1016 32.29 19.12 -6.50
C TYR A 1016 33.78 19.01 -6.75
N ASP A 1017 34.55 19.91 -6.14
CA ASP A 1017 36.00 19.95 -6.32
C ASP A 1017 36.72 19.02 -5.35
N VAL A 1018 37.79 18.40 -5.82
CA VAL A 1018 38.53 17.43 -5.02
C VAL A 1018 39.29 18.09 -3.88
N ARG A 1019 39.04 17.63 -2.66
CA ARG A 1019 39.72 18.16 -1.48
C ARG A 1019 40.18 17.04 -0.57
N LYS A 1020 41.49 17.05 -0.21
CA LYS A 1020 42.02 15.90 0.53
C LYS A 1020 41.47 15.85 1.95
N MET A 1021 41.05 16.99 2.47
CA MET A 1021 40.64 17.10 3.86
C MET A 1021 39.20 16.69 4.06
N ILE A 1022 38.55 16.23 2.99
CA ILE A 1022 37.27 15.55 3.09
C ILE A 1022 37.39 14.11 2.58
N ALA A 1023 38.62 13.72 2.25
CA ALA A 1023 38.86 12.37 1.75
C ALA A 1023 39.10 11.38 2.88
N LYS A 1024 39.35 11.92 4.08
CA LYS A 1024 39.51 11.09 5.27
C LYS A 1024 38.20 10.42 5.65
N SER A 1025 37.09 10.97 5.18
CA SER A 1025 35.76 10.42 5.41
C SER A 1025 35.53 8.99 4.97
N GLU A 1026 35.63 8.79 3.67
CA GLU A 1026 35.44 7.43 3.12
C GLU A 1026 36.23 6.32 3.79
N GLN A 1027 37.49 6.61 4.19
CA GLN A 1027 38.38 5.61 4.75
C GLN A 1027 38.03 5.25 6.20
N GLU A 1028 37.31 6.13 6.91
CA GLU A 1028 37.04 6.01 8.33
C GLU A 1028 35.58 5.64 8.59
N ILE A 1029 34.62 6.42 8.05
CA ILE A 1029 33.20 6.27 8.37
C ILE A 1029 32.39 5.98 7.10
N GLY A 1030 32.93 6.33 5.92
CA GLY A 1030 32.28 6.20 4.62
C GLY A 1030 32.02 7.55 4.00
N LYS A 1031 31.58 7.59 2.73
CA LYS A 1031 31.37 8.84 1.99
C LYS A 1031 30.40 9.84 2.63
N ALA A 1032 30.77 11.14 2.61
CA ALA A 1032 29.98 12.21 3.18
C ALA A 1032 30.23 13.49 2.40
N THR A 1033 29.22 14.37 2.32
CA THR A 1033 29.33 15.65 1.59
C THR A 1033 28.35 16.63 2.20
N ALA A 1034 28.05 17.77 1.55
CA ALA A 1034 27.23 18.85 2.07
C ALA A 1034 25.90 18.47 2.75
N LYS A 1035 25.31 17.29 2.44
CA LYS A 1035 24.14 16.80 3.16
C LYS A 1035 24.29 16.79 4.69
N TYR A 1036 25.49 16.44 5.20
CA TYR A 1036 25.85 16.55 6.61
C TYR A 1036 26.13 18.00 7.06
N PHE A 1037 26.78 18.79 6.19
CA PHE A 1037 27.17 20.18 6.45
C PHE A 1037 26.20 21.21 5.88
N PHE A 1038 24.94 20.85 5.59
CA PHE A 1038 23.96 21.76 5.01
C PHE A 1038 23.77 23.08 5.77
N TYR A 1039 23.96 23.05 7.11
CA TYR A 1039 23.89 24.21 7.99
C TYR A 1039 24.97 25.25 7.70
N SER A 1040 26.14 24.80 7.18
CA SER A 1040 27.25 25.67 6.78
C SER A 1040 27.03 26.36 5.43
N ASN A 1041 26.33 25.71 4.47
CA ASN A 1041 25.85 26.37 3.26
C ASN A 1041 24.91 27.55 3.53
N ILE A 1042 23.99 27.40 4.52
CA ILE A 1042 23.10 28.46 4.99
C ILE A 1042 23.88 29.64 5.57
N MET A 1043 24.90 29.35 6.41
CA MET A 1043 25.80 30.34 6.96
C MET A 1043 26.65 31.07 5.91
N ASN A 1044 27.06 30.39 4.81
CA ASN A 1044 27.82 31.04 3.75
C ASN A 1044 26.99 32.07 2.96
N PHE A 1045 25.75 31.71 2.56
CA PHE A 1045 24.86 32.57 1.83
C PHE A 1045 24.26 33.74 2.66
N PHE A 1046 23.86 33.51 3.92
CA PHE A 1046 23.28 34.56 4.75
C PHE A 1046 24.22 35.21 5.76
N LYS A 1047 25.29 34.51 6.21
CA LYS A 1047 26.19 34.92 7.28
C LYS A 1047 25.55 35.36 8.60
N THR A 1048 24.46 34.70 9.02
CA THR A 1048 23.63 35.10 10.18
C THR A 1048 24.35 34.99 11.51
N GLU A 1049 25.09 33.89 11.74
CA GLU A 1049 25.77 33.61 12.99
C GLU A 1049 27.05 32.81 12.76
N ILE A 1050 27.92 32.74 13.79
CA ILE A 1050 29.15 31.97 13.77
C ILE A 1050 28.94 30.76 14.67
N THR A 1051 29.01 29.53 14.11
CA THR A 1051 28.78 28.29 14.86
C THR A 1051 30.07 27.65 15.31
N LEU A 1052 31.23 28.31 15.09
CA LEU A 1052 32.54 27.78 15.40
C LEU A 1052 32.99 28.17 16.82
N ALA A 1053 32.21 29.03 17.51
CA ALA A 1053 32.54 29.53 18.83
C ALA A 1053 31.42 29.28 19.84
N ASN A 1054 31.79 28.79 21.04
CA ASN A 1054 30.90 28.58 22.17
C ASN A 1054 30.82 29.84 23.04
N GLY A 1055 30.13 29.76 24.20
CA GLY A 1055 29.97 30.89 25.12
C GLY A 1055 29.10 32.00 24.56
N GLU A 1056 29.56 33.27 24.67
CA GLU A 1056 28.85 34.42 24.14
C GLU A 1056 28.48 34.32 22.65
N ILE A 1057 27.19 34.53 22.34
CA ILE A 1057 26.65 34.44 20.99
C ILE A 1057 26.44 35.82 20.38
N ARG A 1058 27.09 36.08 19.23
CA ARG A 1058 26.93 37.30 18.46
C ARG A 1058 26.55 36.96 17.02
N LYS A 1059 25.66 37.75 16.40
CA LYS A 1059 25.10 37.48 15.09
C LYS A 1059 25.25 38.72 14.20
N ARG A 1060 24.98 38.56 12.90
CA ARG A 1060 25.03 39.62 11.89
C ARG A 1060 24.20 40.87 12.26
N PRO A 1061 24.69 42.11 12.09
CA PRO A 1061 24.01 43.35 12.47
C PRO A 1061 22.57 43.56 12.02
N LEU A 1062 21.78 44.31 12.81
CA LEU A 1062 20.34 44.47 12.63
C LEU A 1062 19.95 45.06 11.27
N ILE A 1063 20.78 46.00 10.77
CA ILE A 1063 20.53 46.73 9.53
C ILE A 1063 21.63 46.34 8.54
N GLU A 1064 21.30 45.45 7.58
CA GLU A 1064 22.28 44.95 6.64
C GLU A 1064 21.67 44.81 5.25
N THR A 1065 22.49 45.04 4.21
CA THR A 1065 22.13 44.90 2.80
C THR A 1065 21.89 43.44 2.40
N ASN A 1066 20.74 43.14 1.75
CA ASN A 1066 20.40 41.78 1.38
C ASN A 1066 19.95 41.60 -0.06
N GLY A 1067 19.55 42.68 -0.79
CA GLY A 1067 19.04 42.56 -2.15
C GLY A 1067 20.06 42.85 -3.23
N GLU A 1068 19.83 42.32 -4.45
CA GLU A 1068 20.67 42.49 -5.63
C GLU A 1068 20.86 43.95 -6.06
N THR A 1069 19.92 44.84 -5.66
CA THR A 1069 19.97 46.27 -5.98
C THR A 1069 20.68 47.09 -4.90
N GLY A 1070 21.20 46.42 -3.85
CA GLY A 1070 21.87 47.06 -2.73
C GLY A 1070 20.93 47.51 -1.63
N GLU A 1071 19.69 46.99 -1.62
CA GLU A 1071 18.67 47.35 -0.66
C GLU A 1071 18.55 46.36 0.50
N ILE A 1072 17.85 46.78 1.57
CA ILE A 1072 17.61 45.96 2.74
C ILE A 1072 16.27 45.24 2.63
N VAL A 1073 16.29 43.89 2.54
CA VAL A 1073 15.09 43.10 2.35
C VAL A 1073 14.41 42.75 3.68
N TRP A 1074 15.20 42.29 4.67
CA TRP A 1074 14.70 41.93 5.98
C TRP A 1074 15.39 42.79 7.04
N ASP A 1075 14.64 43.28 8.05
CA ASP A 1075 15.12 44.19 9.07
C ASP A 1075 14.92 43.60 10.46
N LYS A 1076 16.00 43.26 11.19
CA LYS A 1076 15.90 42.68 12.51
C LYS A 1076 15.33 43.59 13.59
N GLY A 1077 15.31 44.92 13.34
CA GLY A 1077 14.67 45.91 14.20
C GLY A 1077 13.17 45.97 14.09
N ARG A 1078 12.59 45.36 13.03
CA ARG A 1078 11.14 45.32 12.84
C ARG A 1078 10.63 43.92 12.50
N ASP A 1079 11.15 43.26 11.46
CA ASP A 1079 10.75 41.94 11.01
C ASP A 1079 10.96 40.82 12.05
N PHE A 1080 12.18 40.72 12.62
CA PHE A 1080 12.54 39.74 13.63
C PHE A 1080 11.65 39.75 14.87
N ALA A 1081 11.40 40.96 15.42
CA ALA A 1081 10.48 41.17 16.52
C ALA A 1081 9.04 40.79 16.16
N THR A 1082 8.59 41.16 14.93
CA THR A 1082 7.29 40.80 14.38
C THR A 1082 7.07 39.31 14.20
N VAL A 1083 8.06 38.55 13.68
CA VAL A 1083 7.95 37.10 13.56
C VAL A 1083 7.67 36.39 14.88
N ARG A 1084 8.42 36.76 15.94
CA ARG A 1084 8.24 36.25 17.29
C ARG A 1084 6.99 36.78 18.00
N LYS A 1085 6.51 37.98 17.64
CA LYS A 1085 5.23 38.53 18.05
C LYS A 1085 4.01 37.76 17.54
N VAL A 1086 4.03 37.37 16.24
CA VAL A 1086 3.05 36.49 15.59
C VAL A 1086 2.86 35.14 16.27
N LEU A 1087 3.96 34.50 16.73
CA LEU A 1087 3.92 33.28 17.52
C LEU A 1087 2.84 33.30 18.62
N SER A 1088 2.82 34.37 19.45
CA SER A 1088 1.89 34.48 20.58
C SER A 1088 0.74 35.44 20.29
N MET A 1089 0.52 35.82 19.01
CA MET A 1089 -0.52 36.75 18.58
C MET A 1089 -1.95 36.17 18.63
N PRO A 1090 -2.93 36.80 19.30
CA PRO A 1090 -4.30 36.29 19.41
C PRO A 1090 -5.06 35.99 18.12
N GLN A 1091 -5.92 34.95 18.14
CA GLN A 1091 -6.88 34.65 17.09
C GLN A 1091 -6.32 34.31 15.72
N VAL A 1092 -5.49 33.24 15.63
CA VAL A 1092 -4.98 32.67 14.38
C VAL A 1092 -6.10 31.95 13.61
N ASN A 1093 -6.20 32.13 12.28
CA ASN A 1093 -7.35 31.68 11.51
C ASN A 1093 -7.30 30.18 11.21
N ILE A 1094 -7.73 29.34 12.17
CA ILE A 1094 -7.69 27.88 12.03
C ILE A 1094 -9.08 27.29 12.18
N VAL A 1095 -9.48 26.38 11.27
CA VAL A 1095 -10.81 25.80 11.25
C VAL A 1095 -10.83 24.36 10.73
N LYS A 1096 -11.77 23.51 11.24
CA LYS A 1096 -11.95 22.16 10.74
C LYS A 1096 -12.84 22.23 9.51
N LYS A 1097 -12.40 21.65 8.37
CA LYS A 1097 -13.13 21.75 7.11
C LYS A 1097 -14.61 21.34 7.10
N THR A 1098 -15.47 22.24 6.57
CA THR A 1098 -16.89 21.99 6.33
C THR A 1098 -17.13 21.06 5.14
N GLU A 1099 -18.02 20.07 5.30
CA GLU A 1099 -18.36 19.06 4.33
C GLU A 1099 -19.57 18.30 4.85
N VAL A 1100 -20.02 17.26 4.16
CA VAL A 1100 -20.96 16.29 4.71
C VAL A 1100 -20.37 14.93 4.37
N GLN A 1101 -20.65 13.89 5.18
CA GLN A 1101 -20.01 12.59 5.02
C GLN A 1101 -20.58 11.80 3.83
N THR A 1102 -19.71 11.39 2.89
CA THR A 1102 -20.12 10.54 1.77
C THR A 1102 -19.17 9.38 1.69
N GLY A 1103 -19.60 8.24 1.13
CA GLY A 1103 -18.83 7.00 1.11
C GLY A 1103 -18.67 6.30 2.45
N GLY A 1104 -18.17 5.04 2.42
CA GLY A 1104 -17.95 4.21 3.61
C GLY A 1104 -19.21 3.91 4.40
N PHE A 1105 -20.34 3.69 3.69
CA PHE A 1105 -21.68 3.62 4.27
C PHE A 1105 -21.86 2.64 5.43
N SER A 1106 -21.36 1.38 5.31
CA SER A 1106 -21.50 0.40 6.38
C SER A 1106 -20.49 -0.72 6.28
N LYS A 1107 -20.34 -1.52 7.35
CA LYS A 1107 -19.47 -2.69 7.37
C LYS A 1107 -20.29 -3.94 7.06
N GLU A 1108 -19.69 -4.95 6.38
CA GLU A 1108 -20.44 -6.10 5.91
C GLU A 1108 -20.71 -7.10 7.02
N SER A 1109 -21.52 -6.69 7.99
CA SER A 1109 -21.87 -7.56 9.12
C SER A 1109 -23.17 -7.10 9.77
N ILE A 1110 -23.79 -8.00 10.53
CA ILE A 1110 -25.09 -7.72 11.14
C ILE A 1110 -24.96 -7.66 12.65
N LEU A 1111 -25.54 -6.63 13.25
CA LEU A 1111 -25.49 -6.45 14.70
C LEU A 1111 -26.87 -6.38 15.32
N PRO A 1112 -27.50 -7.58 15.58
CA PRO A 1112 -28.81 -7.64 16.21
C PRO A 1112 -28.74 -7.24 17.69
N LYS A 1113 -27.51 -7.09 18.19
CA LYS A 1113 -27.29 -6.65 19.56
C LYS A 1113 -27.87 -5.26 19.79
N ARG A 1114 -27.89 -4.45 18.74
CA ARG A 1114 -28.46 -3.12 18.81
C ARG A 1114 -29.95 -3.16 18.45
N ASN A 1115 -30.72 -2.25 19.04
CA ASN A 1115 -32.14 -2.17 18.76
C ASN A 1115 -32.73 -0.76 18.75
N SER A 1116 -31.91 0.31 18.75
CA SER A 1116 -32.41 1.69 18.59
C SER A 1116 -32.84 2.05 17.16
N ASP A 1117 -33.59 3.17 17.01
CA ASP A 1117 -34.15 3.65 15.74
C ASP A 1117 -33.10 3.91 14.64
N LYS A 1118 -31.85 4.22 15.03
CA LYS A 1118 -30.73 4.50 14.17
C LYS A 1118 -30.19 3.30 13.39
N LEU A 1119 -30.56 2.06 13.80
CA LEU A 1119 -30.23 0.81 13.14
C LEU A 1119 -30.91 0.60 11.79
N ILE A 1120 -30.11 0.40 10.71
CA ILE A 1120 -30.62 0.20 9.36
C ILE A 1120 -30.74 -1.29 9.09
N ALA A 1121 -31.96 -1.84 9.03
CA ALA A 1121 -32.21 -3.26 8.83
C ALA A 1121 -31.66 -3.82 7.50
N ARG A 1122 -31.13 -5.08 7.51
CA ARG A 1122 -30.64 -5.70 6.29
C ARG A 1122 -31.67 -5.80 5.17
N LYS A 1123 -32.92 -6.14 5.53
CA LYS A 1123 -34.04 -6.13 4.61
C LYS A 1123 -35.17 -5.36 5.30
N LYS A 1124 -35.86 -4.48 4.55
CA LYS A 1124 -36.87 -3.56 5.07
C LYS A 1124 -37.91 -4.16 6.01
N ASP A 1125 -38.46 -5.35 5.66
CA ASP A 1125 -39.58 -5.96 6.35
C ASP A 1125 -39.12 -7.01 7.37
N TRP A 1126 -37.80 -7.16 7.59
CA TRP A 1126 -37.23 -8.17 8.48
C TRP A 1126 -36.94 -7.59 9.88
N ASP A 1127 -37.34 -8.30 10.95
CA ASP A 1127 -37.23 -7.82 12.32
C ASP A 1127 -35.77 -7.68 12.83
N PRO A 1128 -35.30 -6.49 13.23
CA PRO A 1128 -33.92 -6.30 13.69
C PRO A 1128 -33.61 -7.07 14.97
N LYS A 1129 -34.64 -7.46 15.76
CA LYS A 1129 -34.45 -8.28 16.95
C LYS A 1129 -33.99 -9.70 16.67
N LYS A 1130 -34.19 -10.19 15.44
CA LYS A 1130 -33.81 -11.52 15.03
C LYS A 1130 -32.79 -11.47 13.90
N TYR A 1131 -33.09 -10.75 12.80
CA TYR A 1131 -32.23 -10.72 11.63
C TYR A 1131 -31.33 -9.50 11.56
N GLY A 1132 -31.47 -8.56 12.51
CA GLY A 1132 -30.62 -7.37 12.65
C GLY A 1132 -30.56 -6.38 11.51
N GLY A 1133 -29.57 -5.48 11.61
CA GLY A 1133 -29.31 -4.44 10.62
C GLY A 1133 -27.84 -4.30 10.40
N PHE A 1134 -27.42 -3.43 9.47
CA PHE A 1134 -26.02 -3.27 9.09
C PHE A 1134 -25.13 -2.53 10.11
N ASP A 1135 -23.90 -3.05 10.29
CA ASP A 1135 -22.88 -2.51 11.14
C ASP A 1135 -22.39 -1.10 10.74
N SER A 1136 -22.50 -0.15 11.68
CA SER A 1136 -22.12 1.26 11.60
C SER A 1136 -22.86 2.14 10.58
N PRO A 1137 -24.17 2.40 10.67
CA PRO A 1137 -24.90 3.36 9.83
C PRO A 1137 -24.28 4.76 9.69
N THR A 1138 -24.15 5.28 8.46
CA THR A 1138 -23.43 6.54 8.22
C THR A 1138 -24.39 7.68 7.94
N VAL A 1139 -24.33 8.73 8.79
CA VAL A 1139 -25.13 9.94 8.65
C VAL A 1139 -24.31 11.01 7.93
N ALA A 1140 -24.80 11.47 6.75
CA ALA A 1140 -24.15 12.46 5.93
C ALA A 1140 -24.07 13.84 6.58
N TYR A 1141 -25.21 14.30 7.13
CA TYR A 1141 -25.33 15.58 7.80
C TYR A 1141 -26.68 15.63 8.50
N SER A 1142 -26.95 16.68 9.31
CA SER A 1142 -28.22 16.82 10.01
C SER A 1142 -28.95 18.07 9.55
N VAL A 1143 -30.26 18.14 9.79
CA VAL A 1143 -31.07 19.29 9.46
C VAL A 1143 -31.86 19.69 10.70
N LEU A 1144 -31.92 20.99 10.99
CA LEU A 1144 -32.58 21.53 12.16
C LEU A 1144 -33.99 21.96 11.77
N VAL A 1145 -35.02 21.26 12.30
CA VAL A 1145 -36.42 21.48 11.92
C VAL A 1145 -37.29 21.43 13.17
N VAL A 1146 -38.34 22.26 13.25
CA VAL A 1146 -39.33 22.23 14.32
C VAL A 1146 -40.14 20.93 14.33
N ALA A 1147 -40.12 20.19 15.46
CA ALA A 1147 -40.74 18.89 15.60
C ALA A 1147 -42.27 18.89 15.69
N LYS A 1148 -42.92 17.83 15.15
CA LYS A 1148 -44.34 17.57 15.30
C LYS A 1148 -44.59 16.36 16.21
N VAL A 1149 -43.54 15.87 16.91
CA VAL A 1149 -43.61 14.71 17.79
C VAL A 1149 -44.39 15.00 19.09
N GLU A 1150 -45.34 14.11 19.46
CA GLU A 1150 -46.14 14.22 20.67
C GLU A 1150 -45.46 13.58 21.88
N LYS A 1151 -45.34 14.34 23.00
CA LYS A 1151 -44.77 13.89 24.25
C LYS A 1151 -45.70 13.84 25.45
N GLY A 1152 -45.46 12.88 26.36
CA GLY A 1152 -46.24 12.60 27.57
C GLY A 1152 -47.63 12.01 27.44
N LYS A 1153 -48.35 11.98 28.57
CA LYS A 1153 -49.74 11.53 28.70
C LYS A 1153 -50.78 12.40 28.02
N SER A 1154 -50.53 13.73 27.94
CA SER A 1154 -51.41 14.67 27.25
C SER A 1154 -51.12 14.74 25.77
N LYS A 1155 -49.99 14.14 25.32
CA LYS A 1155 -49.53 14.12 23.94
C LYS A 1155 -49.27 15.50 23.32
N LYS A 1156 -48.40 16.29 23.97
CA LYS A 1156 -48.09 17.67 23.59
C LYS A 1156 -47.08 17.75 22.44
N LEU A 1157 -47.33 18.59 21.43
CA LEU A 1157 -46.45 18.76 20.28
C LEU A 1157 -45.14 19.46 20.63
N LYS A 1158 -43.99 18.85 20.30
CA LYS A 1158 -42.68 19.46 20.49
C LYS A 1158 -42.41 20.66 19.60
N SER A 1159 -43.03 21.84 19.87
CA SER A 1159 -42.89 23.02 19.02
C SER A 1159 -41.59 23.79 19.26
N VAL A 1160 -40.47 23.10 19.00
CA VAL A 1160 -39.12 23.56 19.19
C VAL A 1160 -38.29 22.87 18.11
N LYS A 1161 -37.25 23.54 17.57
CA LYS A 1161 -36.34 22.94 16.61
C LYS A 1161 -35.48 21.81 17.16
N GLU A 1162 -35.49 20.64 16.51
CA GLU A 1162 -34.70 19.49 16.91
C GLU A 1162 -33.85 18.98 15.75
N LEU A 1163 -32.78 18.24 16.08
CA LEU A 1163 -31.80 17.71 15.15
C LEU A 1163 -32.26 16.40 14.50
N LEU A 1164 -32.36 16.37 13.16
CA LEU A 1164 -32.72 15.17 12.43
C LEU A 1164 -31.56 14.76 11.55
N GLY A 1165 -30.96 13.58 11.83
CA GLY A 1165 -29.85 13.03 11.05
C GLY A 1165 -30.26 12.57 9.67
N ILE A 1166 -29.57 13.05 8.63
CA ILE A 1166 -29.79 12.66 7.26
C ILE A 1166 -28.73 11.63 6.88
N THR A 1167 -29.15 10.36 6.72
CA THR A 1167 -28.26 9.28 6.30
C THR A 1167 -27.90 9.35 4.83
N ILE A 1168 -26.74 8.81 4.44
CA ILE A 1168 -26.34 8.69 3.03
C ILE A 1168 -27.42 7.96 2.20
N MET A 1169 -28.05 6.94 2.81
CA MET A 1169 -29.20 6.23 2.29
C MET A 1169 -30.45 7.08 2.03
N GLU A 1170 -30.97 7.83 3.04
CA GLU A 1170 -32.20 8.60 2.88
C GLU A 1170 -32.00 9.93 2.18
N ARG A 1171 -30.74 10.45 2.15
CA ARG A 1171 -30.35 11.68 1.48
C ARG A 1171 -30.76 11.67 0.02
N SER A 1172 -30.62 10.49 -0.63
CA SER A 1172 -30.95 10.23 -2.02
C SER A 1172 -32.36 10.66 -2.44
N SER A 1173 -33.34 10.59 -1.51
CA SER A 1173 -34.68 11.15 -1.77
C SER A 1173 -34.93 12.46 -1.06
N PHE A 1174 -34.26 12.76 0.08
CA PHE A 1174 -34.41 14.01 0.80
C PHE A 1174 -34.08 15.27 -0.02
N GLU A 1175 -32.93 15.28 -0.72
CA GLU A 1175 -32.53 16.40 -1.53
C GLU A 1175 -33.49 16.69 -2.70
N LYS A 1176 -34.07 15.62 -3.30
CA LYS A 1176 -35.08 15.71 -4.34
C LYS A 1176 -36.46 16.14 -3.88
N ASN A 1177 -36.93 15.65 -2.71
CA ASN A 1177 -38.21 16.04 -2.14
C ASN A 1177 -38.14 16.02 -0.60
N PRO A 1178 -37.83 17.12 0.11
CA PRO A 1178 -37.68 17.09 1.56
C PRO A 1178 -39.02 17.00 2.28
N ILE A 1179 -40.14 17.35 1.62
CA ILE A 1179 -41.47 17.40 2.23
C ILE A 1179 -41.99 16.04 2.71
N ASP A 1180 -42.03 15.02 1.82
CA ASP A 1180 -42.44 13.67 2.16
C ASP A 1180 -41.52 13.02 3.21
N PHE A 1181 -40.20 13.26 3.13
CA PHE A 1181 -39.22 12.84 4.10
C PHE A 1181 -39.49 13.37 5.51
N LEU A 1182 -39.65 14.71 5.65
CA LEU A 1182 -39.94 15.35 6.92
C LEU A 1182 -41.27 14.93 7.53
N GLU A 1183 -42.32 14.74 6.71
CA GLU A 1183 -43.59 14.18 7.15
C GLU A 1183 -43.51 12.76 7.70
N ALA A 1184 -42.73 11.88 7.05
CA ALA A 1184 -42.45 10.53 7.51
C ALA A 1184 -41.66 10.45 8.82
N LYS A 1185 -40.72 11.39 9.05
CA LYS A 1185 -39.91 11.43 10.26
C LYS A 1185 -40.56 12.11 11.48
N GLY A 1186 -41.71 12.80 11.31
CA GLY A 1186 -42.39 13.52 12.40
C GLY A 1186 -42.16 15.00 12.42
N TYR A 1187 -41.99 15.63 11.25
CA TYR A 1187 -41.73 17.04 11.07
C TYR A 1187 -42.65 17.56 9.96
N LYS A 1188 -43.94 17.14 10.04
CA LYS A 1188 -44.98 17.37 9.04
C LYS A 1188 -45.28 18.82 8.66
N GLU A 1189 -45.60 19.68 9.64
CA GLU A 1189 -45.86 21.09 9.41
C GLU A 1189 -44.54 21.87 9.46
N VAL A 1190 -44.05 22.31 8.29
CA VAL A 1190 -42.79 23.02 8.17
C VAL A 1190 -42.83 23.85 6.89
N LYS A 1191 -42.16 25.03 6.87
CA LYS A 1191 -42.04 25.86 5.69
C LYS A 1191 -40.58 25.94 5.28
N LYS A 1192 -40.31 26.17 3.98
CA LYS A 1192 -38.97 26.29 3.41
C LYS A 1192 -37.99 27.16 4.18
N ASP A 1193 -38.41 28.38 4.57
CA ASP A 1193 -37.59 29.34 5.27
C ASP A 1193 -37.35 28.98 6.75
N LEU A 1194 -37.96 27.87 7.24
CA LEU A 1194 -37.75 27.39 8.60
C LEU A 1194 -36.75 26.24 8.64
N ILE A 1195 -36.30 25.71 7.49
CA ILE A 1195 -35.44 24.55 7.41
C ILE A 1195 -33.98 24.97 7.29
N ILE A 1196 -33.15 24.66 8.31
CA ILE A 1196 -31.74 25.02 8.34
C ILE A 1196 -30.92 23.74 8.30
N LYS A 1197 -30.10 23.55 7.26
CA LYS A 1197 -29.23 22.39 7.14
C LYS A 1197 -27.91 22.57 7.90
N LEU A 1198 -27.46 21.50 8.58
CA LEU A 1198 -26.28 21.49 9.41
C LEU A 1198 -25.26 20.51 8.83
N PRO A 1199 -24.25 20.95 8.06
CA PRO A 1199 -23.17 20.10 7.56
C PRO A 1199 -22.19 19.61 8.61
N LYS A 1200 -21.36 18.61 8.24
CA LYS A 1200 -20.35 17.98 9.06
C LYS A 1200 -19.35 19.02 9.60
N TYR A 1201 -19.14 19.02 10.93
CA TYR A 1201 -18.30 20.00 11.63
C TYR A 1201 -18.87 21.43 11.66
N SER A 1202 -20.22 21.56 11.68
CA SER A 1202 -20.91 22.83 11.94
C SER A 1202 -20.58 23.41 13.30
N LEU A 1203 -20.43 24.75 13.42
CA LEU A 1203 -19.94 25.38 14.62
C LEU A 1203 -21.05 26.13 15.35
N PHE A 1204 -20.95 26.23 16.68
CA PHE A 1204 -21.87 26.99 17.51
C PHE A 1204 -21.06 27.86 18.46
N GLU A 1205 -21.48 29.12 18.68
CA GLU A 1205 -20.94 29.97 19.71
C GLU A 1205 -22.04 30.36 20.67
N LEU A 1206 -21.84 30.07 21.97
CA LEU A 1206 -22.80 30.34 23.00
C LEU A 1206 -22.63 31.75 23.55
N GLU A 1207 -23.75 32.46 23.79
CA GLU A 1207 -23.78 33.80 24.35
C GLU A 1207 -23.27 33.84 25.80
N ASN A 1208 -23.17 32.66 26.44
CA ASN A 1208 -22.62 32.49 27.77
C ASN A 1208 -21.08 32.39 27.75
N GLY A 1209 -20.45 32.57 26.58
CA GLY A 1209 -18.99 32.57 26.42
C GLY A 1209 -18.35 31.23 26.18
N ARG A 1210 -18.95 30.38 25.32
CA ARG A 1210 -18.44 29.05 25.05
C ARG A 1210 -18.53 28.78 23.55
N LYS A 1211 -17.68 27.87 23.01
CA LYS A 1211 -17.71 27.51 21.60
C LYS A 1211 -17.73 25.99 21.46
N ARG A 1212 -18.58 25.46 20.57
CA ARG A 1212 -18.88 24.05 20.43
C ARG A 1212 -18.94 23.68 18.95
N MET A 1213 -18.86 22.38 18.62
CA MET A 1213 -18.90 21.91 17.25
C MET A 1213 -19.81 20.69 17.11
N LEU A 1214 -20.44 20.49 15.94
CA LEU A 1214 -21.29 19.35 15.63
C LEU A 1214 -20.51 18.20 15.00
N ALA A 1215 -20.73 16.96 15.48
CA ALA A 1215 -20.16 15.77 14.89
C ALA A 1215 -20.88 15.39 13.58
N SER A 1216 -22.06 14.74 13.68
CA SER A 1216 -22.78 14.24 12.51
C SER A 1216 -24.29 14.24 12.70
N ALA A 1217 -24.86 13.31 13.49
CA ALA A 1217 -26.29 13.17 13.68
C ALA A 1217 -26.86 14.02 14.82
N GLY A 1218 -25.99 14.75 15.57
CA GLY A 1218 -26.40 15.59 16.69
C GLY A 1218 -25.46 15.54 17.87
N GLU A 1219 -24.46 14.63 17.84
CA GLU A 1219 -23.43 14.49 18.85
C GLU A 1219 -22.54 15.73 19.02
N LEU A 1220 -22.13 16.02 20.27
CA LEU A 1220 -21.43 17.24 20.61
C LEU A 1220 -19.92 17.07 20.62
N GLN A 1221 -19.21 17.93 19.86
CA GLN A 1221 -17.76 18.02 19.85
C GLN A 1221 -17.28 19.23 20.62
N LYS A 1222 -16.05 19.12 21.17
CA LYS A 1222 -15.44 20.10 22.05
C LYS A 1222 -15.43 21.55 21.57
N GLY A 1223 -14.77 21.85 20.42
CA GLY A 1223 -14.54 23.20 19.92
C GLY A 1223 -13.71 24.08 20.85
N ASN A 1224 -13.71 25.41 20.58
CA ASN A 1224 -13.07 26.43 21.40
C ASN A 1224 -11.53 26.35 21.33
N GLU A 1225 -10.91 27.35 20.71
CA GLU A 1225 -9.47 27.49 20.62
C GLU A 1225 -8.79 27.78 21.97
N LEU A 1226 -7.48 27.48 22.09
CA LEU A 1226 -6.75 27.61 23.33
C LEU A 1226 -5.95 28.91 23.34
N ALA A 1227 -6.28 29.82 24.26
CA ALA A 1227 -5.47 30.99 24.57
C ALA A 1227 -4.64 30.70 25.81
N LEU A 1228 -3.31 30.57 25.65
CA LEU A 1228 -2.42 30.15 26.71
C LEU A 1228 -1.02 30.76 26.53
N PRO A 1229 -0.37 31.37 27.52
CA PRO A 1229 0.97 31.93 27.43
C PRO A 1229 2.09 31.01 26.96
N SER A 1230 3.03 31.52 26.13
CA SER A 1230 4.09 30.72 25.52
C SER A 1230 5.13 30.19 26.50
N LYS A 1231 5.23 30.79 27.70
CA LYS A 1231 6.18 30.41 28.74
C LYS A 1231 6.05 28.99 29.30
N TYR A 1232 4.90 28.32 29.07
CA TYR A 1232 4.63 26.95 29.49
C TYR A 1232 5.13 25.90 28.50
N VAL A 1233 5.03 26.20 27.19
CA VAL A 1233 5.40 25.33 26.08
C VAL A 1233 6.90 25.09 26.01
N ASN A 1234 7.71 26.16 26.09
CA ASN A 1234 9.16 26.10 26.07
C ASN A 1234 9.76 25.34 27.25
N PHE A 1235 9.20 25.53 28.46
CA PHE A 1235 9.66 24.86 29.68
C PHE A 1235 9.60 23.34 29.64
N LEU A 1236 8.43 22.74 29.33
CA LEU A 1236 8.26 21.30 29.31
C LEU A 1236 9.13 20.54 28.31
N TYR A 1237 9.30 21.10 27.09
CA TYR A 1237 10.22 20.55 26.10
C TYR A 1237 11.67 20.50 26.59
N LEU A 1238 12.20 21.64 27.06
CA LEU A 1238 13.55 21.77 27.56
C LEU A 1238 13.83 21.04 28.87
N ALA A 1239 12.83 20.93 29.76
CA ALA A 1239 12.93 20.23 31.02
C ALA A 1239 13.28 18.74 30.85
N SER A 1240 12.56 18.05 29.92
CA SER A 1240 12.91 16.71 29.48
C SER A 1240 14.25 16.62 28.76
N HIS A 1241 14.54 17.57 27.84
CA HIS A 1241 15.82 17.61 27.12
C HIS A 1241 17.05 17.68 28.04
N TYR A 1242 17.04 18.56 29.06
CA TYR A 1242 18.19 18.81 29.91
C TYR A 1242 18.24 17.93 31.17
N GLU A 1243 17.52 16.79 31.17
CA GLU A 1243 17.60 15.78 32.23
C GLU A 1243 18.97 15.11 32.37
N LYS A 1244 19.57 14.68 31.22
CA LYS A 1244 20.88 14.03 31.19
C LYS A 1244 21.86 14.77 30.28
N LEU A 1245 21.54 16.01 29.87
CA LEU A 1245 22.37 16.82 28.99
C LEU A 1245 22.75 18.12 29.68
N LYS A 1246 24.02 18.57 29.53
CA LYS A 1246 24.50 19.82 30.10
C LYS A 1246 24.84 20.82 29.00
N GLY A 1247 24.55 22.11 29.21
CA GLY A 1247 24.76 23.22 28.26
C GLY A 1247 26.16 23.78 28.13
N SER A 1248 26.34 24.80 27.27
CA SER A 1248 27.64 25.43 27.04
C SER A 1248 27.55 26.81 26.40
N PRO A 1249 27.02 27.07 25.18
CA PRO A 1249 26.80 28.43 24.67
C PRO A 1249 25.71 29.22 25.41
N GLU A 1250 25.78 30.56 25.32
CA GLU A 1250 24.92 31.51 26.01
C GLU A 1250 23.44 31.12 26.11
N ASP A 1251 22.81 30.74 24.99
CA ASP A 1251 21.40 30.36 24.97
C ASP A 1251 21.13 29.05 25.74
N ASN A 1252 21.92 27.99 25.48
CA ASN A 1252 21.78 26.69 26.14
C ASN A 1252 22.06 26.74 27.64
N GLU A 1253 23.03 27.57 28.07
CA GLU A 1253 23.30 27.84 29.47
C GLU A 1253 22.10 28.43 30.21
N GLN A 1254 21.49 29.49 29.64
CA GLN A 1254 20.27 30.07 30.16
C GLN A 1254 19.03 29.18 30.11
N LYS A 1255 18.91 28.29 29.10
CA LYS A 1255 17.82 27.32 29.04
C LYS A 1255 17.85 26.27 30.15
N GLN A 1256 19.04 25.70 30.44
CA GLN A 1256 19.25 24.83 31.58
C GLN A 1256 19.00 25.48 32.94
N LEU A 1257 19.56 26.68 33.17
CA LEU A 1257 19.30 27.46 34.37
C LEU A 1257 17.85 27.88 34.53
N PHE A 1258 17.14 28.23 33.43
CA PHE A 1258 15.72 28.48 33.40
C PHE A 1258 14.86 27.32 33.92
N VAL A 1259 15.07 26.08 33.42
CA VAL A 1259 14.38 24.90 33.93
C VAL A 1259 14.70 24.61 35.42
N GLU A 1260 15.98 24.70 35.82
CA GLU A 1260 16.42 24.47 37.19
C GLU A 1260 15.89 25.46 38.23
N GLN A 1261 15.85 26.77 37.89
CA GLN A 1261 15.37 27.82 38.76
C GLN A 1261 13.86 28.02 38.80
N HIS A 1262 13.17 27.71 37.69
CA HIS A 1262 11.73 27.93 37.56
C HIS A 1262 10.97 26.61 37.40
N LYS A 1263 10.76 25.88 38.51
CA LYS A 1263 10.00 24.64 38.50
C LYS A 1263 8.54 24.84 38.94
N HIS A 1264 8.12 26.11 39.10
CA HIS A 1264 6.78 26.49 39.52
C HIS A 1264 5.76 26.41 38.38
N TYR A 1265 6.22 26.23 37.13
CA TYR A 1265 5.37 26.21 35.96
C TYR A 1265 4.35 25.08 35.93
N LEU A 1266 4.69 23.87 36.45
CA LEU A 1266 3.77 22.75 36.55
C LEU A 1266 2.54 23.05 37.42
N ASP A 1267 2.73 23.82 38.52
CA ASP A 1267 1.67 24.34 39.34
C ASP A 1267 0.81 25.41 38.65
N GLU A 1268 1.41 26.33 37.87
CA GLU A 1268 0.64 27.28 37.06
C GLU A 1268 -0.14 26.63 35.90
N ILE A 1269 0.40 25.57 35.28
CA ILE A 1269 -0.24 24.77 34.24
C ILE A 1269 -1.53 24.09 34.68
N ILE A 1270 -1.53 23.39 35.85
CA ILE A 1270 -2.76 22.82 36.41
C ILE A 1270 -3.80 23.88 36.79
N GLU A 1271 -3.35 25.09 37.22
CA GLU A 1271 -4.22 26.24 37.41
C GLU A 1271 -4.87 26.78 36.13
N GLN A 1272 -4.12 26.87 35.00
CA GLN A 1272 -4.69 27.24 33.70
C GLN A 1272 -5.71 26.22 33.18
N ILE A 1273 -5.40 24.92 33.32
CA ILE A 1273 -6.28 23.81 32.99
C ILE A 1273 -7.61 23.86 33.76
N SER A 1274 -7.58 24.23 35.07
CA SER A 1274 -8.79 24.35 35.88
C SER A 1274 -9.70 25.50 35.43
N GLU A 1275 -9.19 26.40 34.58
CA GLU A 1275 -9.96 27.51 34.05
C GLU A 1275 -10.47 27.21 32.64
N PHE A 1276 -10.04 26.08 32.02
CA PHE A 1276 -10.48 25.68 30.70
C PHE A 1276 -11.59 24.62 30.82
N SER A 1277 -11.58 23.82 31.90
CA SER A 1277 -12.64 22.87 32.28
C SER A 1277 -13.99 23.54 32.40
N LYS A 1278 -13.97 24.78 32.93
CA LYS A 1278 -15.09 25.66 33.13
C LYS A 1278 -15.74 26.13 31.83
N ARG A 1279 -14.98 26.10 30.71
CA ARG A 1279 -15.46 26.53 29.41
C ARG A 1279 -15.95 25.35 28.56
N VAL A 1280 -15.75 24.10 29.03
CA VAL A 1280 -16.07 22.89 28.29
C VAL A 1280 -17.06 22.05 29.09
N ILE A 1281 -16.60 21.42 30.20
CA ILE A 1281 -17.39 20.55 31.05
C ILE A 1281 -18.24 21.22 32.13
N LEU A 1282 -17.84 22.45 32.50
CA LEU A 1282 -18.28 23.25 33.65
C LEU A 1282 -17.57 22.83 34.94
N ALA A 1283 -17.93 21.66 35.48
CA ALA A 1283 -17.26 21.07 36.63
C ALA A 1283 -15.83 20.61 36.35
N ASP A 1284 -14.91 20.75 37.34
CA ASP A 1284 -13.53 20.30 37.25
C ASP A 1284 -13.42 18.77 37.22
N ALA A 1285 -14.37 18.08 37.90
CA ALA A 1285 -14.48 16.62 37.97
C ALA A 1285 -13.09 16.03 38.28
N ASN A 1286 -12.37 15.53 37.25
CA ASN A 1286 -11.13 14.79 37.42
C ASN A 1286 -9.87 15.60 37.64
N LEU A 1287 -9.92 16.94 37.62
CA LEU A 1287 -8.73 17.74 37.86
C LEU A 1287 -8.29 17.73 39.31
N ASP A 1288 -9.19 17.36 40.26
CA ASP A 1288 -8.83 17.04 41.63
C ASP A 1288 -7.97 15.78 41.73
N LYS A 1289 -8.25 14.75 40.90
CA LYS A 1289 -7.41 13.55 40.76
C LYS A 1289 -6.05 13.87 40.14
N VAL A 1290 -6.02 14.71 39.09
CA VAL A 1290 -4.81 15.16 38.43
C VAL A 1290 -3.92 16.03 39.33
N LEU A 1291 -4.49 17.01 40.06
CA LEU A 1291 -3.79 17.81 41.05
C LEU A 1291 -3.20 16.95 42.18
N SER A 1292 -3.98 15.99 42.71
CA SER A 1292 -3.50 15.00 43.67
C SER A 1292 -2.31 14.19 43.16
N ALA A 1293 -2.39 13.71 41.89
CA ALA A 1293 -1.30 13.04 41.21
C ALA A 1293 -0.05 13.91 40.99
N TYR A 1294 -0.23 15.20 40.66
CA TYR A 1294 0.84 16.18 40.52
C TYR A 1294 1.59 16.47 41.82
N ASN A 1295 0.90 16.49 42.98
CA ASN A 1295 1.53 16.56 44.29
C ASN A 1295 2.19 15.23 44.72
N LYS A 1296 1.61 14.08 44.31
CA LYS A 1296 2.11 12.75 44.57
C LYS A 1296 3.40 12.36 43.84
N HIS A 1297 3.50 12.63 42.53
CA HIS A 1297 4.60 12.20 41.69
C HIS A 1297 5.71 13.24 41.50
N ARG A 1298 5.91 14.18 42.43
CA ARG A 1298 6.98 15.16 42.34
C ARG A 1298 8.40 14.58 42.48
N ASP A 1299 8.52 13.35 43.02
CA ASP A 1299 9.80 12.69 43.19
C ASP A 1299 10.10 11.73 42.02
N LYS A 1300 9.26 11.72 40.96
CA LYS A 1300 9.43 10.87 39.78
C LYS A 1300 10.22 11.56 38.65
N PRO A 1301 10.85 10.84 37.70
CA PRO A 1301 11.66 11.41 36.62
C PRO A 1301 11.01 12.49 35.77
N ILE A 1302 11.71 13.62 35.50
CA ILE A 1302 11.21 14.74 34.73
C ILE A 1302 10.83 14.36 33.30
N ARG A 1303 11.72 13.66 32.58
CA ARG A 1303 11.43 13.10 31.27
C ARG A 1303 10.22 12.19 31.21
N GLU A 1304 10.18 11.08 31.98
CA GLU A 1304 9.06 10.13 31.92
C GLU A 1304 7.68 10.74 32.18
N GLN A 1305 7.59 11.79 33.02
CA GLN A 1305 6.38 12.58 33.15
C GLN A 1305 6.07 13.48 31.94
N ALA A 1306 7.11 14.11 31.36
CA ALA A 1306 7.01 14.93 30.17
C ALA A 1306 6.75 14.14 28.87
N GLU A 1307 7.05 12.83 28.83
CA GLU A 1307 6.78 11.93 27.72
C GLU A 1307 5.29 11.73 27.44
N ASN A 1308 4.43 11.73 28.47
CA ASN A 1308 2.99 11.56 28.31
C ASN A 1308 2.19 12.87 28.49
N ILE A 1309 2.83 13.98 28.93
CA ILE A 1309 2.13 15.24 29.20
C ILE A 1309 1.55 15.88 27.93
N ILE A 1310 2.13 15.53 26.76
CA ILE A 1310 1.69 15.90 25.43
C ILE A 1310 0.21 15.62 25.14
N HIS A 1311 -0.43 14.74 25.93
CA HIS A 1311 -1.83 14.39 25.75
C HIS A 1311 -2.78 15.44 26.34
N LEU A 1312 -2.24 16.39 27.15
CA LEU A 1312 -3.00 17.49 27.71
C LEU A 1312 -3.04 18.70 26.79
N PHE A 1313 -2.34 18.64 25.63
CA PHE A 1313 -2.31 19.71 24.64
C PHE A 1313 -3.41 19.51 23.59
N THR A 1314 -4.31 18.55 23.85
CA THR A 1314 -5.57 18.33 23.12
C THR A 1314 -6.50 19.52 23.22
N LEU A 1315 -6.26 20.43 24.19
CA LEU A 1315 -6.95 21.70 24.37
C LEU A 1315 -6.88 22.60 23.12
N THR A 1316 -5.79 22.51 22.33
CA THR A 1316 -5.63 23.21 21.06
C THR A 1316 -6.50 22.68 19.91
N ASN A 1317 -6.82 21.38 19.95
CA ASN A 1317 -7.66 20.68 18.99
C ASN A 1317 -9.17 20.96 19.21
N LEU A 1318 -9.99 20.88 18.14
CA LEU A 1318 -11.43 21.12 18.22
C LEU A 1318 -12.20 19.86 18.63
N GLY A 1319 -11.52 18.69 18.64
CA GLY A 1319 -12.03 17.42 19.12
C GLY A 1319 -11.04 16.74 20.04
N ALA A 1320 -10.90 15.42 19.91
CA ALA A 1320 -9.94 14.60 20.63
C ALA A 1320 -9.98 14.63 22.18
N PRO A 1321 -11.11 14.35 22.84
CA PRO A 1321 -11.16 14.30 24.31
C PRO A 1321 -10.47 13.03 24.82
N ALA A 1322 -9.14 12.97 24.70
CA ALA A 1322 -8.29 11.84 24.97
C ALA A 1322 -8.16 11.40 26.44
N ALA A 1323 -8.04 10.08 26.65
CA ALA A 1323 -7.73 9.46 27.92
C ALA A 1323 -6.40 8.73 27.80
N PHE A 1324 -5.53 8.82 28.82
CA PHE A 1324 -4.19 8.26 28.71
C PHE A 1324 -3.61 7.94 30.08
N LYS A 1325 -2.50 7.17 30.10
CA LYS A 1325 -1.73 6.86 31.28
C LYS A 1325 -0.63 7.90 31.49
N TYR A 1326 -0.58 8.55 32.67
CA TYR A 1326 0.40 9.59 32.97
C TYR A 1326 1.69 8.93 33.48
N PHE A 1327 1.71 8.50 34.76
CA PHE A 1327 2.85 7.80 35.33
C PHE A 1327 2.32 6.50 35.92
N ASP A 1328 1.77 6.51 37.16
CA ASP A 1328 1.09 5.36 37.74
C ASP A 1328 -0.44 5.57 37.76
N THR A 1329 -0.91 6.69 37.17
CA THR A 1329 -2.32 7.08 37.15
C THR A 1329 -2.83 7.08 35.72
N THR A 1330 -3.96 6.40 35.45
CA THR A 1330 -4.60 6.39 34.13
C THR A 1330 -5.90 7.16 34.23
N ILE A 1331 -6.09 8.17 33.36
CA ILE A 1331 -7.25 9.06 33.36
C ILE A 1331 -8.49 8.52 32.65
N ASP A 1332 -9.68 8.79 33.24
CA ASP A 1332 -11.00 8.38 32.76
C ASP A 1332 -11.39 8.90 31.37
N ARG A 1333 -12.12 8.07 30.59
CA ARG A 1333 -12.54 8.38 29.23
C ARG A 1333 -13.96 8.95 29.22
N LYS A 1334 -14.16 10.13 28.61
CA LYS A 1334 -15.47 10.77 28.57
C LYS A 1334 -15.81 11.26 27.16
N ARG A 1335 -17.11 11.46 26.89
CA ARG A 1335 -17.60 12.00 25.62
C ARG A 1335 -18.82 12.86 25.84
N TYR A 1336 -19.14 13.76 24.88
CA TYR A 1336 -20.16 14.78 25.06
C TYR A 1336 -21.43 14.50 24.26
N THR A 1337 -22.54 14.16 24.96
CA THR A 1337 -23.82 13.82 24.33
C THR A 1337 -24.52 15.01 23.66
N SER A 1338 -24.71 16.12 24.40
CA SER A 1338 -25.41 17.30 23.88
C SER A 1338 -25.25 18.49 24.81
N THR A 1339 -25.64 19.70 24.34
CA THR A 1339 -25.59 20.93 25.13
C THR A 1339 -26.96 21.22 25.70
N LYS A 1340 -27.10 21.26 27.05
CA LYS A 1340 -28.33 21.62 27.73
C LYS A 1340 -28.83 23.03 27.44
N GLU A 1341 -27.92 24.02 27.42
CA GLU A 1341 -28.19 25.42 27.15
C GLU A 1341 -28.39 25.71 25.65
N VAL A 1342 -29.47 25.16 25.06
CA VAL A 1342 -29.81 25.24 23.64
C VAL A 1342 -30.08 26.65 23.14
N LEU A 1343 -30.90 27.43 23.86
CA LEU A 1343 -31.32 28.76 23.43
C LEU A 1343 -30.21 29.80 23.43
N ASP A 1344 -29.07 29.50 24.09
CA ASP A 1344 -27.93 30.40 24.18
C ASP A 1344 -26.90 30.15 23.06
N ALA A 1345 -27.02 29.03 22.32
CA ALA A 1345 -26.10 28.68 21.25
C ALA A 1345 -26.48 29.28 19.89
N THR A 1346 -25.52 29.98 19.25
CA THR A 1346 -25.72 30.62 17.95
C THR A 1346 -25.03 29.81 16.88
N LEU A 1347 -25.79 29.41 15.84
CA LEU A 1347 -25.31 28.62 14.73
C LEU A 1347 -24.40 29.38 13.75
N ILE A 1348 -23.21 28.82 13.47
CA ILE A 1348 -22.15 29.41 12.68
C ILE A 1348 -21.92 28.61 11.41
N HIS A 1349 -21.91 29.30 10.25
CA HIS A 1349 -21.48 28.73 8.99
C HIS A 1349 -20.33 29.53 8.41
N GLN A 1350 -19.11 28.97 8.42
CA GLN A 1350 -17.92 29.59 7.87
C GLN A 1350 -17.56 28.99 6.53
N SER A 1351 -16.87 29.78 5.67
CA SER A 1351 -16.20 29.29 4.47
C SER A 1351 -15.00 28.39 4.77
N ILE A 1352 -14.77 27.33 3.95
CA ILE A 1352 -13.63 26.42 4.06
C ILE A 1352 -12.30 27.15 3.95
N THR A 1353 -12.28 28.28 3.21
CA THR A 1353 -11.09 29.09 2.96
C THR A 1353 -10.77 29.93 4.19
N GLY A 1354 -11.71 30.00 5.16
CA GLY A 1354 -11.60 30.75 6.40
C GLY A 1354 -11.86 32.22 6.30
N LEU A 1355 -12.63 32.66 5.30
CA LEU A 1355 -12.88 34.08 5.07
C LEU A 1355 -14.15 34.56 5.78
N TYR A 1356 -15.31 34.56 5.09
CA TYR A 1356 -16.61 35.00 5.61
C TYR A 1356 -17.39 34.02 6.49
N GLU A 1357 -18.22 34.57 7.40
CA GLU A 1357 -18.93 33.84 8.44
C GLU A 1357 -20.39 34.27 8.56
N THR A 1358 -21.32 33.30 8.57
CA THR A 1358 -22.76 33.53 8.61
C THR A 1358 -23.28 33.14 9.98
N ARG A 1359 -24.06 34.04 10.63
CA ARG A 1359 -24.75 33.76 11.89
C ARG A 1359 -26.24 33.66 11.68
N ILE A 1360 -26.83 32.52 12.08
CA ILE A 1360 -28.26 32.21 11.91
C ILE A 1360 -29.04 32.66 13.14
N ASP A 1361 -30.22 33.29 12.91
CA ASP A 1361 -31.13 33.80 13.91
C ASP A 1361 -31.69 32.77 14.93
N LEU A 1362 -31.97 33.23 16.15
CA LEU A 1362 -32.43 32.42 17.27
C LEU A 1362 -33.95 32.51 17.45
N SER A 1363 -34.62 33.42 16.72
CA SER A 1363 -36.06 33.66 16.86
C SER A 1363 -36.92 32.50 16.37
N GLN A 1364 -36.35 31.58 15.58
CA GLN A 1364 -37.07 30.45 15.02
C GLN A 1364 -36.96 29.18 15.86
N LEU A 1365 -36.14 29.20 16.94
CA LEU A 1365 -35.87 28.04 17.78
C LEU A 1365 -37.09 27.45 18.49
N GLY A 1366 -38.05 28.29 18.93
CA GLY A 1366 -39.27 27.86 19.60
C GLY A 1366 -39.09 27.44 21.05
N GLY A 1367 -39.94 26.52 21.53
CA GLY A 1367 -39.97 26.03 22.91
C GLY A 1367 -41.26 26.37 23.61
N ASP A 1368 -41.90 25.35 24.22
CA ASP A 1368 -43.14 25.49 24.93
C ASP A 1368 -43.14 24.46 26.10
#